data_1I84
#
_entry.id   1I84
#
_cell.length_a   133.0
_cell.length_b   304.0
_cell.length_c   200.0
_cell.angle_alpha   90.00
_cell.angle_beta   90.00
_cell.angle_gamma   91.5
#
_symmetry.space_group_name_H-M   'P 1 1 2'
#
loop_
_entity.id
_entity.type
_entity.pdbx_description
1 polymer 'SMOOTH MUSCLE MYOSIN HEAVY CHAIN'
2 polymer 'SMOOTH MUSCLE MYOSIN ESSENTIAL LIGHT CHAIN'
3 polymer 'SMOOTH MUSCLE MYOSIN REGULATORY LIGHT CHAIN'
#
loop_
_entity_poly.entity_id
_entity_poly.type
_entity_poly.pdbx_seq_one_letter_code
_entity_poly.pdbx_strand_id
1 'polypeptide(L)'
;AQKPLSDDEKFLFVDKNFVNNPLAQADWSAKKLVWVPSEKHGFEAASIKEEKGDEVTVELQENGKKVTLSKDDIQKMNPP
KFSKVEDMAELTCLNEASVLHNLRERYFSGLIYTYSGLFCVVINPYKQLPIYSEKIIDMYKGKKRHEMPPHIYAIADTAY
RSMLQDREDQSILCTGESGAGKTENTKKVIQYLAVVASSHKGKKDTSITQGPSFSYGELEKQLLQANPILEAFGNAKTVK
NDNSSRFGKFIRINFDVTGYIVGANIETYLLEKSRAIRQAKDERTFHIFYYLIAGASEQMRNDLLLEGFNNYTFLSNGHV
PIPAQQDDEMFQETLEAMTIMGFTEEEQTSILRVVSSVLQLGNIVFKKERNTDQASMPDNTAAQKVCHLMGINVTDFTRS
ILTPRIKVGRDVVQKAQTKEQADFAIEALAKAKFERLFRWILTRVNKALDKTKRQGASFLGILDIAGFEIFEINSFEQLC
INYTNEKLQQLFNHTMFILEQEEYQREGIEWNFIDFGLDLQPCIELIERPTNPPGVLALLDEECWFPKATDTSFVEKLIQ
EQGNHAKFQKSKQLKDKTEFCILHYAGKVTYNASAWLTKNMDPLNDNVTSLLNQSSDKFVADLWKDVDRIVGLDQMAKMT
ESSLPSASKTKKGMFRTVGQLYKEQLTKLMTTLRNTNPNFVRCIIPNHEKRAGKLDAHLVLEQLRCNGVLEGIRICRQGF
PNRIVFQEFRQRYEILAANAIPKGFMDGKQACILMIKALELDPNLYRIGQSKIFFRTGVLAHLEEERDLKITDVIIAFQA
QCRGYLARKAFAKRQQQLESIFCIQYNVRSFMNV(MLY)HWPWM(MLY)LFF(MLY)I(MLY)PLLKVTRQEEEMQAKDE
ELQRTKERQQKAEAELKELEQKHTQLCEEKNLLQEKLQAETELYAEAEEMRVRLAAKKQELEEILHEMEARIEEEEERSQ
QLQAEKKKMQQQMLDLEEQLEEEEAARQKLQLEKVTADGKIKKMEDDILIMEDQNNKLTKERKLLEERVSDLTTNLAEEE
EKAKNLTKLKNKHESMISELEVRLKKEEKSRQELEKIKRKLEGESSDLHEQIAELQAQIAELKAQLAKKEEELQAALARL
EDETSQKNNALKKIRELESHISDLQEDLESEKAARNKAEKQKRDLSEELEALKTELEDTLDTTATQQELRGSDYKDDDDK
;
S,V
2 'polypeptide(L)'
;CDFSEEQTAEFKEAFQLFDRTGDGKILYSQCGDVMRALGQNPTNAEVMKVLGNPKSDEMNLKTLKFEQFLPMMQTIAKNK
DQGCFEDYVEGLRVFDKEGNGTVMGAEIRHVLVTLGEKMTEEEVEQLVAGHEDSNGCINYEELVRMVLSG
;
T,W
3 'polypeptide(L)'
;PKKAKRRAAEGSSNVFSMFDETEIEDFKEAFTVIDQNADGIIDKDDLRETFAAMGRLNVKNEELDAMIKEASGPINFTVF
LTMFGEKLKGADPEDVIMGAFKVLDPDGKGSIKKSFLEELLTTGGGRFTPEEIKNMWAAFPPDVAGNVDYKNICYVITHG
EDAEGE
;
U,Z
#
# COMPACT_ATOMS: atom_id res chain seq x y z
N ALA A 1 32.72 -43.14 17.91
CA ALA A 1 32.40 -43.67 16.56
C ALA A 1 31.95 -42.51 15.68
N GLN A 2 32.67 -41.40 15.78
CA GLN A 2 32.30 -40.21 15.03
C GLN A 2 33.26 -39.70 13.96
N LYS A 3 32.74 -38.78 13.17
CA LYS A 3 33.47 -38.15 12.08
C LYS A 3 34.88 -37.81 12.51
N PRO A 4 35.73 -37.40 11.56
CA PRO A 4 37.11 -37.05 11.89
C PRO A 4 37.27 -35.53 11.98
N LEU A 5 38.15 -35.07 12.85
CA LEU A 5 38.33 -33.63 13.00
C LEU A 5 39.59 -33.00 12.43
N SER A 6 39.40 -31.95 11.63
CA SER A 6 40.51 -31.22 11.05
C SER A 6 41.33 -30.65 12.19
N ASP A 7 42.63 -30.59 11.98
CA ASP A 7 43.56 -30.06 12.97
C ASP A 7 43.01 -28.81 13.65
N ASP A 8 42.24 -28.04 12.90
CA ASP A 8 41.64 -26.81 13.42
C ASP A 8 40.46 -27.09 14.32
N GLU A 9 39.52 -27.88 13.82
CA GLU A 9 38.34 -28.21 14.60
C GLU A 9 38.71 -28.76 15.96
N LYS A 10 39.95 -29.20 16.06
CA LYS A 10 40.45 -29.78 17.29
C LYS A 10 40.68 -28.69 18.32
N PHE A 11 40.37 -27.47 17.91
CA PHE A 11 40.54 -26.30 18.77
C PHE A 11 39.23 -25.81 19.37
N LEU A 12 38.15 -26.40 18.95
CA LEU A 12 36.83 -26.07 19.49
C LEU A 12 36.04 -27.35 19.69
N PHE A 13 36.58 -28.42 19.15
CA PHE A 13 35.96 -29.75 19.23
C PHE A 13 36.84 -30.70 20.04
N VAL A 14 36.18 -31.56 20.78
CA VAL A 14 36.85 -32.55 21.63
C VAL A 14 37.15 -33.82 20.82
N ASP A 15 38.35 -34.30 21.00
CA ASP A 15 38.82 -35.53 20.35
C ASP A 15 38.34 -36.72 21.14
N LYS A 16 37.36 -37.40 20.57
CA LYS A 16 36.71 -38.54 21.24
C LYS A 16 36.87 -39.86 20.48
N ASN A 17 37.29 -39.78 19.24
CA ASN A 17 37.45 -40.99 18.42
C ASN A 17 38.77 -41.68 18.77
N PHE A 18 38.63 -42.59 19.71
CA PHE A 18 39.72 -43.42 20.24
C PHE A 18 39.16 -44.79 20.67
N VAL A 19 40.04 -45.60 21.24
CA VAL A 19 39.69 -46.94 21.71
C VAL A 19 39.15 -46.87 23.14
N ASN A 20 38.25 -47.78 23.43
CA ASN A 20 37.62 -47.86 24.75
C ASN A 20 38.57 -48.55 25.75
N ASN A 21 39.77 -47.98 25.88
CA ASN A 21 40.78 -48.52 26.80
C ASN A 21 40.22 -48.74 28.21
N PRO A 22 40.45 -49.94 28.76
CA PRO A 22 40.00 -50.29 30.10
C PRO A 22 41.07 -50.04 31.13
N LEU A 23 42.13 -49.35 30.72
CA LEU A 23 43.23 -49.01 31.64
C LEU A 23 42.69 -48.13 32.76
N ALA A 24 42.02 -47.07 32.33
CA ALA A 24 41.38 -46.12 33.24
C ALA A 24 40.13 -46.75 33.84
N GLN A 25 39.43 -47.47 32.98
CA GLN A 25 38.19 -48.15 33.34
C GLN A 25 38.48 -49.30 34.31
N ALA A 26 39.75 -49.60 34.49
CA ALA A 26 40.16 -50.68 35.40
C ALA A 26 40.79 -50.07 36.65
N ASP A 27 41.55 -49.03 36.44
CA ASP A 27 42.25 -48.32 37.52
C ASP A 27 41.23 -47.80 38.55
N TRP A 28 39.99 -47.71 38.11
CA TRP A 28 38.87 -47.20 38.93
C TRP A 28 38.82 -47.88 40.31
N SER A 29 39.37 -49.08 40.37
CA SER A 29 39.39 -49.88 41.60
C SER A 29 40.10 -49.09 42.72
N ALA A 30 41.05 -48.27 42.31
CA ALA A 30 41.77 -47.40 43.23
C ALA A 30 40.81 -46.30 43.67
N LYS A 31 39.56 -46.73 43.78
CA LYS A 31 38.44 -45.87 44.15
C LYS A 31 38.89 -44.79 45.12
N LYS A 32 39.86 -45.14 45.95
CA LYS A 32 40.39 -44.23 46.96
C LYS A 32 41.01 -43.00 46.31
N LEU A 33 40.86 -42.87 44.99
CA LEU A 33 41.42 -41.74 44.26
C LEU A 33 40.67 -40.47 44.61
N VAL A 34 41.42 -39.46 45.04
CA VAL A 34 40.83 -38.19 45.43
C VAL A 34 41.68 -37.04 44.99
N TRP A 35 41.29 -35.84 45.40
CA TRP A 35 42.01 -34.64 45.04
C TRP A 35 42.56 -34.10 46.34
N VAL A 36 43.72 -33.45 46.28
CA VAL A 36 44.29 -32.88 47.49
C VAL A 36 45.27 -31.76 47.23
N PRO A 37 45.48 -30.91 48.23
CA PRO A 37 46.39 -29.76 48.20
C PRO A 37 47.60 -29.93 47.33
N SER A 38 48.21 -28.80 46.96
CA SER A 38 49.39 -28.78 46.13
C SER A 38 49.89 -27.35 45.96
N GLU A 39 51.02 -27.04 46.57
CA GLU A 39 51.57 -25.69 46.49
C GLU A 39 52.09 -25.41 45.08
N LYS A 40 51.77 -26.29 44.13
CA LYS A 40 52.22 -26.13 42.76
C LYS A 40 51.22 -26.58 41.71
N HIS A 41 50.16 -27.28 42.14
CA HIS A 41 49.12 -27.76 41.23
C HIS A 41 47.75 -27.38 41.74
N GLY A 42 47.73 -26.66 42.86
CA GLY A 42 46.47 -26.27 43.46
C GLY A 42 45.82 -27.48 44.10
N PHE A 43 45.84 -28.57 43.34
CA PHE A 43 45.30 -29.83 43.77
C PHE A 43 46.05 -30.87 42.95
N GLU A 44 46.00 -32.12 43.38
CA GLU A 44 46.69 -33.17 42.64
C GLU A 44 46.09 -34.54 42.94
N ALA A 45 46.27 -35.48 42.01
CA ALA A 45 45.75 -36.83 42.15
C ALA A 45 46.45 -37.67 43.20
N ALA A 46 45.69 -38.48 43.93
CA ALA A 46 46.23 -39.34 44.97
C ALA A 46 45.16 -40.31 45.40
N SER A 47 45.56 -41.36 46.10
CA SER A 47 44.59 -42.35 46.57
C SER A 47 44.66 -42.74 48.04
N ILE A 48 43.49 -42.77 48.65
CA ILE A 48 43.32 -43.10 50.06
C ILE A 48 44.06 -44.39 50.40
N LYS A 49 44.74 -44.37 51.54
CA LYS A 49 45.48 -45.52 52.05
C LYS A 49 44.85 -46.03 53.34
N GLU A 50 44.36 -45.11 54.17
CA GLU A 50 43.71 -45.48 55.43
C GLU A 50 42.89 -44.36 56.06
N GLU A 51 41.58 -44.59 56.18
CA GLU A 51 40.69 -43.61 56.78
C GLU A 51 40.76 -43.69 58.30
N LYS A 52 41.30 -42.64 58.92
CA LYS A 52 41.46 -42.60 60.37
C LYS A 52 40.70 -41.44 61.00
N GLY A 53 39.39 -41.60 61.15
CA GLY A 53 38.58 -40.54 61.73
C GLY A 53 38.72 -39.22 61.00
N ASP A 54 38.75 -38.13 61.76
CA ASP A 54 38.87 -36.79 61.19
C ASP A 54 40.03 -36.66 60.18
N GLU A 55 40.91 -37.66 60.15
CA GLU A 55 42.06 -37.67 59.25
C GLU A 55 42.11 -38.95 58.42
N VAL A 56 42.89 -38.92 57.33
CA VAL A 56 43.02 -40.07 56.44
C VAL A 56 44.38 -40.08 55.75
N THR A 57 44.96 -41.26 55.62
CA THR A 57 46.26 -41.45 54.99
C THR A 57 46.09 -41.68 53.49
N VAL A 58 46.91 -41.02 52.67
CA VAL A 58 46.81 -41.17 51.23
C VAL A 58 48.16 -41.11 50.54
N GLU A 59 48.28 -41.77 49.39
CA GLU A 59 49.53 -41.74 48.63
C GLU A 59 49.32 -41.09 47.25
N LEU A 60 50.14 -40.09 46.93
CA LEU A 60 50.02 -39.40 45.66
C LEU A 60 50.13 -40.34 44.48
N GLN A 61 49.07 -40.39 43.67
CA GLN A 61 49.07 -41.23 42.47
C GLN A 61 50.00 -40.53 41.48
N GLU A 62 50.87 -39.68 42.03
CA GLU A 62 51.83 -38.93 41.24
C GLU A 62 53.25 -39.24 41.68
N ASN A 63 53.67 -38.63 42.79
CA ASN A 63 55.02 -38.83 43.31
C ASN A 63 55.22 -40.15 44.05
N GLY A 64 54.21 -41.00 44.04
CA GLY A 64 54.31 -42.27 44.74
C GLY A 64 54.50 -42.04 46.23
N LYS A 65 54.57 -40.76 46.61
CA LYS A 65 54.75 -40.36 48.01
C LYS A 65 53.54 -40.72 48.86
N LYS A 66 53.77 -40.86 50.16
CA LYS A 66 52.70 -41.21 51.10
C LYS A 66 52.54 -40.18 52.22
N VAL A 67 51.48 -39.37 52.14
CA VAL A 67 51.18 -38.34 53.14
C VAL A 67 49.73 -38.42 53.61
N THR A 68 49.51 -38.11 54.89
CA THR A 68 48.18 -38.15 55.46
C THR A 68 47.65 -36.76 55.79
N LEU A 69 46.44 -36.48 55.33
CA LEU A 69 45.79 -35.20 55.56
C LEU A 69 44.41 -35.36 56.22
N SER A 70 43.88 -34.28 56.72
CA SER A 70 42.57 -34.31 57.36
C SER A 70 41.51 -34.91 56.44
N LYS A 71 40.56 -35.62 57.04
CA LYS A 71 39.49 -36.27 56.30
C LYS A 71 38.54 -35.21 55.74
N ASP A 72 39.07 -34.01 55.46
CA ASP A 72 38.28 -32.92 54.93
C ASP A 72 39.10 -32.05 54.02
N ASP A 73 40.30 -32.49 53.70
CA ASP A 73 41.17 -31.74 52.81
C ASP A 73 41.29 -32.49 51.49
N ILE A 74 40.55 -33.58 51.40
CA ILE A 74 40.51 -34.38 50.17
C ILE A 74 39.22 -34.07 49.41
N GLN A 75 39.26 -34.18 48.09
CA GLN A 75 38.10 -33.87 47.30
C GLN A 75 37.86 -34.93 46.25
N LYS A 76 36.62 -35.39 46.24
CA LYS A 76 36.15 -36.42 45.31
C LYS A 76 36.56 -36.13 43.87
N MET A 77 37.00 -37.18 43.19
CA MET A 77 37.44 -37.08 41.81
C MET A 77 36.29 -37.51 40.90
N ASN A 78 36.25 -36.93 39.72
CA ASN A 78 35.18 -37.27 38.76
C ASN A 78 35.67 -38.36 37.80
N PRO A 79 34.76 -39.24 37.35
CA PRO A 79 35.10 -40.38 36.52
C PRO A 79 35.80 -39.97 35.24
N PRO A 80 36.54 -40.92 34.61
CA PRO A 80 37.28 -40.66 33.38
C PRO A 80 36.36 -40.28 32.25
N LYS A 81 35.09 -40.57 32.44
CA LYS A 81 34.05 -40.32 31.42
C LYS A 81 33.71 -38.83 31.31
N PHE A 82 34.39 -38.04 32.13
CA PHE A 82 34.13 -36.60 32.18
C PHE A 82 35.28 -35.77 31.65
N SER A 83 36.36 -36.42 31.21
CA SER A 83 37.50 -35.64 30.74
C SER A 83 37.16 -34.60 29.69
N LYS A 84 37.59 -33.37 29.96
CA LYS A 84 37.39 -32.26 29.04
C LYS A 84 35.95 -31.97 28.72
N VAL A 85 35.07 -32.00 29.70
CA VAL A 85 33.64 -31.74 29.53
C VAL A 85 33.25 -30.37 28.95
N GLU A 86 32.06 -30.27 28.38
CA GLU A 86 31.58 -29.03 27.81
C GLU A 86 30.84 -28.13 28.81
N ASP A 87 30.05 -28.74 29.70
CA ASP A 87 29.27 -28.00 30.70
C ASP A 87 29.48 -28.49 32.12
N MET A 88 30.43 -27.90 32.84
CA MET A 88 30.75 -28.25 34.23
C MET A 88 29.54 -28.68 35.02
N ALA A 89 28.42 -28.04 34.73
CA ALA A 89 27.18 -28.37 35.39
C ALA A 89 26.81 -29.84 35.11
N GLU A 90 27.70 -30.58 34.47
CA GLU A 90 27.46 -32.00 34.14
C GLU A 90 28.21 -32.96 35.07
N LEU A 91 29.50 -32.74 35.21
CA LEU A 91 30.33 -33.62 36.08
C LEU A 91 29.60 -33.89 37.38
N THR A 92 29.51 -35.17 37.72
CA THR A 92 28.79 -35.63 38.91
C THR A 92 29.46 -35.21 40.20
N CYS A 93 30.52 -34.41 40.10
CA CYS A 93 31.22 -33.94 41.29
C CYS A 93 31.67 -32.50 41.07
N LEU A 94 31.11 -31.57 41.84
CA LEU A 94 31.48 -30.17 41.72
C LEU A 94 32.55 -29.87 42.77
N ASN A 95 33.67 -29.33 42.35
CA ASN A 95 34.75 -29.04 43.28
C ASN A 95 35.58 -27.90 42.75
N GLU A 96 36.27 -27.24 43.66
CA GLU A 96 37.14 -26.15 43.27
C GLU A 96 38.28 -26.84 42.53
N ALA A 97 38.37 -28.15 42.76
CA ALA A 97 39.39 -29.00 42.16
C ALA A 97 39.04 -29.44 40.75
N SER A 98 37.93 -30.15 40.62
CA SER A 98 37.49 -30.65 39.31
C SER A 98 37.30 -29.48 38.37
N VAL A 99 36.39 -28.57 38.75
CA VAL A 99 36.09 -27.37 37.99
C VAL A 99 37.39 -26.75 37.46
N LEU A 100 38.42 -26.80 38.29
CA LEU A 100 39.72 -26.27 37.96
C LEU A 100 40.29 -27.19 36.92
N HIS A 101 40.39 -28.46 37.30
CA HIS A 101 40.92 -29.48 36.42
C HIS A 101 40.39 -29.29 34.99
N ASN A 102 39.09 -29.54 34.82
CA ASN A 102 38.45 -29.41 33.53
C ASN A 102 38.95 -28.24 32.75
N LEU A 103 38.85 -27.08 33.38
CA LEU A 103 39.32 -25.85 32.76
C LEU A 103 40.78 -26.01 32.33
N ARG A 104 41.61 -26.62 33.18
CA ARG A 104 43.02 -26.81 32.87
C ARG A 104 43.21 -27.61 31.59
N GLU A 105 42.58 -28.78 31.53
CA GLU A 105 42.67 -29.64 30.36
C GLU A 105 42.25 -28.89 29.10
N ARG A 106 40.95 -28.71 28.93
CA ARG A 106 40.44 -27.99 27.77
C ARG A 106 41.36 -26.85 27.37
N TYR A 107 41.85 -26.15 28.37
CA TYR A 107 42.73 -25.00 28.14
C TYR A 107 43.96 -25.43 27.35
N PHE A 108 44.63 -26.45 27.83
CA PHE A 108 45.86 -26.92 27.19
C PHE A 108 45.57 -27.60 25.87
N SER A 109 44.37 -28.16 25.75
CA SER A 109 43.97 -28.82 24.52
C SER A 109 43.71 -27.82 23.40
N GLY A 110 43.51 -26.55 23.78
CA GLY A 110 43.29 -25.51 22.80
C GLY A 110 41.93 -24.86 22.83
N LEU A 111 41.09 -25.33 23.74
CA LEU A 111 39.76 -24.77 23.84
C LEU A 111 39.73 -23.86 25.05
N ILE A 112 39.24 -22.64 24.88
CA ILE A 112 39.18 -21.72 26.01
C ILE A 112 37.75 -21.53 26.54
N TYR A 113 36.77 -21.46 25.67
CA TYR A 113 35.36 -21.27 26.09
C TYR A 113 34.80 -22.56 26.71
N THR A 114 34.15 -22.42 27.86
CA THR A 114 33.55 -23.56 28.57
C THR A 114 32.25 -23.13 29.26
N TYR A 115 31.23 -23.99 29.27
CA TYR A 115 29.98 -23.61 29.91
C TYR A 115 29.97 -24.01 31.37
N SER A 116 29.28 -23.21 32.18
CA SER A 116 29.16 -23.45 33.62
C SER A 116 27.73 -23.10 33.95
N GLY A 117 26.84 -24.03 33.68
CA GLY A 117 25.45 -23.79 33.95
C GLY A 117 24.94 -22.79 32.94
N LEU A 118 24.52 -21.63 33.41
CA LEU A 118 24.00 -20.61 32.52
C LEU A 118 25.12 -19.77 31.94
N PHE A 119 25.93 -19.19 32.81
CA PHE A 119 27.06 -18.38 32.36
C PHE A 119 28.15 -19.29 31.81
N CYS A 120 29.18 -18.69 31.22
CA CYS A 120 30.27 -19.46 30.67
C CYS A 120 31.65 -18.84 30.92
N VAL A 121 32.63 -19.67 31.29
CA VAL A 121 34.00 -19.24 31.56
C VAL A 121 34.76 -19.10 30.24
N VAL A 122 35.88 -18.37 30.23
CA VAL A 122 36.64 -18.15 29.00
C VAL A 122 38.12 -17.79 29.19
N ILE A 123 38.95 -18.72 29.64
CA ILE A 123 40.37 -18.44 29.89
C ILE A 123 41.16 -17.85 28.73
N ASN A 124 41.72 -16.67 28.91
CA ASN A 124 42.51 -16.02 27.86
C ASN A 124 43.52 -17.03 27.29
N PRO A 125 43.63 -17.10 25.95
CA PRO A 125 44.57 -18.02 25.31
C PRO A 125 45.93 -17.33 25.23
N TYR A 126 45.88 -16.06 24.82
CA TYR A 126 47.03 -15.19 24.61
C TYR A 126 47.68 -15.54 23.29
N LYS A 127 47.10 -16.52 22.62
CA LYS A 127 47.60 -17.00 21.36
C LYS A 127 46.51 -16.80 20.33
N GLN A 128 46.92 -16.76 19.08
CA GLN A 128 46.04 -16.57 17.95
C GLN A 128 45.36 -17.87 17.48
N LEU A 129 44.47 -18.42 18.31
CA LEU A 129 43.73 -19.64 17.95
C LEU A 129 42.92 -19.28 16.72
N PRO A 130 42.56 -20.29 15.91
CA PRO A 130 41.79 -20.04 14.69
C PRO A 130 40.33 -20.48 14.83
N ILE A 131 39.55 -19.76 15.61
CA ILE A 131 38.16 -20.18 15.80
C ILE A 131 37.19 -19.03 15.58
N TYR A 132 37.61 -18.05 14.79
CA TYR A 132 36.77 -16.91 14.44
C TYR A 132 36.90 -16.71 12.93
N SER A 133 35.86 -17.00 12.16
CA SER A 133 35.94 -16.84 10.72
C SER A 133 34.57 -17.00 10.10
N GLU A 134 34.33 -16.35 8.97
CA GLU A 134 33.05 -16.45 8.30
C GLU A 134 32.62 -17.90 8.37
N LYS A 135 33.55 -18.78 8.00
CA LYS A 135 33.33 -20.21 8.02
C LYS A 135 32.65 -20.60 9.32
N ILE A 136 33.33 -20.35 10.43
CA ILE A 136 32.82 -20.68 11.74
C ILE A 136 31.57 -19.92 12.12
N ILE A 137 31.39 -18.72 11.58
CA ILE A 137 30.21 -17.92 11.89
C ILE A 137 28.99 -18.65 11.43
N ASP A 138 29.02 -19.08 10.17
CA ASP A 138 27.89 -19.78 9.56
C ASP A 138 27.65 -21.15 10.19
N MET A 139 28.69 -21.70 10.79
CA MET A 139 28.57 -22.98 11.45
C MET A 139 27.60 -22.88 12.63
N TYR A 140 27.78 -21.81 13.38
CA TYR A 140 27.00 -21.54 14.61
C TYR A 140 25.65 -20.83 14.32
N LYS A 141 25.57 -20.19 13.17
CA LYS A 141 24.35 -19.46 12.76
C LYS A 141 23.14 -20.35 12.93
N GLY A 142 22.26 -20.00 13.86
CA GLY A 142 21.06 -20.77 14.07
C GLY A 142 21.25 -21.98 14.96
N LYS A 143 22.44 -22.56 14.88
CA LYS A 143 22.78 -23.73 15.68
C LYS A 143 22.46 -23.54 17.16
N LYS A 144 21.67 -24.48 17.69
CA LYS A 144 21.26 -24.49 19.08
C LYS A 144 22.41 -24.39 20.04
N ARG A 145 22.11 -24.64 21.32
CA ARG A 145 23.12 -24.55 22.38
C ARG A 145 24.04 -25.75 22.35
N HIS A 146 23.44 -26.92 22.15
CA HIS A 146 24.17 -28.17 22.11
C HIS A 146 24.58 -28.63 20.72
N GLU A 147 23.88 -28.18 19.68
CA GLU A 147 24.28 -28.59 18.35
C GLU A 147 25.71 -28.15 18.00
N MET A 148 26.42 -27.60 18.97
CA MET A 148 27.78 -27.14 18.74
C MET A 148 28.50 -26.95 20.06
N PRO A 149 29.81 -26.74 20.02
CA PRO A 149 30.59 -26.54 21.23
C PRO A 149 30.66 -25.09 21.75
N PRO A 150 30.88 -24.92 23.07
CA PRO A 150 30.97 -23.62 23.69
C PRO A 150 31.90 -22.76 22.89
N HIS A 151 31.43 -21.58 22.54
CA HIS A 151 32.19 -20.61 21.79
C HIS A 151 31.48 -19.29 21.98
N ILE A 152 32.18 -18.20 21.81
CA ILE A 152 31.54 -16.90 22.00
C ILE A 152 30.41 -16.70 21.00
N TYR A 153 30.69 -16.97 19.74
CA TYR A 153 29.68 -16.81 18.69
C TYR A 153 28.39 -17.48 19.11
N ALA A 154 28.48 -18.42 20.05
CA ALA A 154 27.31 -19.15 20.53
C ALA A 154 26.48 -18.30 21.49
N ILE A 155 27.15 -17.66 22.46
CA ILE A 155 26.47 -16.81 23.46
C ILE A 155 25.75 -15.70 22.71
N ALA A 156 26.43 -15.15 21.71
CA ALA A 156 25.86 -14.10 20.89
C ALA A 156 24.58 -14.58 20.21
N ASP A 157 24.61 -15.71 19.53
CA ASP A 157 23.41 -16.18 18.87
C ASP A 157 22.32 -16.59 19.86
N THR A 158 22.71 -17.16 20.99
CA THR A 158 21.74 -17.61 21.98
C THR A 158 20.90 -16.44 22.49
N ALA A 159 21.55 -15.29 22.64
CA ALA A 159 20.89 -14.08 23.12
C ALA A 159 20.08 -13.50 21.98
N TYR A 160 20.76 -13.19 20.89
CA TYR A 160 20.12 -12.59 19.72
C TYR A 160 18.84 -13.26 19.28
N ARG A 161 18.68 -14.52 19.65
CA ARG A 161 17.47 -15.23 19.29
C ARG A 161 16.51 -15.02 20.44
N SER A 162 16.97 -15.36 21.64
CA SER A 162 16.19 -15.22 22.85
C SER A 162 15.44 -13.90 22.79
N MET A 163 16.11 -12.87 22.29
CA MET A 163 15.46 -11.58 22.17
C MET A 163 14.25 -11.71 21.26
N LEU A 164 14.47 -12.15 20.03
CA LEU A 164 13.38 -12.30 19.08
C LEU A 164 12.36 -13.37 19.43
N GLN A 165 12.65 -14.18 20.44
CA GLN A 165 11.72 -15.26 20.80
C GLN A 165 10.69 -14.84 21.82
N ASP A 166 11.15 -14.46 23.02
CA ASP A 166 10.24 -14.04 24.09
C ASP A 166 10.10 -12.52 24.12
N ARG A 167 10.59 -11.87 23.08
CA ARG A 167 10.53 -10.42 22.94
C ARG A 167 10.89 -9.77 24.27
N GLU A 168 12.19 -9.68 24.55
CA GLU A 168 12.66 -9.10 25.81
C GLU A 168 14.16 -8.85 25.83
N ASP A 169 14.50 -7.61 25.52
CA ASP A 169 15.88 -7.14 25.43
C ASP A 169 16.89 -7.86 26.29
N GLN A 170 18.13 -7.90 25.80
CA GLN A 170 19.18 -8.62 26.49
C GLN A 170 20.53 -7.94 26.54
N SER A 171 21.34 -8.45 27.46
CA SER A 171 22.68 -7.94 27.72
C SER A 171 23.73 -9.05 27.84
N ILE A 172 24.92 -8.79 27.33
CA ILE A 172 26.02 -9.72 27.41
C ILE A 172 27.06 -8.93 28.20
N LEU A 173 27.24 -9.30 29.47
CA LEU A 173 28.18 -8.63 30.37
C LEU A 173 29.50 -9.35 30.57
N CYS A 174 30.60 -8.85 30.02
CA CYS A 174 31.91 -9.49 30.19
C CYS A 174 32.62 -9.08 31.46
N THR A 175 32.71 -10.01 32.42
CA THR A 175 33.36 -9.72 33.69
C THR A 175 34.83 -10.09 33.59
N GLY A 176 35.43 -10.45 34.72
CA GLY A 176 36.84 -10.83 34.69
C GLY A 176 37.77 -9.68 35.01
N GLU A 177 38.85 -10.02 35.72
CA GLU A 177 39.86 -9.05 36.13
C GLU A 177 40.54 -8.42 34.94
N SER A 178 41.21 -7.31 35.18
CA SER A 178 41.87 -6.61 34.11
C SER A 178 42.78 -7.48 33.28
N GLY A 179 42.56 -7.44 31.96
CA GLY A 179 43.38 -8.22 31.05
C GLY A 179 42.73 -9.50 30.57
N ALA A 180 41.86 -10.06 31.41
CA ALA A 180 41.17 -11.31 31.11
C ALA A 180 40.42 -11.35 29.79
N GLY A 181 40.51 -10.32 28.98
CA GLY A 181 39.85 -10.37 27.69
C GLY A 181 38.45 -9.80 27.58
N LYS A 182 38.05 -8.98 28.53
CA LYS A 182 36.72 -8.39 28.48
C LYS A 182 36.39 -7.80 27.10
N THR A 183 37.38 -7.13 26.51
CA THR A 183 37.21 -6.47 25.22
C THR A 183 37.04 -7.39 24.03
N GLU A 184 38.11 -8.10 23.69
CA GLU A 184 38.07 -8.99 22.54
C GLU A 184 36.69 -9.63 22.38
N ASN A 185 36.30 -10.39 23.38
CA ASN A 185 35.04 -11.08 23.40
C ASN A 185 33.87 -10.21 23.03
N THR A 186 34.05 -8.90 23.12
CA THR A 186 32.96 -8.00 22.77
C THR A 186 33.03 -7.75 21.28
N LYS A 187 34.25 -7.55 20.80
CA LYS A 187 34.47 -7.29 19.40
C LYS A 187 33.92 -8.44 18.57
N LYS A 188 33.96 -9.65 19.14
CA LYS A 188 33.44 -10.82 18.44
C LYS A 188 31.93 -10.74 18.38
N VAL A 189 31.30 -10.61 19.55
CA VAL A 189 29.85 -10.49 19.62
C VAL A 189 29.29 -9.52 18.57
N ILE A 190 30.01 -8.44 18.31
CA ILE A 190 29.53 -7.51 17.31
C ILE A 190 29.83 -8.12 15.97
N GLN A 191 31.05 -8.63 15.85
CA GLN A 191 31.53 -9.28 14.62
C GLN A 191 30.53 -10.28 14.06
N TYR A 192 30.03 -11.11 14.96
CA TYR A 192 29.06 -12.12 14.64
C TYR A 192 27.73 -11.46 14.26
N LEU A 193 27.10 -10.79 15.22
CA LEU A 193 25.84 -10.11 14.95
C LEU A 193 25.87 -9.17 13.74
N ALA A 194 27.05 -8.75 13.32
CA ALA A 194 27.17 -7.85 12.19
C ALA A 194 26.89 -8.56 10.87
N VAL A 195 26.97 -9.88 10.89
CA VAL A 195 26.73 -10.66 9.68
C VAL A 195 25.52 -11.55 9.85
N VAL A 196 25.42 -12.16 11.02
CA VAL A 196 24.33 -13.05 11.29
C VAL A 196 22.98 -12.35 11.40
N ALA A 197 22.97 -11.05 11.66
CA ALA A 197 21.69 -10.37 11.81
C ALA A 197 21.47 -9.20 10.86
N SER A 198 22.52 -8.80 10.17
CA SER A 198 22.44 -7.69 9.24
C SER A 198 21.52 -7.99 8.07
N SER A 199 21.18 -6.97 7.32
CA SER A 199 20.37 -7.18 6.13
C SER A 199 21.37 -7.08 4.99
N HIS A 200 21.14 -7.85 3.94
CA HIS A 200 22.06 -7.89 2.80
C HIS A 200 21.58 -7.13 1.57
N LYS A 201 22.54 -6.75 0.73
CA LYS A 201 22.26 -6.03 -0.53
C LYS A 201 22.02 -7.12 -1.59
N GLY A 202 21.33 -8.18 -1.15
CA GLY A 202 21.04 -9.30 -2.02
C GLY A 202 22.14 -10.32 -1.74
N LYS A 203 22.92 -10.63 -2.78
CA LYS A 203 24.02 -11.58 -2.66
C LYS A 203 23.51 -12.97 -2.33
N GLN A 210 35.06 -17.13 3.86
CA GLN A 210 36.47 -17.50 4.17
C GLN A 210 37.04 -16.52 5.18
N GLY A 211 37.09 -16.94 6.43
CA GLY A 211 37.60 -16.05 7.45
C GLY A 211 36.75 -14.81 7.33
N PRO A 212 37.37 -13.63 7.37
CA PRO A 212 36.67 -12.34 7.27
C PRO A 212 36.04 -12.04 5.90
N SER A 213 36.34 -12.87 4.91
CA SER A 213 35.81 -12.67 3.57
C SER A 213 34.28 -12.66 3.51
N PHE A 214 33.72 -11.46 3.31
CA PHE A 214 32.27 -11.25 3.25
C PHE A 214 31.92 -9.76 3.10
N SER A 215 31.01 -9.43 2.20
CA SER A 215 30.60 -8.06 2.00
C SER A 215 29.38 -7.79 2.88
N TYR A 216 29.58 -7.03 3.94
CA TYR A 216 28.50 -6.71 4.88
C TYR A 216 27.62 -5.58 4.37
N GLY A 217 26.55 -5.29 5.12
CA GLY A 217 25.65 -4.22 4.74
C GLY A 217 26.40 -2.89 4.72
N GLU A 218 25.68 -1.80 4.62
CA GLU A 218 26.31 -0.48 4.57
C GLU A 218 26.61 0.07 5.97
N LEU A 219 25.68 -0.17 6.88
CA LEU A 219 25.82 0.31 8.25
C LEU A 219 26.68 -0.65 9.07
N GLU A 220 26.48 -1.94 8.86
CA GLU A 220 27.23 -2.95 9.59
C GLU A 220 28.70 -2.75 9.26
N LYS A 221 28.94 -2.09 8.14
CA LYS A 221 30.29 -1.77 7.68
C LYS A 221 30.91 -0.86 8.71
N GLN A 222 30.18 0.19 9.04
CA GLN A 222 30.60 1.17 10.03
C GLN A 222 30.59 0.58 11.45
N LEU A 223 29.48 -0.06 11.83
CA LEU A 223 29.33 -0.67 13.14
C LEU A 223 30.60 -1.44 13.47
N LEU A 224 31.26 -1.89 12.42
CA LEU A 224 32.49 -2.65 12.53
C LEU A 224 33.75 -1.81 12.73
N GLN A 225 33.81 -0.68 12.02
CA GLN A 225 34.95 0.23 12.08
C GLN A 225 34.94 1.22 13.23
N ALA A 226 33.91 1.18 14.08
CA ALA A 226 33.78 2.09 15.22
C ALA A 226 34.76 1.76 16.33
N ASN A 227 34.61 0.59 16.93
CA ASN A 227 35.51 0.14 17.99
C ASN A 227 37.01 0.34 17.71
N PRO A 228 37.44 0.19 16.44
CA PRO A 228 38.86 0.39 16.14
C PRO A 228 39.26 1.87 16.20
N ILE A 229 38.27 2.75 16.33
CA ILE A 229 38.51 4.18 16.43
C ILE A 229 38.67 4.53 17.91
N LEU A 230 37.63 4.31 18.69
CA LEU A 230 37.68 4.61 20.12
C LEU A 230 38.89 3.94 20.73
N GLU A 231 39.39 2.91 20.06
CA GLU A 231 40.54 2.20 20.60
C GLU A 231 41.78 3.06 20.50
N ALA A 232 41.77 3.98 19.55
CA ALA A 232 42.89 4.89 19.38
C ALA A 232 42.93 5.84 20.58
N PHE A 233 42.12 6.89 20.53
CA PHE A 233 42.07 7.84 21.64
C PHE A 233 41.29 7.18 22.77
N GLY A 234 41.89 6.25 23.51
CA GLY A 234 41.11 5.63 24.56
C GLY A 234 41.78 4.42 25.15
N ASN A 235 42.69 3.81 24.40
CA ASN A 235 43.42 2.63 24.85
C ASN A 235 44.89 2.91 24.96
N ALA A 236 45.56 2.25 25.91
CA ALA A 236 47.00 2.48 26.07
C ALA A 236 47.74 1.43 26.88
N LYS A 237 49.00 1.21 26.52
CA LYS A 237 49.86 0.21 27.15
C LYS A 237 50.04 0.35 28.64
N THR A 238 49.78 -0.74 29.35
CA THR A 238 49.96 -0.73 30.78
C THR A 238 50.59 -2.02 31.27
N VAL A 239 51.11 -1.97 32.49
CA VAL A 239 51.79 -3.10 33.11
C VAL A 239 50.92 -4.34 33.18
N LYS A 240 49.71 -4.24 32.64
CA LYS A 240 48.80 -5.36 32.65
C LYS A 240 48.28 -5.64 31.23
N ASN A 241 48.43 -4.70 30.30
CA ASN A 241 47.95 -4.92 28.95
C ASN A 241 48.42 -3.90 27.92
N ASP A 242 49.20 -4.39 26.96
CA ASP A 242 49.73 -3.57 25.88
C ASP A 242 48.67 -2.70 25.21
N ASN A 243 47.43 -3.16 25.16
CA ASN A 243 46.37 -2.36 24.56
C ASN A 243 45.17 -2.39 25.48
N SER A 244 45.30 -1.72 26.63
CA SER A 244 44.24 -1.69 27.61
C SER A 244 43.18 -0.67 27.30
N SER A 245 41.94 -1.05 27.60
CA SER A 245 40.80 -0.19 27.41
C SER A 245 40.79 0.79 28.62
N ARG A 246 41.08 2.04 28.35
CA ARG A 246 41.18 3.07 29.41
C ARG A 246 39.86 3.78 29.70
N PHE A 247 38.78 3.02 29.60
CA PHE A 247 37.44 3.57 29.84
C PHE A 247 36.37 2.51 29.57
N GLY A 248 35.46 2.41 30.52
CA GLY A 248 34.33 1.48 30.41
C GLY A 248 33.58 1.83 29.16
N LYS A 249 32.83 0.88 28.62
CA LYS A 249 32.05 1.10 27.41
C LYS A 249 30.85 0.15 27.36
N PHE A 250 29.68 0.68 27.01
CA PHE A 250 28.47 -0.13 26.93
C PHE A 250 27.81 0.11 25.56
N ILE A 251 28.03 -0.80 24.62
CA ILE A 251 27.46 -0.69 23.26
C ILE A 251 26.03 -1.19 23.16
N ARG A 252 25.18 -0.45 22.48
CA ARG A 252 23.79 -0.85 22.34
C ARG A 252 23.40 -1.02 20.87
N ILE A 253 22.99 -2.22 20.50
CA ILE A 253 22.59 -2.48 19.12
C ILE A 253 21.07 -2.61 19.03
N ASN A 254 20.51 -1.93 18.03
CA ASN A 254 19.07 -1.88 17.80
C ASN A 254 18.53 -2.68 16.63
N PHE A 255 17.52 -3.53 16.90
CA PHE A 255 16.91 -4.38 15.86
C PHE A 255 15.45 -4.04 15.59
N ASP A 256 15.02 -4.25 14.35
CA ASP A 256 13.63 -3.99 13.99
C ASP A 256 12.80 -5.19 14.40
N VAL A 257 11.59 -5.29 13.84
CA VAL A 257 10.72 -6.41 14.15
C VAL A 257 11.12 -7.67 13.38
N THR A 258 11.60 -7.48 12.16
CA THR A 258 12.02 -8.60 11.33
C THR A 258 13.31 -9.24 11.86
N GLY A 259 13.94 -8.57 12.82
CA GLY A 259 15.15 -9.10 13.41
C GLY A 259 16.43 -8.57 12.84
N TYR A 260 16.37 -7.43 12.16
CA TYR A 260 17.58 -6.86 11.57
C TYR A 260 18.20 -5.69 12.33
N ILE A 261 19.52 -5.57 12.21
CA ILE A 261 20.26 -4.51 12.86
C ILE A 261 19.89 -3.23 12.15
N VAL A 262 19.66 -2.17 12.92
CA VAL A 262 19.30 -0.91 12.32
C VAL A 262 20.00 0.27 13.00
N GLY A 263 20.37 0.12 14.27
CA GLY A 263 21.04 1.20 14.95
C GLY A 263 22.07 0.77 15.97
N ALA A 264 22.78 1.73 16.56
CA ALA A 264 23.83 1.44 17.53
C ALA A 264 24.32 2.68 18.28
N ASN A 265 24.26 2.60 19.59
CA ASN A 265 24.65 3.66 20.48
C ASN A 265 25.87 3.20 21.24
N ILE A 266 26.57 4.14 21.85
CA ILE A 266 27.75 3.79 22.66
C ILE A 266 27.87 4.73 23.87
N GLU A 267 27.68 4.17 25.06
CA GLU A 267 27.77 4.94 26.31
C GLU A 267 29.16 4.74 26.93
N THR A 268 30.02 5.72 26.72
CA THR A 268 31.40 5.72 27.24
C THR A 268 31.39 6.20 28.71
N TYR A 269 32.39 5.79 29.48
CA TYR A 269 32.40 6.16 30.92
C TYR A 269 33.70 6.87 31.36
N LEU A 270 34.28 6.32 32.41
CA LEU A 270 35.44 6.88 33.12
C LEU A 270 36.74 6.93 32.31
N LEU A 271 36.86 7.92 31.43
CA LEU A 271 38.06 8.03 30.61
C LEU A 271 39.29 8.55 31.38
N GLU A 272 40.14 7.66 31.87
CA GLU A 272 41.34 8.06 32.62
C GLU A 272 42.27 8.93 31.77
N LYS A 273 41.81 10.12 31.44
CA LYS A 273 42.56 11.06 30.62
C LYS A 273 43.68 11.70 31.42
N SER A 274 43.79 11.33 32.68
CA SER A 274 44.88 11.84 33.49
C SER A 274 46.17 11.54 32.70
N ARG A 275 46.48 10.26 32.54
CA ARG A 275 47.67 9.79 31.84
C ARG A 275 48.04 10.51 30.55
N ALA A 276 47.19 11.41 30.10
CA ALA A 276 47.46 12.16 28.88
C ALA A 276 48.63 13.12 29.11
N ILE A 277 48.94 13.36 30.38
CA ILE A 277 50.02 14.27 30.78
C ILE A 277 51.23 13.58 31.36
N ARG A 278 51.00 12.55 32.17
CA ARG A 278 52.09 11.80 32.77
C ARG A 278 51.74 10.32 32.93
N GLN A 279 52.54 9.53 32.25
CA GLN A 279 52.40 8.06 32.25
C GLN A 279 53.39 7.43 33.22
N ALA A 280 52.90 6.43 33.90
CA ALA A 280 53.68 5.67 34.88
C ALA A 280 54.81 4.92 34.18
N LYS A 281 55.61 4.27 34.99
CA LYS A 281 56.75 3.46 34.53
C LYS A 281 56.26 2.31 33.65
N ASP A 282 56.93 2.20 32.51
CA ASP A 282 56.69 1.15 31.49
C ASP A 282 55.27 1.20 30.90
N GLU A 283 54.63 2.34 31.04
CA GLU A 283 53.28 2.56 30.48
C GLU A 283 53.38 3.63 29.39
N ARG A 284 52.30 3.72 28.61
CA ARG A 284 52.20 4.69 27.50
C ARG A 284 50.92 5.51 27.61
N THR A 285 50.84 6.51 26.75
CA THR A 285 49.65 7.37 26.63
C THR A 285 48.72 6.75 25.62
N PHE A 286 47.69 7.50 25.29
CA PHE A 286 46.68 7.05 24.35
C PHE A 286 47.27 6.81 22.96
N HIS A 287 47.32 5.53 22.58
CA HIS A 287 47.84 5.09 21.30
C HIS A 287 47.96 6.22 20.27
N ILE A 288 46.82 6.74 19.86
CA ILE A 288 46.78 7.82 18.88
C ILE A 288 47.97 8.77 18.92
N PHE A 289 48.42 9.13 20.12
CA PHE A 289 49.56 10.04 20.27
C PHE A 289 50.74 9.51 19.48
N TYR A 290 51.25 8.37 19.91
CA TYR A 290 52.39 7.74 19.24
C TYR A 290 52.06 7.54 17.76
N TYR A 291 50.88 7.05 17.46
CA TYR A 291 50.49 6.83 16.07
C TYR A 291 50.81 8.12 15.29
N LEU A 292 50.33 9.25 15.80
CA LEU A 292 50.54 10.52 15.15
C LEU A 292 51.98 10.95 15.04
N ILE A 293 52.69 10.94 16.16
CA ILE A 293 54.10 11.31 16.12
C ILE A 293 54.86 10.50 15.08
N ALA A 294 54.28 9.39 14.64
CA ALA A 294 54.94 8.52 13.66
C ALA A 294 54.25 8.43 12.32
N GLY A 295 52.96 8.12 12.33
CA GLY A 295 52.22 7.97 11.10
C GLY A 295 52.00 9.28 10.39
N ALA A 296 52.47 10.33 11.03
CA ALA A 296 52.35 11.67 10.48
C ALA A 296 53.08 11.78 9.13
N SER A 297 52.39 12.35 8.15
CA SER A 297 52.96 12.53 6.83
C SER A 297 53.97 13.68 6.89
N GLU A 298 55.05 13.58 6.12
CA GLU A 298 56.09 14.61 6.10
C GLU A 298 55.44 15.99 6.12
N GLN A 299 54.60 16.25 5.12
CA GLN A 299 53.92 17.53 5.03
C GLN A 299 53.16 17.84 6.32
N MET A 300 52.04 17.17 6.53
CA MET A 300 51.23 17.36 7.72
C MET A 300 52.10 17.26 8.97
N ARG A 301 53.29 16.68 8.82
CA ARG A 301 54.20 16.52 9.93
C ARG A 301 54.38 17.89 10.57
N ASN A 302 54.89 18.82 9.80
CA ASN A 302 55.11 20.17 10.30
C ASN A 302 53.77 20.87 10.54
N ASP A 303 52.82 20.65 9.63
CA ASP A 303 51.50 21.27 9.72
C ASP A 303 50.89 21.31 11.11
N LEU A 304 51.34 20.42 12.00
CA LEU A 304 50.82 20.40 13.36
C LEU A 304 51.98 20.55 14.32
N LEU A 305 53.14 20.89 13.78
CA LEU A 305 54.36 21.06 14.57
C LEU A 305 54.60 19.79 15.37
N LEU A 306 54.77 18.70 14.63
CA LEU A 306 54.97 17.40 15.22
C LEU A 306 56.43 16.97 15.28
N GLU A 307 57.17 17.56 16.21
CA GLU A 307 58.56 17.22 16.40
C GLU A 307 58.61 15.73 16.74
N GLY A 308 59.78 15.12 16.59
CA GLY A 308 59.90 13.70 16.88
C GLY A 308 59.59 13.30 18.31
N PHE A 309 59.86 12.05 18.64
CA PHE A 309 59.60 11.56 19.99
C PHE A 309 60.65 12.12 20.95
N ASN A 310 60.28 12.22 22.22
CA ASN A 310 61.18 12.74 23.24
C ASN A 310 61.45 14.24 23.09
N ASN A 311 60.63 14.88 22.28
CA ASN A 311 60.73 16.32 22.05
C ASN A 311 59.53 16.89 22.81
N TYR A 312 58.70 15.98 23.31
CA TYR A 312 57.49 16.31 24.08
C TYR A 312 57.63 15.74 25.49
N THR A 313 57.17 16.49 26.48
CA THR A 313 57.31 16.06 27.86
C THR A 313 56.12 15.30 28.42
N PHE A 314 55.04 15.25 27.67
CA PHE A 314 53.87 14.52 28.13
C PHE A 314 54.05 13.01 27.95
N LEU A 315 55.13 12.63 27.28
CA LEU A 315 55.43 11.23 27.04
C LEU A 315 56.54 10.74 27.96
N SER A 316 56.15 10.29 29.14
CA SER A 316 57.08 9.75 30.13
C SER A 316 57.62 8.47 29.52
N ASN A 317 58.80 8.05 29.99
CA ASN A 317 59.43 6.85 29.45
C ASN A 317 59.66 7.07 27.94
N GLY A 318 59.85 8.32 27.54
CA GLY A 318 60.05 8.60 26.14
C GLY A 318 59.16 7.76 25.23
N HIS A 319 59.71 7.28 24.12
CA HIS A 319 58.95 6.46 23.20
C HIS A 319 59.13 4.97 23.50
N VAL A 320 58.09 4.36 24.07
CA VAL A 320 58.12 2.94 24.39
C VAL A 320 57.38 2.24 23.27
N PRO A 321 57.85 1.05 22.88
CA PRO A 321 57.24 0.28 21.81
C PRO A 321 56.27 -0.78 22.33
N ILE A 322 55.37 -1.19 21.44
CA ILE A 322 54.37 -2.20 21.76
C ILE A 322 54.61 -3.48 20.95
N PRO A 323 54.77 -4.61 21.66
CA PRO A 323 55.01 -5.92 21.03
C PRO A 323 53.97 -6.33 19.99
N ALA A 324 54.45 -6.85 18.88
CA ALA A 324 53.59 -7.32 17.79
C ALA A 324 52.75 -6.26 17.11
N GLN A 325 52.90 -5.03 17.55
CA GLN A 325 52.13 -3.93 16.98
C GLN A 325 53.05 -2.86 16.42
N GLN A 326 52.75 -2.40 15.20
CA GLN A 326 53.54 -1.37 14.56
C GLN A 326 52.74 -0.07 14.45
N ASP A 327 53.07 0.87 15.32
CA ASP A 327 52.39 2.16 15.35
C ASP A 327 52.41 2.81 13.98
N ASP A 328 53.53 2.64 13.28
CA ASP A 328 53.70 3.19 11.94
C ASP A 328 52.46 2.97 11.10
N GLU A 329 52.10 1.69 10.92
CA GLU A 329 50.93 1.32 10.14
C GLU A 329 49.66 1.63 10.91
N MET A 330 49.70 1.30 12.21
CA MET A 330 48.58 1.53 13.10
C MET A 330 47.86 2.79 12.71
N PHE A 331 48.63 3.81 12.36
CA PHE A 331 48.08 5.08 11.94
C PHE A 331 47.04 4.86 10.84
N GLN A 332 47.52 4.47 9.67
CA GLN A 332 46.64 4.24 8.53
C GLN A 332 45.41 3.45 8.90
N GLU A 333 45.62 2.33 9.59
CA GLU A 333 44.53 1.47 10.00
C GLU A 333 43.40 2.33 10.59
N THR A 334 43.76 3.14 11.58
CA THR A 334 42.80 4.01 12.23
C THR A 334 42.41 5.14 11.30
N LEU A 335 43.36 5.61 10.52
CA LEU A 335 43.07 6.68 9.58
C LEU A 335 41.99 6.10 8.69
N GLU A 336 42.29 4.92 8.17
CA GLU A 336 41.38 4.19 7.29
C GLU A 336 40.02 4.04 7.95
N ALA A 337 40.03 3.68 9.22
CA ALA A 337 38.81 3.50 9.96
C ALA A 337 38.01 4.79 9.91
N MET A 338 38.60 5.85 10.48
CA MET A 338 37.94 7.15 10.53
C MET A 338 37.16 7.46 9.27
N THR A 339 37.74 7.17 8.11
CA THR A 339 37.08 7.42 6.83
C THR A 339 35.86 6.52 6.68
N ILE A 340 36.07 5.22 6.91
CA ILE A 340 34.99 4.25 6.83
C ILE A 340 33.84 4.77 7.65
N MET A 341 34.19 5.20 8.86
CA MET A 341 33.22 5.73 9.80
C MET A 341 32.48 6.92 9.19
N GLY A 342 33.23 7.94 8.76
CA GLY A 342 32.59 9.11 8.15
C GLY A 342 33.29 10.46 8.28
N PHE A 343 34.29 10.54 9.16
CA PHE A 343 35.02 11.78 9.37
C PHE A 343 35.61 12.39 8.09
N THR A 344 35.03 13.51 7.66
CA THR A 344 35.47 14.20 6.45
C THR A 344 36.98 14.24 6.33
N GLU A 345 37.44 14.19 5.09
CA GLU A 345 38.86 14.22 4.78
C GLU A 345 39.61 15.14 5.74
N GLU A 346 39.23 16.41 5.76
CA GLU A 346 39.86 17.39 6.63
C GLU A 346 39.36 17.21 8.05
N GLU A 347 38.09 16.84 8.17
CA GLU A 347 37.47 16.64 9.47
C GLU A 347 38.39 15.83 10.35
N GLN A 348 39.40 15.24 9.73
CA GLN A 348 40.34 14.42 10.48
C GLN A 348 41.60 15.21 10.77
N THR A 349 42.20 15.72 9.71
CA THR A 349 43.42 16.51 9.83
C THR A 349 43.32 17.34 11.11
N SER A 350 42.12 17.88 11.32
CA SER A 350 41.83 18.69 12.47
C SER A 350 42.01 17.88 13.74
N ILE A 351 41.21 16.82 13.89
CA ILE A 351 41.28 15.97 15.08
C ILE A 351 42.72 15.57 15.36
N LEU A 352 43.62 15.84 14.43
CA LEU A 352 45.01 15.48 14.63
C LEU A 352 45.80 16.66 15.21
N ARG A 353 45.63 17.85 14.64
CA ARG A 353 46.33 19.01 15.16
C ARG A 353 45.99 19.15 16.65
N VAL A 354 44.70 19.06 16.96
CA VAL A 354 44.23 19.15 18.33
C VAL A 354 44.97 18.16 19.21
N VAL A 355 45.62 17.18 18.59
CA VAL A 355 46.36 16.20 19.36
C VAL A 355 47.73 16.79 19.64
N SER A 356 48.40 17.18 18.57
CA SER A 356 49.73 17.78 18.70
C SER A 356 49.61 18.88 19.73
N SER A 357 48.55 19.66 19.59
CA SER A 357 48.29 20.76 20.50
C SER A 357 48.37 20.22 21.92
N VAL A 358 47.54 19.22 22.22
CA VAL A 358 47.51 18.62 23.55
C VAL A 358 48.88 18.10 24.00
N LEU A 359 49.85 18.17 23.11
CA LEU A 359 51.19 17.69 23.45
C LEU A 359 52.15 18.87 23.62
N GLN A 360 52.07 19.85 22.71
CA GLN A 360 52.94 21.04 22.72
C GLN A 360 52.75 21.76 24.04
N LEU A 361 51.49 21.95 24.39
CA LEU A 361 51.08 22.61 25.62
C LEU A 361 51.83 22.02 26.78
N GLY A 362 52.63 21.00 26.50
CA GLY A 362 53.40 20.34 27.55
C GLY A 362 54.80 20.90 27.61
N ASN A 363 55.24 21.46 26.50
CA ASN A 363 56.58 22.05 26.44
C ASN A 363 56.59 23.35 27.23
N ILE A 364 55.50 24.11 27.12
CA ILE A 364 55.34 25.38 27.81
C ILE A 364 55.94 25.33 29.21
N VAL A 365 56.85 26.27 29.48
CA VAL A 365 57.52 26.33 30.78
C VAL A 365 57.22 27.54 31.64
N PHE A 366 57.46 27.38 32.95
CA PHE A 366 57.24 28.45 33.91
C PHE A 366 58.25 28.33 35.03
N LYS A 367 59.37 29.01 34.87
CA LYS A 367 60.44 29.00 35.86
C LYS A 367 60.22 30.07 36.92
N LYS A 368 60.33 29.65 38.17
CA LYS A 368 60.13 30.54 39.31
C LYS A 368 60.85 31.87 39.12
N GLU A 369 60.41 32.87 39.86
CA GLU A 369 61.03 34.19 39.79
C GLU A 369 61.29 34.69 41.20
N ARG A 370 62.52 34.52 41.68
CA ARG A 370 62.91 34.93 43.03
C ARG A 370 62.81 36.44 43.26
N ASN A 371 62.42 37.18 42.21
CA ASN A 371 62.29 38.62 42.31
C ASN A 371 60.85 38.93 42.71
N THR A 372 59.91 38.48 41.88
CA THR A 372 58.48 38.68 42.08
C THR A 372 57.85 37.42 42.67
N ASP A 373 58.41 36.27 42.30
CA ASP A 373 57.95 34.97 42.76
C ASP A 373 56.75 34.45 42.00
N GLN A 374 56.65 34.88 40.75
CA GLN A 374 55.57 34.50 39.85
C GLN A 374 56.21 34.10 38.54
N ALA A 375 56.64 32.85 38.46
CA ALA A 375 57.27 32.31 37.26
C ALA A 375 56.72 32.91 35.99
N SER A 376 57.55 33.01 34.96
CA SER A 376 57.08 33.60 33.72
C SER A 376 57.26 32.72 32.50
N MET A 377 57.06 33.37 31.35
CA MET A 377 57.17 32.76 30.04
C MET A 377 58.49 33.20 29.42
N PRO A 378 59.61 32.65 29.92
CA PRO A 378 60.93 33.02 29.38
C PRO A 378 61.07 32.65 27.90
N ASP A 379 60.17 31.80 27.38
CA ASP A 379 60.21 31.40 25.97
C ASP A 379 58.85 31.42 25.27
N ASN A 380 58.82 32.07 24.11
CA ASN A 380 57.62 32.24 23.32
C ASN A 380 57.32 30.98 22.52
N THR A 381 58.24 30.52 21.69
CA THR A 381 58.05 29.35 20.84
C THR A 381 56.98 28.39 21.33
N ALA A 382 57.15 27.90 22.56
CA ALA A 382 56.22 26.97 23.16
C ALA A 382 54.77 27.36 22.87
N ALA A 383 54.19 28.15 23.78
CA ALA A 383 52.82 28.63 23.66
C ALA A 383 52.65 29.34 22.32
N GLN A 384 53.75 29.84 21.80
CA GLN A 384 53.72 30.53 20.52
C GLN A 384 53.02 29.58 19.56
N LYS A 385 53.56 28.37 19.46
CA LYS A 385 53.01 27.34 18.60
C LYS A 385 51.60 26.99 19.07
N VAL A 386 51.54 26.41 20.26
CA VAL A 386 50.27 25.99 20.86
C VAL A 386 49.08 26.89 20.53
N CYS A 387 49.24 28.20 20.76
CA CYS A 387 48.16 29.14 20.51
C CYS A 387 47.76 29.24 19.05
N HIS A 388 48.63 28.74 18.17
CA HIS A 388 48.36 28.74 16.73
C HIS A 388 47.39 27.62 16.42
N LEU A 389 47.69 26.45 16.98
CA LEU A 389 46.85 25.29 16.76
C LEU A 389 45.48 25.50 17.38
N MET A 390 45.41 26.35 18.40
CA MET A 390 44.13 26.60 19.06
C MET A 390 43.28 27.64 18.35
N GLY A 391 43.84 28.31 17.36
CA GLY A 391 43.09 29.33 16.65
C GLY A 391 42.82 30.51 17.58
N ILE A 392 43.62 30.61 18.64
CA ILE A 392 43.50 31.70 19.63
C ILE A 392 44.70 32.64 19.50
N ASN A 393 45.00 33.36 20.60
CA ASN A 393 46.12 34.30 20.62
C ASN A 393 47.10 34.20 21.78
N VAL A 394 48.35 34.47 21.46
CA VAL A 394 49.47 34.43 22.41
C VAL A 394 49.23 35.30 23.63
N THR A 395 49.70 36.54 23.52
CA THR A 395 49.60 37.56 24.56
C THR A 395 48.43 37.29 25.48
N ASP A 396 47.24 37.20 24.90
CA ASP A 396 46.06 36.95 25.69
C ASP A 396 46.32 35.68 26.47
N PHE A 397 46.42 34.56 25.75
CA PHE A 397 46.68 33.27 26.36
C PHE A 397 47.67 33.45 27.52
N THR A 398 48.85 33.96 27.19
CA THR A 398 49.90 34.16 28.17
C THR A 398 49.40 34.80 29.47
N ARG A 399 48.89 36.02 29.36
CA ARG A 399 48.38 36.72 30.53
C ARG A 399 47.45 35.75 31.25
N SER A 400 46.35 35.39 30.60
CA SER A 400 45.37 34.47 31.15
C SER A 400 46.04 33.28 31.83
N ILE A 401 47.06 32.75 31.17
CA ILE A 401 47.78 31.59 31.67
C ILE A 401 48.67 31.92 32.87
N LEU A 402 49.16 33.16 32.92
CA LEU A 402 50.03 33.57 34.02
C LEU A 402 49.32 34.42 35.08
N THR A 403 48.64 35.46 34.59
CA THR A 403 47.88 36.40 35.42
C THR A 403 46.38 36.26 35.17
N PRO A 404 45.72 35.47 36.02
CA PRO A 404 44.28 35.26 35.86
C PRO A 404 43.45 36.50 36.14
N ARG A 405 43.01 37.14 35.06
CA ARG A 405 42.18 38.34 35.16
C ARG A 405 40.79 37.90 35.60
N ILE A 406 40.78 36.99 36.57
CA ILE A 406 39.54 36.40 37.11
C ILE A 406 38.53 37.39 37.64
N LYS A 407 37.43 36.85 38.17
CA LYS A 407 36.38 37.66 38.74
C LYS A 407 35.63 36.91 39.81
N VAL A 408 36.22 36.81 41.00
CA VAL A 408 35.58 36.10 42.10
C VAL A 408 34.37 36.88 42.59
N GLY A 409 33.36 36.15 43.08
CA GLY A 409 32.14 36.77 43.60
C GLY A 409 31.78 38.12 42.99
N ARG A 410 31.59 39.12 43.86
CA ARG A 410 31.24 40.48 43.45
C ARG A 410 32.50 41.33 43.23
N ASP A 411 33.56 40.68 42.74
CA ASP A 411 34.84 41.35 42.50
C ASP A 411 35.61 40.79 41.30
N VAL A 412 36.28 41.70 40.58
CA VAL A 412 37.11 41.37 39.43
C VAL A 412 38.52 41.11 39.97
N VAL A 413 38.58 40.20 40.93
CA VAL A 413 39.83 39.85 41.57
C VAL A 413 40.93 39.53 40.56
N GLN A 414 41.65 40.54 40.09
CA GLN A 414 42.73 40.28 39.15
C GLN A 414 43.94 39.84 39.97
N LYS A 415 44.47 38.67 39.64
CA LYS A 415 45.63 38.13 40.38
C LYS A 415 46.56 37.35 39.44
N ALA A 416 47.68 36.95 40.02
CA ALA A 416 48.73 36.19 39.33
C ALA A 416 49.17 34.99 40.19
N GLN A 417 49.11 33.83 39.55
CA GLN A 417 49.46 32.54 40.16
C GLN A 417 50.99 32.38 40.26
N THR A 418 51.37 31.28 40.91
CA THR A 418 52.79 30.91 41.12
C THR A 418 53.21 29.82 40.14
N LYS A 419 54.45 29.91 39.72
CA LYS A 419 55.03 28.95 38.78
C LYS A 419 54.14 27.70 38.67
N GLU A 420 53.98 27.03 39.81
CA GLU A 420 53.18 25.80 39.91
C GLU A 420 51.80 25.99 39.26
N GLN A 421 51.01 26.84 39.90
CA GLN A 421 49.66 27.16 39.44
C GLN A 421 49.67 27.45 37.94
N ALA A 422 50.77 28.04 37.53
CA ALA A 422 50.99 28.42 36.12
C ALA A 422 50.95 27.19 35.23
N ASP A 423 51.23 26.05 35.84
CA ASP A 423 51.28 24.76 35.14
C ASP A 423 50.03 23.94 35.44
N PHE A 424 49.71 23.81 36.73
CA PHE A 424 48.53 23.03 37.14
C PHE A 424 47.37 23.41 36.24
N ALA A 425 47.49 24.57 35.61
CA ALA A 425 46.46 25.04 34.71
C ALA A 425 46.80 24.62 33.29
N ILE A 426 47.94 25.08 32.78
CA ILE A 426 48.36 24.72 31.42
C ILE A 426 48.33 23.22 31.27
N GLU A 427 48.40 22.52 32.41
CA GLU A 427 48.37 21.06 32.45
C GLU A 427 46.92 20.57 32.42
N ALA A 428 46.21 20.86 33.49
CA ALA A 428 44.83 20.45 33.59
C ALA A 428 43.98 21.12 32.51
N LEU A 429 44.65 21.81 31.59
CA LEU A 429 43.94 22.48 30.52
C LEU A 429 44.00 21.53 29.36
N ALA A 430 45.21 21.22 28.95
CA ALA A 430 45.42 20.30 27.84
C ALA A 430 44.68 19.00 28.21
N LYS A 431 44.98 18.52 29.41
CA LYS A 431 44.37 17.32 29.94
C LYS A 431 42.85 17.25 29.73
N ALA A 432 42.17 18.38 29.88
CA ALA A 432 40.73 18.41 29.68
C ALA A 432 40.41 18.75 28.24
N LYS A 433 41.36 19.37 27.54
CA LYS A 433 41.14 19.71 26.16
C LYS A 433 41.05 18.39 25.43
N PHE A 434 41.73 17.39 25.99
CA PHE A 434 41.73 16.04 25.42
C PHE A 434 40.35 15.42 25.49
N GLU A 435 39.89 15.23 26.73
CA GLU A 435 38.59 14.65 27.00
C GLU A 435 37.53 15.29 26.13
N ARG A 436 37.70 16.58 25.86
CA ARG A 436 36.76 17.33 25.03
C ARG A 436 36.80 16.71 23.65
N LEU A 437 37.89 15.99 23.35
CA LEU A 437 37.99 15.36 22.05
C LEU A 437 37.28 14.03 22.01
N PHE A 438 37.66 13.14 22.94
CA PHE A 438 37.05 11.83 23.02
C PHE A 438 35.55 11.98 22.93
N ARG A 439 34.97 12.61 23.95
CA ARG A 439 33.53 12.83 23.98
C ARG A 439 32.97 13.36 22.65
N TRP A 440 33.81 14.06 21.89
CA TRP A 440 33.39 14.62 20.60
C TRP A 440 33.30 13.55 19.55
N ILE A 441 34.41 12.86 19.34
CA ILE A 441 34.49 11.76 18.37
C ILE A 441 33.32 10.82 18.62
N LEU A 442 33.26 10.36 19.86
CA LEU A 442 32.23 9.45 20.31
C LEU A 442 30.84 9.82 19.88
N THR A 443 30.60 11.11 19.68
CA THR A 443 29.27 11.54 19.24
C THR A 443 29.24 11.72 17.74
N ARG A 444 30.43 11.62 17.14
CA ARG A 444 30.56 11.72 15.70
C ARG A 444 30.35 10.28 15.24
N VAL A 445 30.95 9.34 15.98
CA VAL A 445 30.80 7.91 15.68
C VAL A 445 29.33 7.59 15.86
N ASN A 446 28.88 7.83 17.08
CA ASN A 446 27.50 7.59 17.47
C ASN A 446 26.48 8.31 16.60
N LYS A 447 26.96 9.17 15.71
CA LYS A 447 26.07 9.92 14.83
C LYS A 447 25.71 9.11 13.61
N ALA A 448 26.56 8.15 13.27
CA ALA A 448 26.32 7.29 12.10
C ALA A 448 25.70 5.99 12.57
N LEU A 449 26.28 5.39 13.60
CA LEU A 449 25.76 4.14 14.10
C LEU A 449 24.32 4.30 14.49
N ASP A 450 23.82 5.54 14.44
CA ASP A 450 22.45 5.86 14.79
C ASP A 450 21.96 6.91 13.80
N ALA A 457 12.07 -1.70 17.82
CA ALA A 457 11.58 -2.32 19.08
C ALA A 457 12.59 -3.08 20.00
N SER A 458 13.76 -3.50 19.54
CA SER A 458 14.66 -4.31 20.45
C SER A 458 16.13 -3.86 20.42
N PHE A 459 16.84 -4.18 21.51
CA PHE A 459 18.27 -3.84 21.65
C PHE A 459 19.08 -4.90 22.34
N LEU A 460 20.32 -5.07 21.91
CA LEU A 460 21.18 -6.06 22.56
C LEU A 460 22.22 -5.24 23.30
N GLY A 461 22.47 -5.56 24.55
CA GLY A 461 23.47 -4.80 25.27
C GLY A 461 24.77 -5.54 25.54
N ILE A 462 25.89 -4.96 25.12
CA ILE A 462 27.22 -5.54 25.33
C ILE A 462 28.02 -4.63 26.26
N LEU A 463 28.38 -5.11 27.45
CA LEU A 463 29.15 -4.28 28.39
C LEU A 463 30.64 -4.60 28.63
N ASP A 464 31.47 -3.65 28.24
CA ASP A 464 32.89 -3.74 28.37
C ASP A 464 33.34 -2.70 29.39
N ILE A 465 33.32 -3.06 30.67
CA ILE A 465 33.78 -2.12 31.68
C ILE A 465 35.28 -2.33 31.83
N ALA A 466 35.98 -1.42 32.48
CA ALA A 466 37.42 -1.61 32.67
C ALA A 466 37.55 -2.58 33.85
N GLY A 467 38.49 -3.49 33.74
CA GLY A 467 38.68 -4.56 34.72
C GLY A 467 39.50 -4.13 35.94
N PHE A 468 39.12 -4.75 37.06
CA PHE A 468 39.81 -4.58 38.33
C PHE A 468 41.28 -4.43 38.02
N GLU A 469 41.80 -3.29 38.33
CA GLU A 469 43.20 -2.99 38.10
C GLU A 469 43.76 -2.39 39.35
N ILE A 470 44.95 -2.82 39.67
CA ILE A 470 45.54 -2.34 40.90
C ILE A 470 47.08 -2.26 40.85
N PHE A 471 47.62 -1.10 40.46
CA PHE A 471 49.05 -0.96 40.26
C PHE A 471 49.75 -0.57 41.56
N GLU A 472 50.66 0.44 41.43
CA GLU A 472 51.47 0.97 42.53
C GLU A 472 50.72 2.13 43.16
N ILE A 473 50.55 3.19 42.38
CA ILE A 473 49.83 4.36 42.82
C ILE A 473 48.34 4.08 42.60
N ASN A 474 47.60 3.85 43.68
CA ASN A 474 46.19 3.56 43.52
C ASN A 474 45.33 4.80 43.63
N SER A 475 45.45 5.62 42.60
CA SER A 475 44.73 6.89 42.51
C SER A 475 43.22 6.76 42.56
N PHE A 476 42.56 7.91 42.38
CA PHE A 476 41.11 7.99 42.41
C PHE A 476 40.51 7.07 41.36
N GLU A 477 40.94 7.26 40.11
CA GLU A 477 40.50 6.48 38.96
C GLU A 477 40.36 5.01 39.35
N GLN A 478 41.46 4.42 39.81
CA GLN A 478 41.51 3.04 40.25
C GLN A 478 40.43 2.78 41.29
N LEU A 479 40.01 3.81 42.00
CA LEU A 479 38.98 3.64 43.02
C LEU A 479 37.59 3.45 42.45
N CYS A 480 37.21 4.27 41.48
CA CYS A 480 35.90 4.13 40.86
C CYS A 480 35.91 2.89 39.97
N ILE A 481 37.04 2.64 39.32
CA ILE A 481 37.18 1.49 38.45
C ILE A 481 36.95 0.21 39.25
N ASN A 482 37.76 -0.02 40.29
CA ASN A 482 37.60 -1.22 41.11
C ASN A 482 36.28 -1.14 41.87
N TYR A 483 35.62 0.01 41.81
CA TYR A 483 34.33 0.22 42.47
C TYR A 483 33.30 -0.47 41.57
N THR A 484 33.21 -0.02 40.32
CA THR A 484 32.30 -0.57 39.32
C THR A 484 32.44 -2.07 39.27
N ASN A 485 33.69 -2.53 39.21
CA ASN A 485 33.99 -3.96 39.16
C ASN A 485 33.32 -4.67 40.34
N GLU A 486 33.42 -4.09 41.53
CA GLU A 486 32.78 -4.65 42.72
C GLU A 486 31.26 -4.55 42.51
N LYS A 487 30.84 -3.47 41.89
CA LYS A 487 29.43 -3.20 41.62
C LYS A 487 28.84 -4.29 40.77
N LEU A 488 29.36 -4.38 39.55
CA LEU A 488 28.92 -5.37 38.58
C LEU A 488 28.84 -6.76 39.18
N GLN A 489 29.93 -7.24 39.77
CA GLN A 489 29.95 -8.58 40.34
C GLN A 489 28.70 -8.81 41.16
N GLN A 490 28.43 -7.90 42.09
CA GLN A 490 27.25 -7.99 42.93
C GLN A 490 25.98 -8.19 42.11
N LEU A 491 25.96 -7.62 40.91
CA LEU A 491 24.79 -7.77 40.03
C LEU A 491 24.60 -9.25 39.76
N PHE A 492 25.69 -9.91 39.37
CA PHE A 492 25.68 -11.32 39.07
C PHE A 492 25.22 -12.10 40.27
N ASN A 493 25.65 -11.67 41.45
CA ASN A 493 25.28 -12.33 42.70
C ASN A 493 23.77 -12.21 42.92
N HIS A 494 23.23 -11.05 42.63
CA HIS A 494 21.80 -10.80 42.83
C HIS A 494 20.96 -11.63 41.92
N THR A 495 21.15 -11.39 40.63
CA THR A 495 20.42 -12.09 39.59
C THR A 495 20.65 -13.62 39.60
N MET A 496 21.77 -14.05 40.18
CA MET A 496 22.12 -15.47 40.21
C MET A 496 21.59 -16.27 41.39
N PHE A 497 21.64 -15.72 42.59
CA PHE A 497 21.16 -16.43 43.75
C PHE A 497 19.95 -15.76 44.38
N ILE A 498 20.07 -14.47 44.68
CA ILE A 498 18.99 -13.72 45.32
C ILE A 498 17.68 -13.76 44.56
N LEU A 499 17.65 -13.09 43.42
CA LEU A 499 16.47 -13.01 42.60
C LEU A 499 15.84 -14.34 42.30
N GLU A 500 16.64 -15.26 41.76
CA GLU A 500 16.15 -16.59 41.37
C GLU A 500 15.35 -17.25 42.47
N GLN A 501 15.83 -17.21 43.70
CA GLN A 501 15.09 -17.85 44.77
C GLN A 501 13.80 -17.14 45.19
N GLU A 502 13.74 -15.82 44.99
CA GLU A 502 12.54 -15.06 45.32
C GLU A 502 11.36 -15.58 44.51
N GLU A 503 11.55 -15.70 43.18
CA GLU A 503 10.51 -16.20 42.28
C GLU A 503 10.05 -17.63 42.62
N TYR A 504 10.96 -18.42 43.18
CA TYR A 504 10.61 -19.77 43.57
C TYR A 504 9.56 -19.60 44.69
N GLN A 505 9.81 -18.63 45.56
CA GLN A 505 8.89 -18.32 46.64
C GLN A 505 7.56 -17.81 46.07
N ARG A 506 7.65 -16.72 45.32
CA ARG A 506 6.50 -16.10 44.70
C ARG A 506 5.52 -17.11 44.13
N GLU A 507 5.97 -17.88 43.13
CA GLU A 507 5.12 -18.87 42.49
C GLU A 507 4.69 -19.92 43.50
N GLY A 508 5.42 -19.96 44.61
CA GLY A 508 5.13 -20.89 45.69
C GLY A 508 5.36 -22.36 45.39
N ILE A 509 6.55 -22.66 44.89
CA ILE A 509 6.89 -24.04 44.56
C ILE A 509 7.55 -24.66 45.77
N GLU A 510 7.58 -25.99 45.80
CA GLU A 510 8.19 -26.71 46.91
C GLU A 510 9.67 -26.41 46.89
N TRP A 511 10.09 -25.38 47.62
CA TRP A 511 11.50 -25.01 47.63
C TRP A 511 11.95 -24.36 48.93
N ASN A 512 13.16 -24.70 49.35
CA ASN A 512 13.74 -24.12 50.56
C ASN A 512 14.94 -23.28 50.13
N PHE A 513 15.15 -22.17 50.83
CA PHE A 513 16.23 -21.26 50.51
C PHE A 513 17.59 -21.86 50.67
N ILE A 514 18.58 -21.24 50.05
CA ILE A 514 19.96 -21.70 50.11
C ILE A 514 20.85 -20.47 50.14
N ASP A 515 21.67 -20.35 51.18
CA ASP A 515 22.55 -19.19 51.30
C ASP A 515 23.92 -19.44 50.72
N PHE A 516 24.14 -18.89 49.53
CA PHE A 516 25.40 -19.05 48.84
C PHE A 516 26.46 -18.13 49.42
N GLY A 517 26.06 -17.31 50.40
CA GLY A 517 26.98 -16.38 51.02
C GLY A 517 27.78 -15.60 49.98
N LEU A 518 27.09 -14.76 49.22
CA LEU A 518 27.77 -13.97 48.21
C LEU A 518 27.18 -12.56 48.15
N ASP A 519 27.74 -11.66 48.97
CA ASP A 519 27.27 -10.28 49.02
C ASP A 519 28.39 -9.30 49.23
N LEU A 520 28.34 -8.19 48.50
CA LEU A 520 29.35 -7.17 48.62
C LEU A 520 28.68 -5.81 48.85
N GLN A 521 27.37 -5.83 49.13
CA GLN A 521 26.66 -4.59 49.37
C GLN A 521 27.52 -3.75 50.30
N PRO A 522 27.93 -4.33 51.43
CA PRO A 522 28.77 -3.63 52.39
C PRO A 522 29.86 -2.82 51.68
N CYS A 523 30.84 -3.51 51.10
CA CYS A 523 31.93 -2.82 50.42
C CYS A 523 31.45 -1.75 49.45
N ILE A 524 30.15 -1.71 49.13
CA ILE A 524 29.66 -0.67 48.23
C ILE A 524 29.24 0.53 49.07
N GLU A 525 28.54 0.27 50.15
CA GLU A 525 28.13 1.35 51.02
C GLU A 525 29.37 2.17 51.45
N LEU A 526 30.43 1.47 51.87
CA LEU A 526 31.66 2.10 52.32
C LEU A 526 32.17 3.10 51.30
N ILE A 527 31.61 3.09 50.10
CA ILE A 527 32.08 3.99 49.07
C ILE A 527 30.95 4.60 48.23
N GLU A 528 29.76 4.05 48.41
CA GLU A 528 28.60 4.49 47.64
C GLU A 528 27.67 5.35 48.46
N ARG A 529 27.11 4.76 49.51
CA ARG A 529 26.19 5.45 50.39
C ARG A 529 26.63 6.88 50.69
N PRO A 530 25.66 7.82 50.75
CA PRO A 530 25.85 9.24 51.03
C PRO A 530 25.56 9.65 52.48
N THR A 531 24.33 10.10 52.71
CA THR A 531 23.93 10.50 54.05
C THR A 531 24.07 9.26 54.91
N ASN A 532 23.76 9.38 56.18
CA ASN A 532 23.90 8.23 57.07
C ASN A 532 25.36 7.86 56.93
N PRO A 533 25.79 6.72 57.51
CA PRO A 533 27.20 6.37 57.37
C PRO A 533 27.69 6.73 55.97
N PRO A 534 28.43 7.85 55.85
CA PRO A 534 28.94 8.30 54.54
C PRO A 534 29.85 7.29 53.85
N GLY A 535 30.01 7.46 52.54
CA GLY A 535 30.86 6.59 51.76
C GLY A 535 32.12 7.34 51.41
N VAL A 536 33.18 6.61 51.07
CA VAL A 536 34.44 7.23 50.72
C VAL A 536 34.22 8.39 49.75
N LEU A 537 33.36 8.18 48.77
CA LEU A 537 33.09 9.22 47.77
C LEU A 537 32.43 10.43 48.41
N ALA A 538 31.48 10.16 49.29
CA ALA A 538 30.75 11.20 50.01
C ALA A 538 31.67 12.24 50.63
N LEU A 539 32.44 11.81 51.63
CA LEU A 539 33.38 12.68 52.30
C LEU A 539 34.16 13.49 51.28
N LEU A 540 35.03 12.83 50.54
CA LEU A 540 35.84 13.52 49.52
C LEU A 540 35.06 14.52 48.68
N ASP A 541 33.72 14.49 48.77
CA ASP A 541 32.88 15.40 47.99
C ASP A 541 32.67 16.74 48.69
N GLU A 542 32.17 16.68 49.92
CA GLU A 542 31.93 17.89 50.68
C GLU A 542 33.27 18.45 51.21
N GLU A 543 34.08 17.57 51.78
CA GLU A 543 35.39 17.91 52.32
C GLU A 543 36.24 18.53 51.22
N CYS A 544 35.68 18.48 50.02
CA CYS A 544 36.32 19.03 48.84
C CYS A 544 35.90 20.48 48.71
N TRP A 545 34.87 20.85 49.46
CA TRP A 545 34.36 22.21 49.44
C TRP A 545 34.52 22.90 50.80
N PHE A 546 35.78 23.03 51.23
CA PHE A 546 36.12 23.67 52.51
C PHE A 546 37.63 23.95 52.48
N PRO A 547 38.00 25.24 52.58
CA PRO A 547 39.38 25.75 52.57
C PRO A 547 40.40 24.96 53.40
N LYS A 548 40.24 24.96 54.71
CA LYS A 548 41.16 24.28 55.62
C LYS A 548 41.06 22.76 55.52
N ALA A 549 41.01 22.25 54.30
CA ALA A 549 40.92 20.82 54.03
C ALA A 549 41.92 20.40 52.96
N THR A 550 42.53 19.25 53.19
CA THR A 550 43.49 18.68 52.26
C THR A 550 43.29 17.19 52.21
N ASP A 551 43.70 16.63 51.06
CA ASP A 551 43.64 15.22 50.87
C ASP A 551 43.84 14.48 52.19
N THR A 552 44.85 15.01 52.89
CA THR A 552 45.18 14.50 54.21
C THR A 552 43.96 14.69 55.07
N SER A 553 43.65 15.96 55.35
CA SER A 553 42.50 16.29 56.15
C SER A 553 41.38 15.28 55.83
N PHE A 554 41.16 15.07 54.54
CA PHE A 554 40.16 14.13 54.07
C PHE A 554 40.34 12.77 54.74
N VAL A 555 41.39 12.07 54.33
CA VAL A 555 41.72 10.76 54.88
C VAL A 555 41.45 10.62 56.37
N GLU A 556 42.00 11.57 57.14
CA GLU A 556 41.84 11.59 58.59
C GLU A 556 40.37 11.50 58.93
N LYS A 557 39.58 12.32 58.26
CA LYS A 557 38.14 12.33 58.46
C LYS A 557 37.68 10.95 58.00
N LEU A 558 38.24 10.49 56.88
CA LEU A 558 37.88 9.18 56.34
C LEU A 558 37.95 8.15 57.45
N ILE A 559 39.06 8.15 58.18
CA ILE A 559 39.24 7.21 59.27
C ILE A 559 38.13 7.47 60.28
N GLN A 560 37.75 8.73 60.43
CA GLN A 560 36.70 9.11 61.37
C GLN A 560 35.43 8.29 61.14
N GLU A 561 34.81 8.50 59.99
CA GLU A 561 33.58 7.79 59.65
C GLU A 561 33.74 6.29 59.60
N GLN A 562 34.22 5.79 58.46
CA GLN A 562 34.44 4.36 58.27
C GLN A 562 35.25 3.81 59.42
N GLY A 563 36.54 4.10 59.42
CA GLY A 563 37.42 3.64 60.48
C GLY A 563 37.39 2.15 60.76
N ASN A 564 36.34 1.70 61.45
CA ASN A 564 36.20 0.29 61.79
C ASN A 564 35.29 -0.49 60.84
N HIS A 565 35.07 0.04 59.64
CA HIS A 565 34.23 -0.63 58.66
C HIS A 565 34.82 -2.00 58.31
N ALA A 566 33.99 -3.03 58.45
CA ALA A 566 34.43 -4.38 58.17
C ALA A 566 35.19 -4.47 56.86
N LYS A 567 34.93 -3.52 55.96
CA LYS A 567 35.59 -3.49 54.66
C LYS A 567 36.66 -2.40 54.53
N PHE A 568 36.96 -1.72 55.62
CA PHE A 568 37.98 -0.69 55.61
C PHE A 568 39.20 -1.15 56.40
N GLN A 569 40.32 -0.52 56.12
CA GLN A 569 41.57 -0.80 56.77
C GLN A 569 42.54 0.37 56.51
N LYS A 570 43.31 0.71 57.53
CA LYS A 570 44.28 1.82 57.44
C LYS A 570 45.61 1.33 56.85
N SER A 571 46.27 2.26 56.17
CA SER A 571 47.54 2.01 55.45
C SER A 571 48.66 1.49 56.36
N LYS A 572 49.85 1.46 55.78
CA LYS A 572 51.07 1.01 56.45
C LYS A 572 51.77 2.20 57.10
N GLN A 573 51.05 2.84 58.01
CA GLN A 573 51.54 4.01 58.73
C GLN A 573 52.24 4.96 57.74
N LEU A 574 51.54 5.23 56.65
CA LEU A 574 52.05 6.13 55.61
C LEU A 574 51.01 7.20 55.28
N LYS A 575 50.46 7.74 56.36
CA LYS A 575 49.51 8.84 56.25
C LYS A 575 50.28 10.06 55.76
N ASP A 576 51.58 9.83 55.62
CA ASP A 576 52.48 10.85 55.07
C ASP A 576 52.05 11.06 53.63
N LYS A 577 51.81 9.93 53.01
CA LYS A 577 51.27 9.88 51.67
C LYS A 577 49.75 9.89 51.85
N THR A 578 49.40 9.48 53.05
CA THR A 578 48.00 9.37 53.50
C THR A 578 47.25 8.48 52.52
N GLU A 579 47.25 7.21 52.85
CA GLU A 579 46.60 6.18 52.03
C GLU A 579 45.68 5.33 52.90
N PHE A 580 44.73 4.70 52.25
CA PHE A 580 43.79 3.81 52.94
C PHE A 580 43.57 2.54 52.14
N CYS A 581 42.98 1.55 52.80
CA CYS A 581 42.70 0.27 52.17
C CYS A 581 41.22 -0.07 52.28
N ILE A 582 40.74 -0.90 51.35
CA ILE A 582 39.35 -1.35 51.33
C ILE A 582 39.36 -2.76 50.78
N LEU A 583 38.61 -3.64 51.43
CA LEU A 583 38.55 -5.03 50.99
C LEU A 583 37.55 -5.32 49.85
N HIS A 584 38.01 -5.15 48.61
CA HIS A 584 37.16 -5.42 47.47
C HIS A 584 36.83 -6.89 47.39
N TYR A 585 36.27 -7.34 46.29
CA TYR A 585 35.94 -8.75 46.14
C TYR A 585 37.17 -9.41 45.54
N ALA A 586 37.85 -8.66 44.68
CA ALA A 586 39.04 -9.15 44.01
C ALA A 586 40.24 -9.01 44.91
N GLY A 587 40.03 -8.49 46.12
CA GLY A 587 41.13 -8.35 47.07
C GLY A 587 41.38 -6.95 47.61
N LYS A 588 42.37 -6.85 48.52
CA LYS A 588 42.73 -5.58 49.15
C LYS A 588 43.53 -4.65 48.26
N VAL A 589 43.36 -3.35 48.50
CA VAL A 589 44.04 -2.32 47.73
C VAL A 589 44.38 -1.11 48.58
N THR A 590 45.59 -0.57 48.42
CA THR A 590 46.00 0.60 49.19
C THR A 590 45.95 1.83 48.27
N TYR A 591 44.90 2.62 48.43
CA TYR A 591 44.72 3.81 47.61
C TYR A 591 45.45 5.00 48.19
N ASN A 592 45.91 5.90 47.32
CA ASN A 592 46.62 7.12 47.73
C ASN A 592 45.71 8.32 47.54
N ALA A 593 45.02 8.69 48.62
CA ALA A 593 44.07 9.78 48.64
C ALA A 593 44.61 11.11 48.14
N SER A 594 45.92 11.20 47.99
CA SER A 594 46.54 12.43 47.51
C SER A 594 45.87 13.03 46.27
N ALA A 595 45.89 14.35 46.20
CA ALA A 595 45.33 15.08 45.07
C ALA A 595 43.88 14.71 44.70
N TRP A 596 43.20 14.02 45.58
CA TRP A 596 41.83 13.56 45.29
C TRP A 596 40.81 14.71 45.22
N LEU A 597 40.94 15.67 46.11
CA LEU A 597 40.01 16.81 46.15
C LEU A 597 40.09 17.63 44.86
N THR A 598 41.30 17.74 44.32
CA THR A 598 41.52 18.51 43.07
C THR A 598 40.81 17.85 41.92
N LYS A 599 41.13 16.58 41.70
CA LYS A 599 40.54 15.79 40.62
C LYS A 599 39.03 15.78 40.79
N ASN A 600 38.59 15.48 42.00
CA ASN A 600 37.17 15.42 42.32
C ASN A 600 36.43 16.74 42.02
N MET A 601 37.18 17.82 41.84
CA MET A 601 36.60 19.14 41.56
C MET A 601 36.75 19.54 40.10
N ASP A 602 37.86 19.14 39.50
CA ASP A 602 38.15 19.43 38.10
C ASP A 602 38.01 20.91 37.81
N PRO A 603 38.96 21.70 38.31
CA PRO A 603 38.99 23.15 38.11
C PRO A 603 39.88 23.53 36.94
N LEU A 604 39.79 24.80 36.48
CA LEU A 604 40.67 25.20 35.38
C LEU A 604 40.42 26.66 34.97
N ASN A 605 41.53 27.29 34.52
CA ASN A 605 41.56 28.67 34.07
C ASN A 605 40.55 29.02 32.98
N ASP A 606 39.41 29.50 33.43
CA ASP A 606 38.34 29.92 32.55
C ASP A 606 38.83 31.04 31.63
N ASN A 607 39.84 31.78 32.08
CA ASN A 607 40.37 32.89 31.30
C ASN A 607 40.69 32.40 29.90
N VAL A 608 41.50 31.35 29.84
CA VAL A 608 41.91 30.78 28.57
C VAL A 608 40.73 29.94 28.05
N THR A 609 39.95 29.39 28.98
CA THR A 609 38.78 28.60 28.60
C THR A 609 37.97 29.35 27.54
N SER A 610 37.27 30.38 27.98
CA SER A 610 36.44 31.22 27.11
C SER A 610 37.28 31.80 25.99
N LEU A 611 38.55 32.05 26.28
CA LEU A 611 39.47 32.59 25.28
C LEU A 611 39.29 31.78 23.99
N LEU A 612 39.19 30.47 24.16
CA LEU A 612 39.01 29.57 23.03
C LEU A 612 37.55 29.60 22.59
N ASN A 613 36.66 29.58 23.57
CA ASN A 613 35.23 29.58 23.31
C ASN A 613 34.81 30.37 22.08
N GLN A 614 35.65 31.30 21.65
CA GLN A 614 35.35 32.11 20.47
C GLN A 614 36.54 32.16 19.53
N SER A 615 37.49 31.25 19.73
CA SER A 615 38.67 31.17 18.88
C SER A 615 38.31 31.13 17.39
N SER A 616 39.28 31.49 16.56
CA SER A 616 39.09 31.51 15.11
C SER A 616 38.83 30.13 14.57
N ASP A 617 39.54 29.14 15.12
CA ASP A 617 39.42 27.74 14.71
C ASP A 617 38.10 27.10 15.10
N LYS A 618 37.20 26.98 14.12
CA LYS A 618 35.88 26.42 14.35
C LYS A 618 35.88 25.10 15.10
N PHE A 619 36.69 24.16 14.63
CA PHE A 619 36.76 22.87 15.28
C PHE A 619 36.96 23.08 16.78
N VAL A 620 37.95 23.90 17.14
CA VAL A 620 38.21 24.16 18.55
C VAL A 620 37.05 24.97 19.08
N ALA A 621 36.37 25.65 18.17
CA ALA A 621 35.22 26.47 18.53
C ALA A 621 34.10 25.59 19.08
N ASP A 622 33.59 24.72 18.21
CA ASP A 622 32.52 23.82 18.58
C ASP A 622 32.95 22.88 19.69
N LEU A 623 34.23 22.54 19.69
CA LEU A 623 34.78 21.66 20.71
C LEU A 623 34.45 22.28 22.06
N TRP A 624 34.88 23.52 22.22
CA TRP A 624 34.67 24.24 23.44
C TRP A 624 33.32 25.00 23.53
N LYS A 625 32.73 25.26 22.38
CA LYS A 625 31.46 26.00 22.24
C LYS A 625 30.58 25.99 23.52
N ASP A 626 30.78 25.00 24.38
CA ASP A 626 30.01 24.87 25.64
C ASP A 626 30.96 24.88 26.85
N VAL A 627 31.15 26.07 27.40
CA VAL A 627 32.09 26.29 28.51
C VAL A 627 31.39 26.83 29.77
N ASP A 628 30.09 26.81 29.76
CA ASP A 628 29.30 27.41 30.86
C ASP A 628 29.55 26.77 32.23
N ARG A 629 30.17 25.60 32.29
CA ARG A 629 30.37 24.92 33.60
C ARG A 629 31.79 25.12 34.17
N ILE A 630 32.68 25.68 33.39
CA ILE A 630 34.08 25.92 33.84
C ILE A 630 34.05 26.51 35.26
N VAL A 631 35.18 26.41 35.94
CA VAL A 631 35.34 26.90 37.33
C VAL A 631 36.29 28.11 37.37
N GLY A 632 35.82 29.20 37.95
CA GLY A 632 36.63 30.40 38.07
C GLY A 632 36.36 31.08 39.40
N LEU A 633 36.85 30.47 40.48
CA LEU A 633 36.62 31.03 41.81
C LEU A 633 37.45 30.30 42.87
N PHE A 655 30.08 23.43 40.32
CA PHE A 655 28.66 22.97 40.35
C PHE A 655 28.54 21.55 40.90
N ARG A 656 28.51 20.57 40.00
CA ARG A 656 28.40 19.18 40.42
C ARG A 656 29.74 18.48 40.50
N THR A 657 29.85 17.59 41.49
CA THR A 657 31.07 16.85 41.76
C THR A 657 31.31 15.65 40.82
N VAL A 658 32.57 15.41 40.47
CA VAL A 658 32.93 14.29 39.59
C VAL A 658 32.34 12.99 40.13
N GLY A 659 32.75 12.63 41.33
CA GLY A 659 32.25 11.41 41.93
C GLY A 659 30.75 11.19 41.89
N GLN A 660 29.96 12.26 41.84
CA GLN A 660 28.52 12.10 41.80
C GLN A 660 28.04 12.28 40.38
N LEU A 661 28.86 12.93 39.56
CA LEU A 661 28.52 13.12 38.15
C LEU A 661 28.53 11.71 37.56
N TYR A 662 29.60 10.99 37.88
CA TYR A 662 29.78 9.61 37.44
C TYR A 662 28.68 8.83 38.15
N LYS A 663 28.93 8.52 39.41
CA LYS A 663 28.00 7.77 40.25
C LYS A 663 26.51 8.00 39.98
N GLU A 664 26.19 8.98 39.14
CA GLU A 664 24.80 9.29 38.82
C GLU A 664 24.44 8.59 37.54
N GLN A 665 25.33 8.66 36.55
CA GLN A 665 25.08 8.01 35.27
C GLN A 665 25.24 6.50 35.41
N LEU A 666 26.12 6.09 36.32
CA LEU A 666 26.37 4.67 36.56
C LEU A 666 25.20 4.03 37.27
N THR A 667 24.16 4.80 37.54
CA THR A 667 22.98 4.25 38.19
C THR A 667 21.96 4.18 37.08
N LYS A 668 22.23 4.97 36.03
CA LYS A 668 21.37 4.99 34.89
C LYS A 668 21.66 3.62 34.29
N LEU A 669 22.94 3.36 34.03
CA LEU A 669 23.34 2.07 33.45
C LEU A 669 22.84 0.91 34.29
N MET A 670 23.20 0.88 35.57
CA MET A 670 22.75 -0.20 36.44
C MET A 670 21.23 -0.38 36.39
N THR A 671 20.52 0.63 35.89
CA THR A 671 19.06 0.59 35.80
C THR A 671 18.55 -0.16 34.58
N THR A 672 19.10 0.13 33.40
CA THR A 672 18.67 -0.56 32.20
C THR A 672 19.08 -2.03 32.26
N LEU A 673 20.27 -2.30 32.76
CA LEU A 673 20.75 -3.68 32.87
C LEU A 673 19.74 -4.49 33.65
N ARG A 674 19.19 -3.91 34.70
CA ARG A 674 18.21 -4.60 35.54
C ARG A 674 16.89 -4.74 34.82
N ASN A 675 16.81 -4.12 33.65
CA ASN A 675 15.60 -4.17 32.86
C ASN A 675 15.77 -4.98 31.58
N THR A 676 16.92 -5.63 31.46
CA THR A 676 17.23 -6.45 30.29
C THR A 676 17.51 -7.87 30.76
N ASN A 677 17.90 -8.73 29.85
CA ASN A 677 18.22 -10.08 30.27
C ASN A 677 19.72 -10.26 30.16
N PRO A 678 20.37 -10.51 31.29
CA PRO A 678 21.82 -10.69 31.37
C PRO A 678 22.32 -12.03 30.87
N ASN A 679 23.46 -11.99 30.18
CA ASN A 679 24.15 -13.15 29.64
C ASN A 679 25.60 -12.88 30.07
N PHE A 680 26.07 -13.59 31.08
CA PHE A 680 27.43 -13.42 31.61
C PHE A 680 28.55 -14.22 30.93
N VAL A 681 29.63 -13.53 30.56
CA VAL A 681 30.74 -14.19 29.90
C VAL A 681 31.99 -13.99 30.76
N ARG A 682 32.02 -14.62 31.92
CA ARG A 682 33.16 -14.51 32.86
C ARG A 682 34.61 -14.74 32.39
N CYS A 683 35.24 -13.74 31.79
CA CYS A 683 36.64 -13.87 31.35
C CYS A 683 37.53 -14.25 32.54
N ILE A 684 38.59 -14.99 32.26
CA ILE A 684 39.52 -15.43 33.29
C ILE A 684 40.98 -15.34 32.88
N ILE A 685 41.76 -14.58 33.64
CA ILE A 685 43.19 -14.42 33.36
C ILE A 685 43.95 -15.67 33.82
N PRO A 686 44.78 -16.23 32.92
CA PRO A 686 45.58 -17.44 33.15
C PRO A 686 46.87 -17.23 33.91
N ASN A 687 47.49 -16.08 33.65
CA ASN A 687 48.74 -15.72 34.28
C ASN A 687 49.00 -14.24 34.08
N HIS A 688 49.87 -13.71 34.93
CA HIS A 688 50.26 -12.30 34.91
C HIS A 688 51.55 -12.09 34.15
N GLU A 689 52.16 -13.19 33.73
CA GLU A 689 53.40 -13.14 32.98
C GLU A 689 53.11 -12.83 31.51
N LYS A 690 51.85 -12.64 31.17
CA LYS A 690 51.46 -12.35 29.79
C LYS A 690 52.01 -13.48 28.91
N ARG A 691 52.10 -14.67 29.50
CA ARG A 691 52.61 -15.84 28.82
C ARG A 691 51.47 -16.65 28.27
N ALA A 692 51.66 -17.18 27.07
CA ALA A 692 50.65 -18.02 26.46
C ALA A 692 51.06 -19.46 26.81
N GLY A 693 50.09 -20.34 26.98
CA GLY A 693 50.44 -21.70 27.31
C GLY A 693 50.83 -21.87 28.77
N LYS A 694 50.96 -20.77 29.47
CA LYS A 694 51.28 -20.83 30.89
C LYS A 694 49.98 -20.64 31.68
N LEU A 695 49.69 -21.54 32.63
CA LEU A 695 48.45 -21.38 33.38
C LEU A 695 48.63 -21.60 34.88
N ASP A 696 48.64 -20.50 35.62
CA ASP A 696 48.80 -20.51 37.07
C ASP A 696 47.58 -21.07 37.78
N ALA A 697 47.77 -22.19 38.44
CA ALA A 697 46.71 -22.89 39.14
C ALA A 697 45.92 -22.06 40.14
N HIS A 698 46.59 -21.58 41.17
CA HIS A 698 45.90 -20.81 42.19
C HIS A 698 45.35 -19.48 41.70
N LEU A 699 46.10 -18.79 40.86
CA LEU A 699 45.62 -17.50 40.33
C LEU A 699 44.27 -17.72 39.68
N VAL A 700 44.14 -18.85 39.00
CA VAL A 700 42.90 -19.18 38.34
C VAL A 700 41.95 -19.84 39.33
N LEU A 701 42.49 -20.31 40.45
CA LEU A 701 41.64 -20.93 41.45
C LEU A 701 40.90 -19.85 42.19
N GLU A 702 41.58 -18.74 42.51
CA GLU A 702 40.95 -17.65 43.23
C GLU A 702 39.84 -16.99 42.37
N GLN A 703 40.19 -16.65 41.14
CA GLN A 703 39.23 -16.04 40.25
C GLN A 703 37.94 -16.83 40.32
N LEU A 704 38.01 -18.14 40.13
CA LEU A 704 36.83 -18.97 40.21
C LEU A 704 36.19 -18.88 41.60
N ARG A 705 36.91 -18.28 42.55
CA ARG A 705 36.41 -18.13 43.92
C ARG A 705 35.66 -16.81 44.10
N CYS A 706 36.33 -15.70 43.82
CA CYS A 706 35.73 -14.38 43.97
C CYS A 706 34.66 -14.03 42.93
N ASN A 707 34.53 -14.88 41.91
CA ASN A 707 33.57 -14.68 40.82
C ASN A 707 32.26 -15.43 41.03
N GLY A 708 32.30 -16.39 41.96
CA GLY A 708 31.11 -17.16 42.27
C GLY A 708 30.76 -18.26 41.30
N VAL A 709 31.76 -18.80 40.60
CA VAL A 709 31.51 -19.85 39.61
C VAL A 709 30.80 -21.05 40.19
N LEU A 710 31.45 -21.75 41.10
CA LEU A 710 30.83 -22.93 41.68
C LEU A 710 29.37 -22.72 42.05
N GLU A 711 29.11 -21.77 42.94
CA GLU A 711 27.75 -21.46 43.39
C GLU A 711 26.95 -21.20 42.15
N GLY A 712 27.52 -20.41 41.26
CA GLY A 712 26.85 -20.10 40.02
C GLY A 712 26.39 -21.35 39.30
N ILE A 713 26.95 -22.49 39.69
CA ILE A 713 26.59 -23.74 39.04
C ILE A 713 25.66 -24.59 39.91
N ARG A 714 25.82 -24.51 41.23
CA ARG A 714 25.00 -25.28 42.15
C ARG A 714 23.51 -25.10 41.86
N ILE A 715 23.07 -23.86 41.78
CA ILE A 715 21.65 -23.56 41.54
C ILE A 715 21.17 -24.12 40.19
N CYS A 716 22.04 -24.11 39.20
CA CYS A 716 21.69 -24.66 37.86
C CYS A 716 21.40 -26.15 38.01
N ARG A 717 22.09 -26.79 38.95
CA ARG A 717 21.88 -28.19 39.21
C ARG A 717 20.82 -28.30 40.31
N GLN A 718 20.94 -27.48 41.35
CA GLN A 718 20.01 -27.49 42.45
C GLN A 718 18.59 -27.07 42.09
N GLY A 719 18.43 -25.83 41.64
CA GLY A 719 17.11 -25.30 41.30
C GLY A 719 16.59 -25.60 39.91
N PHE A 720 15.59 -24.83 39.47
CA PHE A 720 14.97 -25.03 38.18
C PHE A 720 15.07 -23.76 37.36
N PRO A 721 16.22 -23.50 36.70
CA PRO A 721 16.50 -22.31 35.88
C PRO A 721 15.65 -22.07 34.67
N ASN A 722 14.68 -22.94 34.44
CA ASN A 722 13.78 -22.77 33.30
C ASN A 722 12.36 -22.79 33.78
N ARG A 723 11.57 -21.85 33.28
CA ARG A 723 10.18 -21.75 33.69
C ARG A 723 9.38 -21.34 32.49
N ILE A 724 8.12 -21.75 32.47
CA ILE A 724 7.26 -21.46 31.36
C ILE A 724 5.84 -21.41 31.88
N VAL A 725 5.09 -20.41 31.47
CA VAL A 725 3.71 -20.21 31.88
C VAL A 725 2.70 -21.20 31.28
N PHE A 726 1.76 -21.61 32.11
CA PHE A 726 0.76 -22.59 31.74
C PHE A 726 0.17 -22.52 30.36
N GLN A 727 0.16 -21.36 29.74
CA GLN A 727 -0.46 -21.26 28.42
C GLN A 727 0.48 -21.60 27.30
N GLU A 728 1.66 -21.02 27.36
CA GLU A 728 2.64 -21.29 26.34
C GLU A 728 3.05 -22.75 26.36
N PHE A 729 2.93 -23.39 27.52
CA PHE A 729 3.30 -24.80 27.61
C PHE A 729 2.26 -25.72 26.97
N ARG A 730 0.99 -25.53 27.27
CA ARG A 730 -0.04 -26.37 26.68
C ARG A 730 -0.18 -25.96 25.21
N GLN A 731 0.57 -24.92 24.84
CA GLN A 731 0.55 -24.39 23.47
C GLN A 731 1.62 -25.02 22.59
N ARG A 732 2.87 -24.92 23.02
CA ARG A 732 4.00 -25.45 22.27
C ARG A 732 4.02 -26.97 22.15
N TYR A 733 3.87 -27.65 23.30
CA TYR A 733 3.91 -29.11 23.37
C TYR A 733 2.60 -29.86 23.52
N GLU A 734 1.55 -29.37 22.93
CA GLU A 734 0.30 -30.11 22.94
C GLU A 734 0.40 -31.20 21.89
N ILE A 735 1.07 -30.85 20.81
CA ILE A 735 1.27 -31.75 19.67
C ILE A 735 1.86 -33.07 20.13
N LEU A 736 2.42 -33.06 21.32
CA LEU A 736 3.05 -34.24 21.87
C LEU A 736 1.96 -35.17 22.49
N ALA A 737 0.98 -34.56 23.13
CA ALA A 737 -0.15 -35.31 23.73
C ALA A 737 -1.47 -34.76 23.17
N ALA A 738 -1.85 -35.30 22.04
CA ALA A 738 -3.05 -34.86 21.33
C ALA A 738 -4.33 -35.27 22.06
N ASN A 739 -4.23 -36.27 22.91
CA ASN A 739 -5.42 -36.82 23.60
C ASN A 739 -5.33 -36.76 25.13
N ALA A 740 -4.44 -35.96 25.65
CA ALA A 740 -4.31 -35.81 27.11
C ALA A 740 -5.39 -34.85 27.59
N ILE A 741 -5.60 -33.78 26.85
CA ILE A 741 -6.60 -32.79 27.21
C ILE A 741 -7.86 -33.11 26.45
N PRO A 742 -9.01 -33.24 27.14
CA PRO A 742 -10.31 -33.55 26.54
C PRO A 742 -10.76 -32.46 25.55
N LYS A 743 -11.72 -32.82 24.69
CA LYS A 743 -12.24 -31.90 23.67
C LYS A 743 -12.76 -30.58 24.26
N GLY A 744 -13.31 -30.66 25.45
CA GLY A 744 -13.86 -29.47 26.15
C GLY A 744 -12.73 -28.58 26.66
N PHE A 745 -13.12 -27.44 27.20
CA PHE A 745 -12.15 -26.47 27.76
C PHE A 745 -11.61 -27.01 29.08
N MET A 746 -10.76 -26.20 29.71
CA MET A 746 -10.16 -26.60 30.97
C MET A 746 -9.15 -25.56 31.47
N ASP A 747 -9.03 -25.55 32.78
CA ASP A 747 -8.14 -24.62 33.49
C ASP A 747 -6.71 -24.80 33.03
N GLY A 748 -6.12 -23.72 32.53
CA GLY A 748 -4.76 -23.75 32.04
C GLY A 748 -3.86 -24.68 32.83
N LYS A 749 -3.75 -24.44 34.12
CA LYS A 749 -2.90 -25.27 34.93
C LYS A 749 -3.32 -26.73 34.78
N GLN A 750 -4.33 -27.14 35.53
CA GLN A 750 -4.82 -28.51 35.46
C GLN A 750 -4.80 -29.09 34.03
N ALA A 751 -5.34 -28.35 33.08
CA ALA A 751 -5.39 -28.79 31.70
C ALA A 751 -4.03 -29.15 31.15
N CYS A 752 -2.98 -28.51 31.66
CA CYS A 752 -1.65 -28.81 31.17
C CYS A 752 -0.94 -29.86 32.03
N ILE A 753 -1.41 -30.01 33.26
CA ILE A 753 -0.86 -31.02 34.20
C ILE A 753 -1.23 -32.40 33.65
N LEU A 754 -2.29 -32.43 32.86
CA LEU A 754 -2.75 -33.66 32.23
C LEU A 754 -1.67 -34.13 31.29
N MET A 755 -1.28 -33.25 30.38
CA MET A 755 -0.28 -33.59 29.39
C MET A 755 1.09 -33.79 29.97
N ILE A 756 1.25 -33.55 31.27
CA ILE A 756 2.55 -33.77 31.87
C ILE A 756 2.54 -35.25 32.25
N LYS A 757 1.35 -35.76 32.55
CA LYS A 757 1.21 -37.18 32.90
C LYS A 757 1.28 -37.95 31.60
N ALA A 758 0.85 -37.28 30.54
CA ALA A 758 0.86 -37.86 29.22
C ALA A 758 2.31 -38.09 28.74
N LEU A 759 3.26 -37.39 29.32
CA LEU A 759 4.63 -37.59 28.89
C LEU A 759 5.32 -38.34 29.99
N GLU A 760 4.56 -38.67 31.04
CA GLU A 760 5.11 -39.39 32.17
C GLU A 760 6.44 -38.77 32.63
N LEU A 761 6.49 -37.44 32.61
CA LEU A 761 7.66 -36.69 33.02
C LEU A 761 7.99 -36.97 34.48
N ASP A 762 9.26 -37.18 34.80
CA ASP A 762 9.58 -37.44 36.19
C ASP A 762 9.35 -36.26 37.09
N PRO A 763 8.66 -36.50 38.21
CA PRO A 763 8.33 -35.49 39.21
C PRO A 763 9.54 -34.84 39.88
N ASN A 764 10.69 -34.87 39.22
CA ASN A 764 11.85 -34.24 39.79
C ASN A 764 12.47 -33.32 38.78
N LEU A 765 12.02 -33.47 37.55
CA LEU A 765 12.51 -32.64 36.49
C LEU A 765 11.74 -31.34 36.60
N TYR A 766 10.42 -31.43 36.78
CA TYR A 766 9.60 -30.23 36.88
C TYR A 766 9.17 -29.82 38.27
N ARG A 767 8.48 -28.69 38.34
CA ARG A 767 7.96 -28.11 39.58
C ARG A 767 6.81 -27.19 39.17
N ILE A 768 5.57 -27.61 39.40
CA ILE A 768 4.40 -26.81 39.06
C ILE A 768 4.29 -25.66 40.04
N GLY A 769 3.97 -24.47 39.51
CA GLY A 769 3.84 -23.30 40.35
C GLY A 769 2.43 -22.74 40.39
N GLN A 770 2.31 -21.42 40.39
CA GLN A 770 1.01 -20.76 40.44
C GLN A 770 0.50 -20.45 39.05
N SER A 771 1.33 -19.77 38.25
CA SER A 771 0.98 -19.41 36.89
C SER A 771 1.88 -20.06 35.86
N LYS A 772 3.06 -20.47 36.30
CA LYS A 772 4.03 -21.08 35.41
C LYS A 772 4.59 -22.37 36.01
N ILE A 773 5.22 -23.19 35.16
CA ILE A 773 5.86 -24.44 35.57
C ILE A 773 7.38 -24.21 35.63
N PHE A 774 8.06 -24.77 36.63
CA PHE A 774 9.50 -24.60 36.72
C PHE A 774 10.19 -25.91 36.37
N PHE A 775 10.87 -25.97 35.24
CA PHE A 775 11.55 -27.17 34.82
C PHE A 775 13.02 -27.21 35.16
N ARG A 776 13.61 -28.38 35.00
CA ARG A 776 15.01 -28.59 35.30
C ARG A 776 15.79 -28.44 33.99
N THR A 777 17.08 -28.18 34.13
CA THR A 777 17.92 -28.02 32.95
C THR A 777 17.76 -29.17 31.99
N GLY A 778 17.69 -28.83 30.71
CA GLY A 778 17.56 -29.81 29.65
C GLY A 778 16.18 -30.39 29.41
N VAL A 779 15.37 -30.40 30.46
CA VAL A 779 14.04 -30.96 30.34
C VAL A 779 13.23 -30.28 29.25
N LEU A 780 13.38 -28.99 29.11
CA LEU A 780 12.60 -28.31 28.07
C LEU A 780 13.22 -28.49 26.68
N ALA A 781 14.53 -28.68 26.63
CA ALA A 781 15.24 -28.84 25.37
C ALA A 781 14.75 -30.06 24.64
N HIS A 782 14.67 -31.15 25.37
CA HIS A 782 14.24 -32.44 24.84
C HIS A 782 12.80 -32.34 24.37
N LEU A 783 12.00 -31.63 25.14
CA LEU A 783 10.60 -31.43 24.79
C LEU A 783 10.53 -30.72 23.44
N GLU A 784 11.42 -29.75 23.25
CA GLU A 784 11.45 -28.98 22.01
C GLU A 784 11.86 -29.90 20.86
N GLU A 785 12.95 -30.64 21.04
CA GLU A 785 13.45 -31.57 20.03
C GLU A 785 12.29 -32.38 19.47
N GLU A 786 11.67 -33.19 20.34
CA GLU A 786 10.54 -34.03 19.98
C GLU A 786 9.55 -33.31 19.07
N ARG A 787 9.04 -32.19 19.55
CA ARG A 787 8.08 -31.39 18.79
C ARG A 787 8.59 -31.05 17.41
N ASP A 788 9.88 -30.74 17.31
CA ASP A 788 10.49 -30.37 16.03
C ASP A 788 10.58 -31.58 15.11
N LEU A 789 10.48 -32.76 15.72
CA LEU A 789 10.55 -34.02 14.99
C LEU A 789 9.14 -34.32 14.55
N LYS A 790 8.23 -34.18 15.49
CA LYS A 790 6.82 -34.41 15.21
C LYS A 790 6.33 -33.58 14.03
N ILE A 791 7.08 -32.54 13.65
CA ILE A 791 6.64 -31.66 12.55
C ILE A 791 7.61 -31.56 11.36
N THR A 792 8.78 -32.19 11.46
CA THR A 792 9.78 -32.14 10.40
C THR A 792 9.21 -32.43 9.03
N ASP A 793 8.72 -33.63 8.86
CA ASP A 793 8.13 -34.07 7.60
C ASP A 793 7.26 -32.97 6.99
N VAL A 794 6.24 -32.58 7.74
CA VAL A 794 5.32 -31.52 7.31
C VAL A 794 6.11 -30.33 6.79
N ILE A 795 7.14 -29.85 7.79
CA ILE A 795 7.91 -28.78 7.21
C ILE A 795 8.32 -29.26 5.83
N ILE A 796 9.45 -28.41 4.85
CA ILE A 796 9.90 -29.48 3.98
C ILE A 796 8.73 -29.87 3.10
N ALA A 797 7.58 -30.08 3.73
CA ALA A 797 6.37 -30.45 3.01
C ALA A 797 6.05 -29.45 1.93
N PHE A 798 5.88 -28.20 2.35
CA PHE A 798 5.57 -27.13 1.43
C PHE A 798 6.63 -27.04 0.33
N GLN A 799 7.90 -26.88 0.73
CA GLN A 799 9.00 -26.78 -0.23
C GLN A 799 8.78 -27.71 -1.41
N ALA A 800 8.33 -28.93 -1.14
CA ALA A 800 8.08 -29.95 -2.17
C ALA A 800 7.11 -29.46 -3.23
N GLN A 801 5.87 -29.23 -2.81
CA GLN A 801 4.82 -28.77 -3.69
C GLN A 801 5.31 -27.61 -4.54
N CYS A 802 6.22 -26.81 -3.99
CA CYS A 802 6.78 -25.67 -4.70
C CYS A 802 7.64 -26.17 -5.85
N ARG A 803 8.51 -27.14 -5.57
CA ARG A 803 9.36 -27.71 -6.62
C ARG A 803 8.41 -28.33 -7.64
N GLY A 804 7.33 -28.88 -7.14
CA GLY A 804 6.34 -29.48 -8.01
C GLY A 804 5.80 -28.39 -8.90
N TYR A 805 4.98 -27.52 -8.34
CA TYR A 805 4.41 -26.37 -9.05
C TYR A 805 5.49 -25.75 -9.95
N LEU A 806 6.52 -25.19 -9.30
CA LEU A 806 7.65 -24.56 -9.97
C LEU A 806 8.16 -25.41 -11.12
N ALA A 807 7.84 -26.69 -11.11
CA ALA A 807 8.32 -27.57 -12.15
C ALA A 807 7.36 -27.78 -13.32
N ARG A 808 6.21 -28.39 -13.04
CA ARG A 808 5.21 -28.65 -14.06
C ARG A 808 5.06 -27.45 -14.98
N LYS A 809 5.26 -26.27 -14.42
CA LYS A 809 5.11 -25.03 -15.19
C LYS A 809 6.26 -24.70 -16.13
N ALA A 810 7.48 -24.72 -15.62
CA ALA A 810 8.65 -24.39 -16.45
C ALA A 810 8.98 -25.46 -17.50
N PHE A 811 8.34 -26.63 -17.38
CA PHE A 811 8.52 -27.72 -18.34
C PHE A 811 7.49 -27.44 -19.44
N ALA A 812 6.25 -27.23 -19.00
CA ALA A 812 5.15 -26.92 -19.90
C ALA A 812 5.45 -25.59 -20.61
N LYS A 813 6.67 -25.08 -20.41
CA LYS A 813 7.11 -23.85 -21.05
C LYS A 813 7.94 -24.23 -22.26
N ARG A 814 8.94 -25.08 -22.05
CA ARG A 814 9.81 -25.52 -23.14
C ARG A 814 8.92 -26.15 -24.19
N GLN A 815 7.70 -26.47 -23.78
CA GLN A 815 6.71 -27.06 -24.67
C GLN A 815 6.20 -26.04 -25.69
N GLN A 816 6.16 -24.76 -25.31
CA GLN A 816 5.68 -23.72 -26.20
C GLN A 816 6.69 -23.40 -27.29
N GLN A 817 7.97 -23.33 -26.91
CA GLN A 817 9.03 -23.05 -27.86
C GLN A 817 9.11 -24.22 -28.84
N LEU A 818 8.58 -25.36 -28.40
CA LEU A 818 8.55 -26.55 -29.24
C LEU A 818 7.32 -26.37 -30.15
N GLU A 819 5.62 -26.96 -30.91
CA GLU A 819 5.64 -26.70 -32.31
C GLU A 819 6.48 -25.55 -32.79
N SER A 820 6.44 -24.44 -32.06
CA SER A 820 7.20 -23.28 -32.48
C SER A 820 8.62 -23.61 -32.79
N ILE A 821 9.09 -24.70 -32.16
CA ILE A 821 10.42 -25.15 -32.43
C ILE A 821 10.51 -25.70 -33.83
N PHE A 822 9.72 -26.77 -34.03
CA PHE A 822 9.58 -27.50 -35.26
C PHE A 822 9.60 -26.54 -36.41
N CYS A 823 8.72 -25.58 -36.26
CA CYS A 823 8.60 -24.53 -37.24
C CYS A 823 9.95 -23.96 -37.46
N ILE A 824 10.56 -23.63 -36.37
CA ILE A 824 11.89 -23.10 -36.49
C ILE A 824 12.77 -24.19 -37.04
N GLN A 825 12.66 -25.39 -36.47
CA GLN A 825 13.49 -26.53 -36.87
C GLN A 825 13.57 -26.72 -38.36
N TYR A 826 12.49 -27.24 -38.91
CA TYR A 826 12.38 -27.50 -40.32
C TYR A 826 12.78 -26.31 -41.18
N ASN A 827 12.17 -25.17 -40.85
CA ASN A 827 12.35 -23.91 -41.58
C ASN A 827 13.73 -23.52 -41.98
N VAL A 828 14.67 -23.80 -41.09
CA VAL A 828 16.09 -23.51 -41.28
C VAL A 828 16.69 -24.46 -42.30
N ARG A 829 16.47 -25.73 -42.00
CA ARG A 829 16.91 -26.81 -42.83
C ARG A 829 16.67 -26.55 -44.31
N SER A 830 15.44 -26.07 -44.65
CA SER A 830 15.05 -25.72 -45.99
C SER A 830 16.19 -24.96 -46.60
N PHE A 831 16.29 -23.77 -46.10
CA PHE A 831 17.23 -22.81 -46.48
C PHE A 831 18.63 -23.33 -46.73
N MET A 832 19.11 -24.14 -45.83
CA MET A 832 20.42 -24.72 -46.00
C MET A 832 20.58 -25.54 -47.26
N ASN A 833 19.47 -25.99 -47.73
CA ASN A 833 19.42 -26.84 -48.90
C ASN A 833 19.23 -26.06 -50.15
N VAL A 834 18.32 -25.13 -49.99
CA VAL A 834 17.89 -24.29 -51.04
C VAL A 834 18.87 -23.27 -51.48
N MLY A 835 19.35 -22.47 -50.54
CA MLY A 835 20.30 -21.40 -50.78
CB MLY A 835 20.93 -20.93 -49.48
CG MLY A 835 22.13 -21.79 -49.08
CD MLY A 835 23.00 -21.07 -48.05
CE MLY A 835 23.95 -22.01 -47.32
NZ MLY A 835 24.95 -21.31 -46.49
CH1 MLY A 835 26.16 -22.17 -46.42
CH2 MLY A 835 24.41 -21.04 -45.15
C MLY A 835 21.39 -21.75 -51.80
O MLY A 835 21.99 -20.83 -52.36
N HIS A 836 21.62 -23.06 -52.05
CA HIS A 836 22.65 -23.43 -53.02
C HIS A 836 22.07 -23.75 -54.42
N TRP A 837 20.72 -23.80 -54.54
CA TRP A 837 19.89 -24.10 -55.75
C TRP A 837 19.68 -22.94 -56.75
N PRO A 838 20.18 -23.11 -57.98
CA PRO A 838 20.10 -22.15 -59.06
C PRO A 838 18.81 -21.36 -59.07
N TRP A 839 17.76 -22.14 -59.13
CA TRP A 839 16.41 -21.64 -59.20
C TRP A 839 16.12 -20.78 -58.04
N MET A 840 16.68 -21.15 -56.91
CA MET A 840 16.36 -20.34 -55.76
C MET A 840 17.19 -19.05 -55.75
N MLY A 841 18.43 -19.09 -56.20
CA MLY A 841 19.19 -17.89 -56.29
CB MLY A 841 20.60 -18.11 -56.76
CG MLY A 841 21.15 -19.43 -56.36
CD MLY A 841 22.55 -19.32 -55.78
CE MLY A 841 23.49 -20.41 -56.33
NZ MLY A 841 24.89 -20.17 -55.98
CH1 MLY A 841 25.47 -21.31 -55.24
CH2 MLY A 841 25.68 -19.97 -57.21
C MLY A 841 18.56 -16.96 -57.25
O MLY A 841 18.51 -15.74 -57.06
N LEU A 842 18.08 -17.55 -58.32
CA LEU A 842 17.42 -16.77 -59.37
C LEU A 842 16.26 -15.99 -58.79
N PHE A 843 15.37 -16.73 -58.16
CA PHE A 843 14.18 -16.14 -57.50
C PHE A 843 14.61 -15.00 -56.62
N PHE A 844 15.76 -15.22 -56.03
CA PHE A 844 16.34 -14.28 -55.12
C PHE A 844 16.72 -12.99 -55.80
N MLY A 845 17.58 -13.06 -56.82
CA MLY A 845 17.95 -11.81 -57.44
CB MLY A 845 19.01 -12.01 -58.51
CG MLY A 845 19.98 -13.12 -58.18
CD MLY A 845 21.45 -12.76 -58.42
CE MLY A 845 22.29 -13.94 -58.82
NZ MLY A 845 23.68 -13.56 -59.12
CH1 MLY A 845 24.58 -14.06 -58.06
CH2 MLY A 845 24.03 -14.09 -60.45
C MLY A 845 16.69 -11.15 -58.00
O MLY A 845 16.47 -9.97 -57.93
N ILE A 846 15.82 -12.00 -58.48
CA ILE A 846 14.59 -11.54 -59.11
C ILE A 846 13.48 -11.05 -58.20
N MLY A 847 13.34 -11.68 -57.05
CA MLY A 847 12.33 -11.35 -56.04
CB MLY A 847 12.70 -11.91 -54.69
CG MLY A 847 11.67 -11.59 -53.59
CD MLY A 847 11.66 -12.60 -52.43
CE MLY A 847 10.27 -12.85 -51.85
NZ MLY A 847 10.34 -13.53 -50.55
CH1 MLY A 847 10.26 -12.50 -49.51
CH2 MLY A 847 9.27 -14.56 -50.46
C MLY A 847 12.15 -9.86 -55.83
O MLY A 847 11.16 -9.41 -55.30
N PRO A 848 13.13 -9.06 -56.16
CA PRO A 848 12.95 -7.65 -55.91
C PRO A 848 12.20 -6.90 -56.97
N LEU A 849 12.56 -7.14 -58.25
CA LEU A 849 11.90 -6.46 -59.36
C LEU A 849 10.37 -6.53 -59.29
N LEU A 850 9.89 -7.44 -58.44
CA LEU A 850 8.50 -7.65 -58.33
C LEU A 850 7.83 -6.61 -57.51
N LYS A 851 6.53 -6.74 -57.52
CA LYS A 851 5.69 -5.84 -56.76
C LYS A 851 4.48 -6.59 -56.23
N VAL A 852 4.89 -2.97 -60.21
CA VAL A 852 5.77 -2.05 -59.50
C VAL A 852 5.88 -0.75 -60.29
N THR A 853 6.12 -0.89 -61.58
CA THR A 853 6.27 0.31 -62.44
C THR A 853 5.00 1.18 -62.34
N ARG A 854 4.98 1.30 -64.51
CA ARG A 854 4.64 2.27 -65.57
C ARG A 854 4.49 3.67 -64.94
N GLN A 855 3.73 3.71 -63.86
CA GLN A 855 3.47 4.97 -63.16
C GLN A 855 4.78 5.60 -62.74
N GLU A 856 5.64 4.79 -62.15
CA GLU A 856 6.94 5.29 -61.68
C GLU A 856 7.70 5.91 -62.85
N GLU A 857 7.75 5.18 -63.95
CA GLU A 857 8.47 5.68 -65.13
C GLU A 857 7.90 7.05 -65.56
N GLU A 858 6.58 7.09 -65.63
CA GLU A 858 5.89 8.33 -66.03
C GLU A 858 6.27 9.47 -65.08
N MET A 859 6.22 9.18 -63.80
CA MET A 859 6.55 10.17 -62.78
C MET A 859 7.96 10.68 -63.01
N GLN A 860 6.45 12.81 -63.56
CA GLN A 860 7.63 12.90 -64.44
C GLN A 860 8.92 12.80 -63.62
N ALA A 861 8.95 13.59 -62.56
CA ALA A 861 10.14 13.59 -61.68
C ALA A 861 10.40 12.18 -61.14
N LYS A 862 9.34 11.57 -60.67
CA LYS A 862 9.43 10.22 -60.11
C LYS A 862 9.99 9.27 -61.16
N ASP A 863 9.44 9.35 -62.34
CA ASP A 863 9.88 8.48 -63.44
C ASP A 863 11.39 8.65 -63.67
N GLU A 864 11.79 9.90 -63.75
CA GLU A 864 13.23 10.19 -63.98
C GLU A 864 14.08 9.54 -62.86
N GLU A 865 13.64 9.76 -61.64
CA GLU A 865 14.35 9.22 -60.48
C GLU A 865 14.45 7.70 -60.60
N LEU A 866 13.34 7.09 -60.92
CA LEU A 866 13.27 5.63 -61.06
C LEU A 866 14.28 5.17 -62.10
N GLN A 867 14.27 5.84 -63.23
CA GLN A 867 15.19 5.47 -64.32
C GLN A 867 16.64 5.54 -63.81
N ARG A 868 16.95 6.64 -63.15
CA ARG A 868 18.31 6.83 -62.62
C ARG A 868 18.67 5.66 -61.67
N THR A 869 17.74 5.38 -60.78
CA THR A 869 17.93 4.31 -59.80
C THR A 869 18.20 3.00 -60.52
N LYS A 870 17.38 2.71 -61.51
CA LYS A 870 17.53 1.46 -62.27
C LYS A 870 18.93 1.39 -62.87
N GLU A 871 19.34 2.48 -63.50
CA GLU A 871 20.68 2.52 -64.11
C GLU A 871 21.76 2.22 -63.06
N ARG A 872 21.63 2.88 -61.93
CA ARG A 872 22.59 2.71 -60.83
C ARG A 872 22.63 1.25 -60.41
N GLN A 873 21.44 0.68 -60.24
CA GLN A 873 21.32 -0.71 -59.81
C GLN A 873 22.03 -1.61 -60.80
N GLN A 874 21.77 -1.39 -62.07
CA GLN A 874 22.39 -2.20 -63.12
C GLN A 874 23.93 -2.13 -63.00
N LYS A 875 24.41 -0.91 -62.87
CA LYS A 875 25.86 -0.70 -62.74
C LYS A 875 26.40 -1.48 -61.54
N ALA A 876 25.72 -1.33 -60.43
CA ALA A 876 26.11 -2.01 -59.19
C ALA A 876 26.17 -3.50 -59.43
N GLU A 877 25.13 -4.04 -60.04
CA GLU A 877 25.06 -5.48 -60.30
C GLU A 877 26.27 -5.90 -61.12
N ALA A 878 26.55 -5.16 -62.16
CA ALA A 878 27.69 -5.49 -63.04
C ALA A 878 28.98 -5.52 -62.19
N GLU A 879 29.16 -4.48 -61.40
CA GLU A 879 30.35 -4.37 -60.55
C GLU A 879 30.44 -5.59 -59.63
N LEU A 880 29.33 -5.91 -59.02
CA LEU A 880 29.28 -7.05 -58.09
C LEU A 880 29.70 -8.31 -58.81
N LYS A 881 29.16 -8.52 -59.99
CA LYS A 881 29.48 -9.72 -60.78
C LYS A 881 31.00 -9.77 -61.02
N GLU A 882 31.53 -8.64 -61.46
CA GLU A 882 32.98 -8.56 -61.73
C GLU A 882 33.78 -8.92 -60.47
N LEU A 883 33.38 -8.33 -59.37
CA LEU A 883 34.04 -8.56 -58.10
C LEU A 883 34.01 -10.05 -57.77
N GLU A 884 32.84 -10.64 -57.91
CA GLU A 884 32.68 -12.06 -57.60
C GLU A 884 33.65 -12.88 -58.44
N GLN A 885 33.67 -12.59 -59.72
CA GLN A 885 34.58 -13.32 -60.64
C GLN A 885 36.04 -13.20 -60.15
N LYS A 886 36.41 -11.97 -59.85
CA LYS A 886 37.77 -11.70 -59.38
C LYS A 886 38.05 -12.52 -58.12
N HIS A 887 37.12 -12.49 -57.20
CA HIS A 887 37.26 -13.22 -55.94
C HIS A 887 37.48 -14.69 -56.22
N THR A 888 36.65 -15.23 -57.09
CA THR A 888 36.76 -16.66 -57.43
C THR A 888 38.17 -16.96 -57.96
N GLN A 889 38.61 -16.13 -58.88
CA GLN A 889 39.94 -16.31 -59.47
C GLN A 889 41.01 -16.29 -58.37
N LEU A 890 40.91 -15.30 -57.50
CA LEU A 890 41.86 -15.15 -56.41
C LEU A 890 41.86 -16.40 -55.56
N CYS A 891 40.69 -16.88 -55.22
CA CYS A 891 40.56 -18.07 -54.39
C CYS A 891 41.29 -19.24 -55.06
N GLU A 892 41.01 -19.42 -56.34
CA GLU A 892 41.65 -20.52 -57.08
C GLU A 892 43.18 -20.39 -57.00
N GLU A 893 43.65 -19.19 -57.26
CA GLU A 893 45.09 -18.92 -57.22
C GLU A 893 45.66 -19.27 -55.85
N LYS A 894 44.97 -18.82 -54.82
CA LYS A 894 45.39 -19.06 -53.45
C LYS A 894 45.50 -20.56 -53.21
N ASN A 895 44.47 -21.28 -53.61
CA ASN A 895 44.46 -22.74 -53.43
C ASN A 895 45.69 -23.36 -54.10
N LEU A 896 45.92 -22.96 -55.33
CA LEU A 896 47.07 -23.48 -56.09
C LEU A 896 48.37 -23.19 -55.33
N LEU A 897 48.49 -21.96 -54.89
CA LEU A 897 49.69 -21.53 -54.15
C LEU A 897 49.88 -22.41 -52.93
N GLN A 898 48.80 -22.59 -52.20
CA GLN A 898 48.85 -23.41 -50.98
C GLN A 898 49.37 -24.81 -51.31
N GLU A 899 48.79 -25.39 -52.34
CA GLU A 899 49.20 -26.75 -52.75
C GLU A 899 50.71 -26.76 -53.05
N LYS A 900 51.13 -25.78 -53.82
CA LYS A 900 52.55 -25.68 -54.21
C LYS A 900 53.40 -25.59 -52.95
N LEU A 901 53.00 -24.74 -52.04
CA LEU A 901 53.74 -24.53 -50.80
C LEU A 901 53.86 -25.84 -50.06
N GLN A 902 52.76 -26.55 -49.95
CA GLN A 902 52.76 -27.83 -49.23
C GLN A 902 53.78 -28.79 -49.88
N ALA A 903 55.49 -28.49 -50.53
CA ALA A 903 56.19 -28.85 -49.28
C ALA A 903 56.94 -27.62 -48.73
N GLU A 904 57.67 -26.98 -49.62
CA GLU A 904 58.45 -25.80 -49.25
C GLU A 904 57.54 -24.74 -48.66
N THR A 905 56.44 -24.49 -49.31
CA THR A 905 55.48 -23.49 -48.86
C THR A 905 55.03 -23.83 -47.44
N GLU A 906 54.66 -25.07 -47.24
CA GLU A 906 54.19 -25.52 -45.92
C GLU A 906 55.28 -25.24 -44.87
N LEU A 907 56.49 -25.65 -45.21
CA LEU A 907 57.63 -25.45 -44.29
C LEU A 907 57.78 -23.98 -43.96
N TYR A 908 57.73 -23.16 -44.99
CA TYR A 908 57.88 -21.71 -44.82
C TYR A 908 56.82 -21.20 -43.87
N ALA A 909 55.60 -21.61 -44.10
CA ALA A 909 54.48 -21.17 -43.24
C ALA A 909 54.77 -21.53 -41.78
N GLU A 910 55.17 -22.77 -41.59
CA GLU A 910 55.48 -23.26 -40.23
C GLU A 910 56.56 -22.39 -39.59
N ALA A 911 57.61 -22.15 -40.37
CA ALA A 911 58.73 -21.35 -39.91
C ALA A 911 58.25 -19.98 -39.49
N GLU A 912 57.45 -19.37 -40.35
CA GLU A 912 56.91 -18.04 -40.08
C GLU A 912 56.17 -18.04 -38.75
N GLU A 913 55.30 -19.02 -38.59
CA GLU A 913 54.51 -19.13 -37.34
C GLU A 913 55.45 -19.20 -36.14
N MET A 914 56.44 -20.07 -36.25
CA MET A 914 57.41 -20.25 -35.17
C MET A 914 58.09 -18.93 -34.86
N ARG A 915 58.54 -18.26 -35.90
CA ARG A 915 59.22 -16.98 -35.75
C ARG A 915 58.33 -16.01 -35.00
N VAL A 916 57.09 -15.92 -35.42
CA VAL A 916 56.14 -15.00 -34.78
C VAL A 916 56.05 -15.32 -33.28
N ARG A 917 55.88 -16.59 -33.00
CA ARG A 917 55.76 -17.03 -31.59
C ARG A 917 57.01 -16.60 -30.81
N LEU A 918 58.16 -16.87 -31.40
CA LEU A 918 59.43 -16.53 -30.77
C LEU A 918 59.49 -15.04 -30.49
N ALA A 919 59.12 -14.25 -31.48
CA ALA A 919 59.14 -12.79 -31.34
C ALA A 919 58.28 -12.39 -30.16
N ALA A 920 57.07 -12.93 -30.12
CA ALA A 920 56.14 -12.59 -29.02
C ALA A 920 56.79 -12.93 -27.67
N LYS A 921 57.34 -14.11 -27.60
CA LYS A 921 57.99 -14.56 -26.36
C LYS A 921 59.10 -13.59 -25.97
N LYS A 922 59.92 -13.24 -26.94
CA LYS A 922 61.03 -12.33 -26.72
C LYS A 922 60.50 -11.02 -26.16
N GLN A 923 59.48 -10.49 -26.78
CA GLN A 923 58.89 -9.22 -26.34
C GLN A 923 58.46 -9.34 -24.87
N GLU A 924 57.76 -10.41 -24.57
CA GLU A 924 57.28 -10.63 -23.20
C GLU A 924 58.47 -10.65 -22.23
N LEU A 925 59.48 -11.41 -22.61
CA LEU A 925 60.68 -11.54 -21.79
C LEU A 925 61.29 -10.16 -21.54
N GLU A 926 61.41 -9.40 -22.60
CA GLU A 926 62.00 -8.06 -22.50
C GLU A 926 61.21 -7.23 -21.49
N GLU A 927 59.90 -7.26 -21.64
CA GLU A 927 59.03 -6.49 -20.73
C GLU A 927 59.29 -6.91 -19.28
N ILE A 928 59.31 -8.21 -19.08
CA ILE A 928 59.53 -8.77 -17.74
C ILE A 928 60.88 -8.27 -17.20
N LEU A 929 61.88 -8.36 -18.02
CA LEU A 929 63.23 -7.94 -17.64
C LEU A 929 63.20 -6.49 -17.21
N HIS A 930 62.57 -5.66 -18.02
CA HIS A 930 62.49 -4.22 -17.71
C HIS A 930 61.85 -4.03 -16.33
N GLU A 931 60.73 -4.70 -16.14
CA GLU A 931 60.01 -4.59 -14.85
C GLU A 931 60.94 -4.99 -13.70
N MET A 932 61.61 -6.11 -13.88
CA MET A 932 62.53 -6.63 -12.86
C MET A 932 63.59 -5.59 -12.56
N GLU A 933 64.17 -5.03 -13.60
CA GLU A 933 65.22 -4.02 -13.44
C GLU A 933 64.69 -2.86 -12.61
N ALA A 934 63.51 -2.38 -12.97
CA ALA A 934 62.91 -1.26 -12.24
C ALA A 934 62.76 -1.61 -10.75
N ARG A 935 62.23 -2.79 -10.52
CA ARG A 935 62.01 -3.26 -9.14
C ARG A 935 63.35 -3.28 -8.40
N ILE A 936 64.35 -3.84 -9.04
CA ILE A 936 65.68 -3.95 -8.44
C ILE A 936 66.18 -2.56 -8.07
N GLU A 937 66.05 -1.63 -8.99
CA GLU A 937 66.51 -0.26 -8.75
C GLU A 937 65.81 0.30 -7.50
N GLU A 938 64.50 0.14 -7.47
CA GLU A 938 63.71 0.64 -6.34
C GLU A 938 64.22 0.01 -5.02
N GLU A 939 64.41 -1.29 -5.07
CA GLU A 939 64.88 -2.02 -3.89
C GLU A 939 66.21 -1.46 -3.45
N GLU A 940 67.11 -1.27 -4.39
CA GLU A 940 68.44 -0.75 -4.08
C GLU A 940 68.31 0.60 -3.38
N GLU A 941 67.49 1.47 -3.95
CA GLU A 941 67.29 2.80 -3.37
C GLU A 941 66.81 2.67 -1.91
N ARG A 942 65.81 1.82 -1.75
CA ARG A 942 65.23 1.60 -0.41
C ARG A 942 66.32 1.13 0.55
N PHE B 3 -2.57 -47.52 -12.92
CA PHE B 3 -2.59 -46.45 -13.94
C PHE B 3 -3.18 -46.96 -15.25
N SER B 4 -4.44 -46.60 -15.50
CA SER B 4 -5.12 -47.01 -16.72
C SER B 4 -4.22 -46.81 -17.93
N GLU B 5 -4.25 -47.75 -18.87
CA GLU B 5 -3.42 -47.64 -20.06
C GLU B 5 -3.65 -46.28 -20.70
N GLU B 6 -4.86 -45.76 -20.55
CA GLU B 6 -5.22 -44.46 -21.10
C GLU B 6 -4.16 -43.43 -20.69
N GLN B 7 -3.85 -43.38 -19.39
CA GLN B 7 -2.85 -42.45 -18.90
C GLN B 7 -1.46 -43.01 -19.15
N THR B 8 -1.27 -44.29 -18.84
CA THR B 8 0.02 -44.94 -19.05
C THR B 8 0.48 -44.66 -20.47
N ALA B 9 -0.46 -44.67 -21.41
CA ALA B 9 -0.17 -44.41 -22.81
C ALA B 9 0.38 -43.00 -22.96
N GLU B 10 -0.21 -42.06 -22.21
CA GLU B 10 0.21 -40.67 -22.26
C GLU B 10 1.49 -40.46 -21.46
N PHE B 11 1.62 -41.14 -20.33
CA PHE B 11 2.80 -41.02 -19.50
C PHE B 11 4.01 -41.07 -20.41
N LYS B 12 4.00 -42.04 -21.32
CA LYS B 12 5.07 -42.22 -22.29
C LYS B 12 5.31 -40.91 -23.04
N GLU B 13 4.23 -40.29 -23.46
CA GLU B 13 4.30 -39.02 -24.19
C GLU B 13 5.06 -37.99 -23.37
N ALA B 14 4.89 -38.05 -22.06
CA ALA B 14 5.57 -37.12 -21.16
C ALA B 14 7.02 -37.53 -20.98
N PHE B 15 7.23 -38.80 -20.63
CA PHE B 15 8.57 -39.32 -20.44
C PHE B 15 9.43 -39.04 -21.66
N GLN B 16 8.92 -39.44 -22.82
CA GLN B 16 9.61 -39.23 -24.09
C GLN B 16 9.94 -37.77 -24.27
N LEU B 17 9.00 -36.91 -23.89
CA LEU B 17 9.17 -35.47 -24.00
C LEU B 17 10.18 -34.98 -22.94
N PHE B 18 11.25 -35.74 -22.76
CA PHE B 18 12.25 -35.37 -21.75
C PHE B 18 13.70 -35.75 -22.05
N ASP B 19 14.03 -36.00 -23.31
CA ASP B 19 15.40 -36.37 -23.64
C ASP B 19 16.05 -35.43 -24.64
N ARG B 20 17.07 -34.70 -24.18
CA ARG B 20 17.79 -33.75 -25.03
C ARG B 20 18.41 -34.39 -26.26
N THR B 21 19.08 -35.53 -26.07
CA THR B 21 19.71 -36.24 -27.18
C THR B 21 18.69 -37.19 -27.81
N GLY B 22 18.64 -38.45 -27.36
CA GLY B 22 17.66 -39.36 -27.93
C GLY B 22 17.55 -40.84 -27.59
N ASP B 23 18.50 -41.40 -26.83
CA ASP B 23 18.46 -42.82 -26.49
C ASP B 23 17.09 -43.25 -25.94
N GLY B 24 16.41 -42.31 -25.30
CA GLY B 24 15.11 -42.61 -24.72
C GLY B 24 15.35 -42.89 -23.25
N LYS B 25 16.25 -42.11 -22.67
CA LYS B 25 16.60 -42.26 -21.27
C LYS B 25 16.57 -40.97 -20.48
N ILE B 26 16.05 -41.07 -19.25
CA ILE B 26 15.93 -39.93 -18.35
C ILE B 26 17.00 -40.10 -17.27
N LEU B 27 17.97 -39.20 -17.27
CA LEU B 27 19.04 -39.25 -16.28
C LEU B 27 18.42 -39.41 -14.90
N TYR B 28 19.07 -40.22 -14.06
CA TYR B 28 18.57 -40.46 -12.70
C TYR B 28 18.09 -39.17 -12.04
N SER B 29 18.62 -38.05 -12.51
CA SER B 29 18.25 -36.75 -11.98
C SER B 29 16.83 -36.37 -12.35
N GLN B 30 16.58 -36.26 -13.66
CA GLN B 30 15.28 -35.88 -14.20
C GLN B 30 14.06 -36.58 -13.60
N CYS B 31 14.23 -37.81 -13.15
CA CYS B 31 13.12 -38.56 -12.58
C CYS B 31 12.17 -37.61 -11.82
N GLY B 32 12.73 -36.85 -10.90
CA GLY B 32 11.95 -35.92 -10.11
C GLY B 32 10.99 -35.03 -10.89
N ASP B 33 11.54 -34.22 -11.80
CA ASP B 33 10.74 -33.31 -12.60
C ASP B 33 9.71 -34.03 -13.47
N VAL B 34 10.08 -35.18 -14.00
CA VAL B 34 9.17 -35.96 -14.84
C VAL B 34 7.98 -36.45 -14.01
N MET B 35 8.24 -36.79 -12.76
CA MET B 35 7.18 -37.24 -11.87
C MET B 35 6.30 -36.03 -11.60
N ARG B 36 6.95 -34.90 -11.35
CA ARG B 36 6.26 -33.66 -11.08
C ARG B 36 5.39 -33.27 -12.27
N ALA B 37 6.02 -33.17 -13.44
CA ALA B 37 5.33 -32.82 -14.67
C ALA B 37 4.06 -33.67 -14.83
N LEU B 38 4.13 -34.91 -14.36
CA LEU B 38 2.99 -35.81 -14.44
C LEU B 38 2.04 -35.51 -13.29
N GLY B 39 2.18 -34.32 -12.71
CA GLY B 39 1.32 -33.92 -11.62
C GLY B 39 1.70 -34.54 -10.29
N GLN B 40 2.96 -34.87 -10.10
CA GLN B 40 3.39 -35.47 -8.84
C GLN B 40 4.20 -34.49 -7.99
N ASN B 41 4.00 -34.57 -6.68
CA ASN B 41 4.70 -33.71 -5.75
C ASN B 41 5.56 -34.52 -4.78
N PRO B 42 6.35 -35.47 -5.30
CA PRO B 42 7.19 -36.27 -4.41
C PRO B 42 8.25 -35.41 -3.75
N THR B 43 8.42 -35.57 -2.44
CA THR B 43 9.44 -34.80 -1.73
C THR B 43 10.77 -35.29 -2.25
N ASN B 44 11.86 -34.60 -1.89
CA ASN B 44 13.19 -34.97 -2.36
C ASN B 44 13.62 -36.38 -1.93
N ALA B 45 13.14 -36.81 -0.77
CA ALA B 45 13.49 -38.14 -0.25
C ALA B 45 12.70 -39.23 -0.96
N GLU B 46 11.40 -39.02 -1.11
CA GLU B 46 10.53 -39.97 -1.76
C GLU B 46 11.05 -40.34 -3.15
N VAL B 47 11.89 -39.49 -3.71
CA VAL B 47 12.46 -39.71 -5.03
C VAL B 47 13.74 -40.54 -4.98
N MET B 48 14.59 -40.25 -3.99
CA MET B 48 15.86 -40.97 -3.85
C MET B 48 15.59 -42.39 -3.37
N LYS B 49 14.65 -42.52 -2.45
CA LYS B 49 14.28 -43.83 -1.89
C LYS B 49 13.99 -44.82 -3.02
N VAL B 50 13.33 -44.34 -4.07
CA VAL B 50 13.00 -45.19 -5.21
C VAL B 50 14.04 -45.02 -6.31
N LEU B 51 15.26 -44.69 -5.90
CA LEU B 51 16.37 -44.51 -6.83
C LEU B 51 17.57 -45.26 -6.26
N GLY B 52 17.34 -45.92 -5.13
CA GLY B 52 18.41 -46.67 -4.49
C GLY B 52 19.43 -45.75 -3.86
N ASN B 53 19.02 -44.52 -3.57
CA ASN B 53 19.90 -43.53 -2.96
C ASN B 53 21.28 -43.50 -3.64
N PRO B 54 21.32 -43.03 -4.90
CA PRO B 54 22.59 -42.96 -5.64
C PRO B 54 23.48 -41.86 -5.07
N LYS B 55 24.42 -41.37 -5.88
CA LYS B 55 25.31 -40.31 -5.45
C LYS B 55 25.51 -39.28 -6.56
N SER B 56 25.35 -38.01 -6.21
CA SER B 56 25.49 -36.89 -7.13
C SER B 56 26.14 -37.28 -8.46
N ASP B 57 27.39 -37.71 -8.41
CA ASP B 57 28.13 -38.11 -9.59
C ASP B 57 27.33 -39.08 -10.47
N GLU B 58 27.01 -40.25 -9.92
CA GLU B 58 26.26 -41.27 -10.64
C GLU B 58 24.82 -40.83 -10.92
N MET B 59 24.41 -39.73 -10.29
CA MET B 59 23.05 -39.22 -10.48
C MET B 59 22.99 -38.43 -11.78
N ASN B 60 24.15 -38.20 -12.39
CA ASN B 60 24.23 -37.46 -13.64
C ASN B 60 24.72 -38.37 -14.76
N LEU B 61 24.95 -39.64 -14.41
CA LEU B 61 25.42 -40.63 -15.38
C LEU B 61 24.33 -41.66 -15.64
N LYS B 62 23.79 -42.21 -14.56
CA LYS B 62 22.74 -43.23 -14.64
C LYS B 62 21.55 -42.75 -15.47
N THR B 63 20.89 -43.68 -16.17
CA THR B 63 19.74 -43.34 -17.00
C THR B 63 18.50 -44.17 -16.70
N LEU B 64 17.39 -43.82 -17.35
CA LEU B 64 16.13 -44.51 -17.15
C LEU B 64 15.32 -44.73 -18.42
N LYS B 65 14.57 -45.82 -18.45
CA LYS B 65 13.70 -46.16 -19.57
C LYS B 65 12.30 -46.26 -19.00
N PHE B 66 11.31 -45.73 -19.72
CA PHE B 66 9.94 -45.75 -19.25
C PHE B 66 9.53 -47.03 -18.50
N GLU B 67 9.77 -48.18 -19.11
CA GLU B 67 9.39 -49.44 -18.48
C GLU B 67 9.93 -49.59 -17.07
N GLN B 68 11.13 -49.09 -16.82
CA GLN B 68 11.72 -49.17 -15.49
C GLN B 68 11.32 -47.95 -14.67
N PHE B 69 10.86 -46.91 -15.37
CA PHE B 69 10.44 -45.68 -14.71
C PHE B 69 9.00 -45.80 -14.21
N LEU B 70 8.12 -46.30 -15.08
CA LEU B 70 6.72 -46.46 -14.73
C LEU B 70 6.52 -47.10 -13.36
N PRO B 71 7.23 -48.21 -13.08
CA PRO B 71 7.11 -48.89 -11.79
C PRO B 71 7.33 -47.97 -10.60
N MET B 72 8.02 -46.85 -10.85
CA MET B 72 8.30 -45.89 -9.78
C MET B 72 7.20 -44.84 -9.74
N MET B 73 6.80 -44.36 -10.91
CA MET B 73 5.75 -43.36 -11.03
C MET B 73 4.60 -43.72 -10.09
N GLN B 74 4.19 -44.98 -10.13
CA GLN B 74 3.10 -45.47 -9.30
C GLN B 74 3.51 -45.55 -7.83
N THR B 75 4.53 -46.36 -7.55
CA THR B 75 5.02 -46.51 -6.17
C THR B 75 4.89 -45.19 -5.43
N ILE B 76 5.27 -44.11 -6.11
CA ILE B 76 5.16 -42.79 -5.52
C ILE B 76 3.67 -42.48 -5.48
N ALA B 77 3.07 -42.32 -6.66
CA ALA B 77 1.65 -42.04 -6.82
C ALA B 77 0.80 -42.42 -5.61
N LYS B 78 1.03 -43.61 -5.07
CA LYS B 78 0.28 -44.09 -3.90
C LYS B 78 1.07 -43.82 -2.62
N ASN B 79 0.67 -42.80 -1.87
CA ASN B 79 1.38 -42.47 -0.64
C ASN B 79 0.49 -42.33 0.60
N LYS B 80 1.15 -42.14 1.75
CA LYS B 80 0.47 -42.02 3.04
C LYS B 80 -0.13 -40.65 3.34
N ASP B 81 0.59 -39.57 2.99
CA ASP B 81 0.11 -38.23 3.28
C ASP B 81 0.12 -37.20 2.15
N GLN B 82 0.18 -35.95 2.57
CA GLN B 82 0.20 -34.77 1.71
C GLN B 82 -0.09 -33.53 2.55
N GLY B 83 0.42 -32.37 2.11
CA GLY B 83 0.16 -31.14 2.83
C GLY B 83 -1.22 -30.64 2.50
N CYS B 84 -1.59 -29.46 3.01
CA CYS B 84 -2.90 -28.89 2.76
C CYS B 84 -3.03 -27.53 3.45
N PHE B 85 -3.68 -26.58 2.77
CA PHE B 85 -3.89 -25.23 3.28
C PHE B 85 -3.88 -25.33 4.79
N GLU B 86 -4.88 -26.02 5.27
CA GLU B 86 -5.10 -26.24 6.68
C GLU B 86 -3.85 -26.13 7.55
N ASP B 87 -2.82 -26.91 7.23
CA ASP B 87 -1.58 -26.89 8.00
C ASP B 87 -0.53 -26.07 7.26
N TYR B 88 -0.46 -26.26 5.95
CA TYR B 88 0.52 -25.57 5.11
C TYR B 88 0.66 -24.13 5.53
N VAL B 89 -0.42 -23.37 5.39
CA VAL B 89 -0.38 -21.96 5.76
C VAL B 89 -0.15 -21.76 7.27
N GLU B 90 -0.72 -22.65 8.07
CA GLU B 90 -0.58 -22.57 9.52
C GLU B 90 0.88 -22.38 9.92
N GLY B 91 1.78 -22.87 9.08
CA GLY B 91 3.20 -22.75 9.35
C GLY B 91 3.75 -21.41 8.93
N LEU B 92 3.33 -20.92 7.77
CA LEU B 92 3.83 -19.64 7.29
C LEU B 92 3.30 -18.49 8.15
N ARG B 93 2.06 -18.62 8.60
CA ARG B 93 1.42 -17.61 9.45
C ARG B 93 2.21 -17.32 10.71
N VAL B 94 3.26 -18.10 10.93
CA VAL B 94 4.15 -17.98 12.07
C VAL B 94 5.24 -16.95 11.78
N PHE B 95 5.28 -16.46 10.55
CA PHE B 95 6.28 -15.50 10.17
C PHE B 95 5.61 -14.17 9.89
N ASP B 96 4.32 -14.13 10.19
CA ASP B 96 3.50 -12.93 9.98
C ASP B 96 3.76 -11.89 11.07
N LYS B 97 4.89 -11.18 10.94
CA LYS B 97 5.33 -10.16 11.90
C LYS B 97 4.27 -9.62 12.88
N GLU B 98 3.09 -9.26 12.37
CA GLU B 98 2.05 -8.74 13.24
C GLU B 98 0.62 -9.02 12.78
N GLY B 99 0.23 -10.28 12.81
CA GLY B 99 -1.12 -10.68 12.41
C GLY B 99 -1.71 -9.96 11.22
N ASN B 100 -0.87 -9.32 10.43
CA ASN B 100 -1.32 -8.58 9.25
C ASN B 100 -1.98 -9.51 8.22
N GLY B 101 -1.51 -10.74 8.17
CA GLY B 101 -2.03 -11.72 7.23
C GLY B 101 -1.08 -11.86 6.06
N THR B 102 -0.01 -11.06 6.10
CA THR B 102 1.01 -11.06 5.08
C THR B 102 2.43 -11.15 5.67
N VAL B 103 3.35 -11.73 4.91
CA VAL B 103 4.74 -11.84 5.34
C VAL B 103 5.62 -11.16 4.32
N MET B 104 6.74 -10.63 4.78
CA MET B 104 7.68 -9.95 3.88
C MET B 104 8.34 -10.91 2.91
N GLY B 105 8.23 -10.61 1.63
CA GLY B 105 8.80 -11.45 0.61
C GLY B 105 10.29 -11.72 0.78
N ALA B 106 10.83 -11.24 1.89
CA ALA B 106 12.25 -11.44 2.14
C ALA B 106 12.38 -12.48 3.22
N GLU B 107 11.45 -12.44 4.17
CA GLU B 107 11.45 -13.41 5.25
C GLU B 107 10.97 -14.72 4.64
N ILE B 108 9.95 -14.65 3.79
CA ILE B 108 9.46 -15.87 3.16
C ILE B 108 10.60 -16.39 2.33
N ARG B 109 11.27 -15.49 1.61
CA ARG B 109 12.37 -15.90 0.75
C ARG B 109 13.51 -16.55 1.55
N HIS B 110 13.60 -16.22 2.83
CA HIS B 110 14.64 -16.78 3.67
C HIS B 110 14.28 -18.21 4.02
N VAL B 111 13.35 -18.34 4.95
CA VAL B 111 12.87 -19.63 5.41
C VAL B 111 12.94 -20.68 4.34
N LEU B 112 12.32 -20.38 3.21
CA LEU B 112 12.28 -21.32 2.10
C LEU B 112 13.65 -21.77 1.65
N VAL B 113 14.67 -20.97 1.95
CA VAL B 113 15.99 -21.37 1.53
C VAL B 113 16.94 -21.49 2.69
N THR B 114 16.45 -22.02 3.82
CA THR B 114 17.28 -22.19 5.02
C THR B 114 16.73 -23.23 5.95
N LEU B 115 15.64 -23.87 5.55
CA LEU B 115 15.00 -24.89 6.38
C LEU B 115 14.65 -26.09 5.53
N GLY B 116 14.64 -27.27 6.13
CA GLY B 116 14.29 -28.48 5.39
C GLY B 116 14.90 -28.59 4.00
N GLU B 117 14.14 -29.10 3.06
CA GLU B 117 14.60 -29.29 1.67
C GLU B 117 14.94 -27.94 1.05
N LYS B 118 16.03 -27.35 1.55
CA LYS B 118 16.48 -26.04 1.09
C LYS B 118 16.37 -25.84 -0.42
N MET B 119 15.69 -24.75 -0.81
CA MET B 119 15.52 -24.40 -2.20
C MET B 119 16.70 -23.52 -2.62
N THR B 120 16.65 -22.96 -3.82
CA THR B 120 17.72 -22.08 -4.28
C THR B 120 17.22 -20.63 -4.34
N GLU B 121 18.16 -19.70 -4.36
CA GLU B 121 17.86 -18.28 -4.41
C GLU B 121 16.96 -17.99 -5.60
N GLU B 122 17.26 -18.64 -6.73
CA GLU B 122 16.48 -18.46 -7.95
C GLU B 122 15.13 -19.12 -7.80
N GLU B 123 15.13 -20.36 -7.32
CA GLU B 123 13.89 -21.09 -7.12
C GLU B 123 12.85 -20.18 -6.47
N VAL B 124 13.14 -19.70 -5.25
CA VAL B 124 12.20 -18.84 -4.52
C VAL B 124 11.90 -17.60 -5.30
N GLU B 125 12.91 -17.02 -5.92
CA GLU B 125 12.68 -15.81 -6.72
C GLU B 125 11.52 -16.07 -7.68
N GLN B 126 11.68 -17.04 -8.57
CA GLN B 126 10.68 -17.42 -9.56
C GLN B 126 9.31 -17.71 -8.96
N LEU B 127 9.28 -18.14 -7.71
CA LEU B 127 8.03 -18.47 -7.04
C LEU B 127 7.24 -17.27 -6.55
N VAL B 128 7.73 -16.61 -5.52
CA VAL B 128 7.07 -15.45 -4.92
C VAL B 128 6.97 -14.29 -5.88
N ALA B 129 8.03 -14.13 -6.68
CA ALA B 129 8.11 -13.07 -7.67
C ALA B 129 6.75 -12.71 -8.26
N GLY B 130 6.31 -11.48 -7.99
CA GLY B 130 5.04 -11.01 -8.51
C GLY B 130 3.89 -11.13 -7.54
N HIS B 131 4.19 -11.41 -6.28
CA HIS B 131 3.14 -11.54 -5.27
C HIS B 131 3.44 -10.60 -4.14
N GLU B 132 4.58 -9.92 -4.25
CA GLU B 132 5.00 -8.95 -3.25
C GLU B 132 4.31 -7.67 -3.69
N ASP B 133 3.77 -6.91 -2.74
CA ASP B 133 3.09 -5.67 -3.10
C ASP B 133 4.06 -4.50 -3.14
N SER B 134 3.54 -3.29 -2.97
CA SER B 134 4.36 -2.09 -2.98
C SER B 134 5.41 -2.20 -1.89
N ASN B 135 4.98 -2.74 -0.76
CA ASN B 135 5.87 -2.90 0.39
C ASN B 135 6.50 -4.27 0.38
N GLY B 136 6.53 -4.88 -0.81
CA GLY B 136 7.11 -6.19 -0.95
C GLY B 136 6.45 -7.21 -0.04
N CYS B 137 5.15 -7.05 0.15
CA CYS B 137 4.40 -7.94 1.01
C CYS B 137 3.56 -8.95 0.27
N ILE B 138 3.76 -10.20 0.65
CA ILE B 138 3.09 -11.34 0.06
C ILE B 138 1.99 -11.82 1.00
N ASN B 139 0.89 -12.32 0.46
CA ASN B 139 -0.18 -12.86 1.29
C ASN B 139 -0.11 -14.39 1.18
N TYR B 140 0.45 -15.04 2.19
CA TYR B 140 0.64 -16.51 2.13
C TYR B 140 -0.66 -17.22 1.71
N GLU B 141 -1.70 -17.04 2.48
CA GLU B 141 -3.00 -17.67 2.19
C GLU B 141 -3.14 -17.92 0.69
N GLU B 142 -2.82 -16.89 -0.07
CA GLU B 142 -2.90 -16.92 -1.54
C GLU B 142 -1.73 -17.71 -2.12
N LEU B 143 -0.50 -17.24 -1.88
CA LEU B 143 0.69 -17.93 -2.39
C LEU B 143 0.52 -19.43 -2.17
N VAL B 144 -0.06 -19.79 -1.02
CA VAL B 144 -0.31 -21.18 -0.67
C VAL B 144 -1.14 -21.78 -1.78
N ARG B 145 -2.35 -21.24 -1.94
CA ARG B 145 -3.27 -21.70 -2.96
C ARG B 145 -2.65 -21.74 -4.35
N MET B 146 -1.87 -20.71 -4.65
CA MET B 146 -1.22 -20.63 -5.95
C MET B 146 -0.45 -21.90 -6.32
N VAL B 147 0.55 -22.24 -5.51
CA VAL B 147 1.35 -23.40 -5.78
C VAL B 147 0.44 -24.59 -5.69
N LEU B 148 -0.52 -24.51 -4.79
CA LEU B 148 -1.41 -25.64 -4.62
C LEU B 148 -2.31 -25.85 -5.81
N SER B 149 -3.47 -25.20 -5.78
CA SER B 149 -4.44 -25.32 -6.85
C SER B 149 -3.77 -25.19 -8.23
N GLY B 150 -2.57 -24.61 -8.29
CA GLY B 150 -1.88 -24.52 -9.55
C GLY B 150 -1.25 -25.87 -9.86
CA PHE C 19 1.68 -22.43 -50.25
CA ASP C 20 0.00 -19.08 -49.89
CA GLU C 21 -1.99 -17.20 -52.41
CA THR C 22 0.59 -14.53 -52.04
CA GLU C 23 3.57 -16.83 -52.19
CA ILE C 24 2.14 -18.18 -55.31
CA GLU C 25 1.54 -14.80 -56.89
CA ASP C 26 5.16 -13.85 -56.15
CA PHE C 27 6.10 -16.90 -58.12
CA LYS C 28 3.87 -16.17 -60.92
CA GLU C 29 5.22 -12.73 -61.47
CA ALA C 30 8.57 -14.21 -61.06
CA PHE C 31 7.70 -16.79 -63.67
CA THR C 32 6.63 -14.02 -65.91
CA VAL C 33 9.89 -12.08 -65.60
CA ILE C 34 11.82 -15.10 -66.72
CA ASP C 35 9.38 -15.93 -69.47
CA GLN C 36 10.74 -13.34 -71.92
CA ASN C 37 8.45 -14.40 -74.71
CA ALA C 38 4.99 -14.40 -73.06
CA ASP C 39 4.53 -17.83 -74.73
CA GLY C 40 3.79 -19.36 -71.37
CA ILE C 41 6.73 -21.76 -71.20
CA ILE C 42 10.22 -21.21 -69.76
CA ASP C 43 13.13 -22.35 -71.85
CA LYS C 44 16.84 -21.80 -72.45
CA ASP C 45 16.21 -18.68 -74.48
CA ASP C 46 14.34 -17.01 -71.65
CA LEU C 47 16.97 -17.96 -69.15
CA ARG C 48 19.88 -16.61 -71.14
CA GLU C 49 18.12 -13.33 -71.51
CA THR C 50 16.83 -13.23 -67.96
CA PHE C 51 20.43 -13.35 -67.02
CA ALA C 52 21.80 -11.00 -69.60
CA ALA C 53 19.27 -8.47 -68.38
CA MET C 54 20.62 -8.89 -64.88
CA GLY C 55 24.19 -8.41 -66.00
CA ARG C 56 25.42 -11.96 -66.33
CA LEU C 57 26.74 -12.56 -69.84
CA ASN C 58 29.17 -15.36 -69.14
CA VAL C 59 26.52 -18.03 -69.44
CA LYS C 60 27.50 -21.55 -70.38
CA ASN C 61 24.91 -23.92 -71.74
CA GLU C 62 25.75 -26.64 -69.24
CA GLU C 63 24.41 -24.22 -66.71
CA LEU C 64 21.36 -23.33 -68.69
CA ASP C 65 20.86 -27.05 -69.26
CA ALA C 66 21.44 -28.05 -65.72
CA MET C 67 18.62 -25.84 -64.59
CA ILE C 68 16.37 -27.23 -67.22
CA LYS C 69 17.03 -30.81 -66.50
CA GLU C 70 15.41 -30.32 -63.11
CA ALA C 71 12.17 -31.10 -64.82
CA SER C 72 10.87 -33.79 -67.21
CA GLY C 73 8.49 -31.51 -69.08
CA PRO C 74 8.32 -28.16 -70.78
CA ILE C 75 8.54 -25.86 -67.81
CA ASN C 76 5.17 -24.23 -67.67
CA PHE C 77 3.80 -22.68 -64.42
CA THR C 78 2.61 -25.84 -62.80
CA VAL C 79 5.88 -27.68 -63.45
CA PHE C 80 7.76 -24.71 -62.10
CA LEU C 81 5.59 -24.23 -59.05
CA THR C 82 5.75 -27.95 -58.41
CA MET C 83 9.49 -27.96 -58.90
CA PHE C 84 9.91 -25.21 -56.40
CA GLY C 85 7.32 -26.47 -54.01
CA GLU C 86 9.20 -29.69 -53.71
CA LYS C 87 12.52 -28.20 -52.62
CA LEU C 88 10.96 -25.84 -50.05
CA LYS C 89 8.87 -28.55 -48.41
CA GLY C 90 9.32 -27.49 -44.77
CA ALA C 91 9.52 -23.80 -45.52
CA ASP C 92 7.03 -21.17 -44.36
CA PRO C 93 6.43 -17.49 -45.04
CA GLU C 94 8.43 -14.94 -43.04
CA ASP C 95 5.88 -13.86 -40.45
CA VAL C 96 4.97 -17.43 -39.72
CA ILE C 97 8.63 -17.96 -38.80
CA MET C 98 8.85 -14.91 -36.60
CA GLY C 99 6.09 -16.30 -34.39
CA ALA C 100 8.24 -19.31 -33.53
CA PHE C 101 10.72 -16.87 -32.31
CA LYS C 102 8.19 -14.52 -30.80
CA VAL C 103 7.12 -17.47 -28.72
CA LEU C 104 10.69 -18.06 -27.63
CA ASP C 105 10.92 -14.36 -26.95
CA PRO C 106 7.65 -14.71 -25.03
CA ASP C 107 9.01 -11.77 -23.12
CA GLY C 108 8.78 -9.45 -26.06
CA LYS C 109 11.30 -7.46 -27.95
CA GLY C 110 14.98 -8.10 -28.39
CA SER C 111 16.30 -11.54 -29.20
CA ILE C 112 17.40 -14.86 -27.80
CA LYS C 113 20.74 -16.29 -26.63
CA LYS C 114 23.10 -18.76 -28.36
CA SER C 115 22.95 -21.48 -25.71
CA PHE C 116 19.25 -21.02 -25.09
CA LEU C 117 18.44 -22.25 -28.57
CA GLU C 118 21.51 -24.40 -28.92
CA GLU C 119 20.09 -26.73 -26.26
CA LEU C 120 16.53 -26.45 -27.47
CA LEU C 121 17.21 -27.53 -31.04
CA THR C 122 19.13 -30.44 -29.59
CA THR C 123 16.72 -31.23 -26.72
CA GLY C 124 13.61 -31.61 -28.74
CA GLY C 125 12.26 -31.53 -32.24
CA GLY C 126 15.23 -33.39 -33.68
CA PHE C 128 18.56 -31.67 -34.45
CA THR C 129 22.25 -32.56 -34.90
CA PRO C 130 25.49 -30.70 -34.04
CA GLU C 131 26.99 -30.80 -37.53
CA GLU C 132 23.71 -28.97 -38.22
CA ILE C 133 24.08 -26.29 -35.56
CA LYS C 134 27.62 -24.99 -36.13
CA ASN C 135 26.65 -24.57 -39.74
CA MET C 136 23.82 -22.45 -38.39
CA TRP C 137 25.95 -20.17 -36.25
CA ALA C 138 28.25 -19.95 -39.22
CA ALA C 139 25.45 -18.97 -41.57
CA PHE C 140 23.41 -17.35 -38.86
CA PRO C 141 26.05 -15.66 -36.67
CA VAL C 148 21.04 -13.95 -32.13
CA ASP C 149 18.87 -11.35 -33.92
CA TYR C 150 16.25 -13.68 -35.32
CA LYS C 151 14.44 -10.83 -37.06
CA ASN C 152 17.41 -10.91 -39.39
CA ILE C 153 17.44 -14.69 -39.40
CA CYS C 154 14.01 -14.71 -41.02
CA TYR C 155 14.64 -12.07 -43.62
CA VAL C 156 17.49 -14.11 -44.93
CA ILE C 157 15.63 -17.36 -45.19
CA THR C 158 12.79 -15.61 -46.95
CA HIS C 159 14.81 -12.93 -48.72
CA GLY C 160 18.19 -14.46 -49.56
CA GLU C 161 21.68 -14.68 -48.07
CA ASP C 162 23.10 -11.16 -48.42
CA ALA C 163 20.65 -9.04 -46.46
N ALA D 1 -69.50 21.94 -3.38
CA ALA D 1 -70.00 21.87 -4.78
C ALA D 1 -68.84 21.52 -5.69
N GLN D 2 -68.01 20.58 -5.24
CA GLN D 2 -66.83 20.21 -6.00
C GLN D 2 -66.74 18.80 -6.57
N LYS D 3 -65.76 18.63 -7.45
CA LYS D 3 -65.50 17.37 -8.10
C LYS D 3 -65.60 16.22 -7.13
N PRO D 4 -65.57 14.98 -7.64
CA PRO D 4 -65.65 13.80 -6.78
C PRO D 4 -64.26 13.22 -6.53
N LEU D 5 -64.04 12.64 -5.36
CA LEU D 5 -62.74 12.08 -5.07
C LEU D 5 -62.59 10.56 -5.04
N SER D 6 -61.60 10.07 -5.78
CA SER D 6 -61.31 8.65 -5.84
C SER D 6 -60.96 8.21 -4.43
N ASP D 7 -61.34 6.99 -4.09
CA ASP D 7 -61.07 6.40 -2.79
C ASP D 7 -59.66 6.73 -2.31
N ASP D 8 -58.73 6.86 -3.25
CA ASP D 8 -57.34 7.17 -2.93
C ASP D 8 -57.15 8.63 -2.59
N GLU D 9 -57.63 9.50 -3.48
CA GLU D 9 -57.50 10.93 -3.25
C GLU D 9 -58.04 11.33 -1.90
N LYS D 10 -58.86 10.44 -1.34
CA LYS D 10 -59.47 10.69 -0.05
C LYS D 10 -58.43 10.55 1.05
N PHE D 11 -57.20 10.24 0.63
CA PHE D 11 -56.10 10.07 1.55
C PHE D 11 -55.16 11.26 1.62
N LEU D 12 -55.40 12.21 0.76
CA LEU D 12 -54.62 13.45 0.76
C LEU D 12 -55.55 14.63 0.54
N PHE D 13 -56.78 14.29 0.19
CA PHE D 13 -57.82 15.30 -0.06
C PHE D 13 -58.94 15.17 0.97
N VAL D 14 -59.48 16.32 1.34
CA VAL D 14 -60.57 16.41 2.32
C VAL D 14 -61.92 16.24 1.61
N ASP D 15 -62.76 15.43 2.24
CA ASP D 15 -64.11 15.18 1.73
C ASP D 15 -65.03 16.30 2.21
N LYS D 16 -65.40 17.14 1.26
CA LYS D 16 -66.20 18.33 1.54
C LYS D 16 -67.56 18.33 0.82
N ASN D 17 -67.71 17.45 -0.14
CA ASN D 17 -68.97 17.37 -0.90
C ASN D 17 -70.03 16.61 -0.10
N PHE D 18 -70.76 17.41 0.65
CA PHE D 18 -71.86 16.94 1.52
C PHE D 18 -72.93 18.04 1.59
N VAL D 19 -73.93 17.78 2.42
CA VAL D 19 -75.05 18.71 2.63
C VAL D 19 -74.70 19.71 3.74
N ASN D 20 -75.25 20.90 3.59
CA ASN D 20 -75.02 21.99 4.54
C ASN D 20 -75.89 21.80 5.80
N ASN D 21 -75.74 20.64 6.42
CA ASN D 21 -76.49 20.30 7.62
C ASN D 21 -76.42 21.41 8.68
N PRO D 22 -77.58 21.82 9.20
CA PRO D 22 -77.67 22.87 10.23
C PRO D 22 -77.69 22.26 11.61
N LEU D 23 -77.43 20.96 11.70
CA LEU D 23 -77.38 20.27 13.00
C LEU D 23 -76.29 20.90 13.87
N ALA D 24 -75.11 20.95 13.26
CA ALA D 24 -73.93 21.54 13.92
C ALA D 24 -74.08 23.05 13.92
N GLN D 25 -74.59 23.55 12.81
CA GLN D 25 -74.80 24.99 12.61
C GLN D 25 -75.91 25.51 13.54
N ALA D 26 -76.59 24.58 14.19
CA ALA D 26 -77.68 24.93 15.11
C ALA D 26 -77.22 24.70 16.55
N ASP D 27 -76.49 23.62 16.73
CA ASP D 27 -75.97 23.21 18.03
C ASP D 27 -75.07 24.32 18.61
N TRP D 28 -74.61 25.18 17.71
CA TRP D 28 -73.70 26.30 18.06
C TRP D 28 -74.23 27.11 19.25
N SER D 29 -75.53 27.05 19.45
CA SER D 29 -76.19 27.78 20.54
C SER D 29 -75.59 27.36 21.90
N ALA D 30 -75.16 26.12 21.94
CA ALA D 30 -74.50 25.58 23.13
C ALA D 30 -73.12 26.22 23.22
N LYS D 31 -73.12 27.47 22.79
CA LYS D 31 -71.91 28.30 22.74
C LYS D 31 -70.96 27.93 23.89
N LYS D 32 -71.54 27.56 24.99
CA LYS D 32 -70.77 27.19 26.20
C LYS D 32 -69.87 25.99 25.92
N LEU D 33 -69.80 25.57 24.66
CA LEU D 33 -68.97 24.44 24.29
C LEU D 33 -67.50 24.80 24.38
N VAL D 34 -66.77 23.99 25.14
CA VAL D 34 -65.35 24.23 25.34
C VAL D 34 -64.56 22.94 25.34
N TRP D 35 -63.29 23.06 25.64
CA TRP D 35 -62.42 21.91 25.68
C TRP D 35 -61.98 21.76 27.12
N VAL D 36 -61.74 20.54 27.56
CA VAL D 36 -61.30 20.34 28.94
C VAL D 36 -60.59 19.02 29.15
N PRO D 37 -59.77 18.96 30.20
CA PRO D 37 -58.99 17.80 30.60
C PRO D 37 -59.60 16.46 30.28
N SER D 38 -58.76 15.44 30.26
CA SER D 38 -59.20 14.08 29.97
C SER D 38 -58.02 13.11 30.10
N GLU D 39 -58.04 12.30 31.13
CA GLU D 39 -56.96 11.33 31.36
C GLU D 39 -56.97 10.24 30.29
N LYS D 40 -57.77 10.43 29.25
CA LYS D 40 -57.87 9.46 28.18
C LYS D 40 -58.06 10.05 26.78
N HIS D 41 -58.34 11.35 26.71
CA HIS D 41 -58.53 12.04 25.43
C HIS D 41 -57.67 13.30 25.39
N GLY D 42 -56.91 13.53 26.44
CA GLY D 42 -56.08 14.71 26.53
C GLY D 42 -56.97 15.91 26.77
N PHE D 43 -58.06 15.95 26.02
CA PHE D 43 -59.05 17.00 26.12
C PHE D 43 -60.33 16.38 25.61
N GLU D 44 -61.47 17.00 25.90
CA GLU D 44 -62.73 16.46 25.43
C GLU D 44 -63.80 17.55 25.37
N ALA D 45 -64.81 17.31 24.55
CA ALA D 45 -65.91 18.27 24.37
C ALA D 45 -66.85 18.36 25.57
N ALA D 46 -67.31 19.57 25.87
CA ALA D 46 -68.21 19.79 26.99
C ALA D 46 -68.74 21.20 26.91
N SER D 47 -69.83 21.48 27.64
CA SER D 47 -70.40 22.83 27.62
C SER D 47 -70.68 23.46 28.97
N ILE D 48 -70.27 24.73 29.07
CA ILE D 48 -70.43 25.52 30.26
C ILE D 48 -71.85 25.45 30.79
N LYS D 49 -71.97 25.32 32.11
CA LYS D 49 -73.25 25.25 32.79
C LYS D 49 -73.44 26.47 33.70
N GLU D 50 -72.34 26.93 34.31
CA GLU D 50 -72.39 28.10 35.19
C GLU D 50 -71.02 28.69 35.51
N GLU D 51 -70.79 29.93 35.09
CA GLU D 51 -69.53 30.62 35.34
C GLU D 51 -69.52 31.18 36.76
N LYS D 52 -68.66 30.62 37.61
CA LYS D 52 -68.56 31.04 38.99
C LYS D 52 -67.16 31.56 39.34
N GLY D 53 -66.88 32.80 38.94
CA GLY D 53 -65.58 33.38 39.22
C GLY D 53 -64.43 32.54 38.70
N ASP D 54 -63.35 32.46 39.46
CA ASP D 54 -62.17 31.67 39.07
C ASP D 54 -62.50 30.25 38.63
N GLU D 55 -63.73 29.81 38.88
CA GLU D 55 -64.19 28.47 38.51
C GLU D 55 -65.48 28.51 37.69
N VAL D 56 -65.78 27.40 37.01
CA VAL D 56 -66.97 27.32 36.18
C VAL D 56 -67.48 25.89 36.09
N THR D 57 -68.80 25.72 36.13
CA THR D 57 -69.44 24.41 36.05
C THR D 57 -69.72 24.05 34.60
N VAL D 58 -69.42 22.80 34.21
CA VAL D 58 -69.64 22.37 32.84
C VAL D 58 -70.08 20.91 32.75
N GLU D 59 -70.83 20.58 31.70
CA GLU D 59 -71.26 19.20 31.50
C GLU D 59 -70.70 18.63 30.20
N LEU D 60 -70.05 17.46 30.30
CA LEU D 60 -69.45 16.83 29.13
C LEU D 60 -70.46 16.58 28.04
N GLN D 61 -70.24 17.19 26.87
CA GLN D 61 -71.11 16.99 25.72
C GLN D 61 -70.82 15.57 25.23
N GLU D 62 -70.26 14.76 26.13
CA GLU D 62 -69.94 13.38 25.83
C GLU D 62 -70.65 12.42 26.79
N ASN D 63 -70.13 12.32 28.01
CA ASN D 63 -70.71 11.42 29.01
C ASN D 63 -71.96 11.97 29.68
N GLY D 64 -72.43 13.13 29.22
CA GLY D 64 -73.62 13.73 29.82
C GLY D 64 -73.34 14.09 31.27
N LYS D 65 -72.14 13.75 31.73
CA LYS D 65 -71.71 14.02 33.10
C LYS D 65 -71.59 15.51 33.38
N LYS D 66 -71.69 15.88 34.65
CA LYS D 66 -71.59 17.27 35.06
C LYS D 66 -70.49 17.51 36.10
N VAL D 67 -69.40 18.13 35.65
CA VAL D 67 -68.25 18.45 36.51
C VAL D 67 -67.81 19.91 36.36
N THR D 68 -67.35 20.49 37.45
CA THR D 68 -66.91 21.88 37.45
C THR D 68 -65.40 22.00 37.63
N LEU D 69 -64.79 22.77 36.73
CA LEU D 69 -63.35 23.00 36.76
C LEU D 69 -63.01 24.49 36.81
N SER D 70 -61.77 24.80 37.12
CA SER D 70 -61.34 26.18 37.19
C SER D 70 -61.63 26.92 35.89
N LYS D 71 -61.94 28.20 36.02
CA LYS D 71 -62.26 29.05 34.88
C LYS D 71 -60.99 29.30 34.06
N ASP D 72 -60.06 28.34 34.09
CA ASP D 72 -58.82 28.46 33.36
C ASP D 72 -58.33 27.10 32.89
N ASP D 73 -59.16 26.09 33.05
CA ASP D 73 -58.81 24.74 32.64
C ASP D 73 -59.65 24.37 31.43
N ILE D 74 -60.45 25.32 30.98
CA ILE D 74 -61.28 25.14 29.80
C ILE D 74 -60.63 25.83 28.61
N GLN D 75 -60.85 25.32 27.41
CA GLN D 75 -60.25 25.91 26.23
C GLN D 75 -61.25 26.05 25.12
N LYS D 76 -61.28 27.25 24.58
CA LYS D 76 -62.17 27.63 23.48
C LYS D 76 -62.14 26.61 22.34
N MET D 77 -63.32 26.31 21.83
CA MET D 77 -63.48 25.34 20.75
C MET D 77 -63.59 26.12 19.43
N ASN D 78 -63.11 25.50 18.37
CA ASN D 78 -63.15 26.14 17.04
C ASN D 78 -64.41 25.71 16.30
N PRO D 79 -64.98 26.60 15.47
CA PRO D 79 -66.23 26.35 14.77
C PRO D 79 -66.18 25.11 13.90
N PRO D 80 -67.36 24.53 13.57
CA PRO D 80 -67.44 23.33 12.75
C PRO D 80 -66.88 23.54 11.36
N LYS D 81 -66.74 24.81 11.02
CA LYS D 81 -66.23 25.22 9.68
C LYS D 81 -64.73 24.98 9.55
N PHE D 82 -64.14 24.46 10.61
CA PHE D 82 -62.68 24.23 10.65
C PHE D 82 -62.33 22.75 10.67
N SER D 83 -63.31 21.87 10.66
CA SER D 83 -62.99 20.45 10.73
C SER D 83 -61.98 19.99 9.69
N LYS D 84 -60.94 19.33 10.18
CA LYS D 84 -59.90 18.77 9.34
C LYS D 84 -59.18 19.79 8.48
N VAL D 85 -58.84 20.94 9.04
CA VAL D 85 -58.15 22.01 8.33
C VAL D 85 -56.79 21.66 7.73
N GLU D 86 -56.35 22.44 6.74
CA GLU D 86 -55.07 22.22 6.09
C GLU D 86 -53.91 22.95 6.77
N ASP D 87 -54.16 24.19 7.24
CA ASP D 87 -53.13 25.00 7.88
C ASP D 87 -53.56 25.54 9.25
N MET D 88 -53.24 24.81 10.32
CA MET D 88 -53.57 25.20 11.70
C MET D 88 -53.51 26.70 11.90
N ALA D 89 -52.57 27.34 11.24
CA ALA D 89 -52.43 28.77 11.34
C ALA D 89 -53.72 29.46 10.84
N GLU D 90 -54.76 28.68 10.56
CA GLU D 90 -56.04 29.22 10.08
C GLU D 90 -57.12 29.26 11.16
N LEU D 91 -57.33 28.13 11.82
CA LEU D 91 -58.35 28.04 12.89
C LEU D 91 -58.27 29.29 13.77
N THR D 92 -59.42 29.91 13.96
CA THR D 92 -59.52 31.16 14.74
C THR D 92 -59.25 30.95 16.21
N CYS D 93 -58.85 29.74 16.60
CA CYS D 93 -58.55 29.44 17.99
C CYS D 93 -57.34 28.51 18.05
N LEU D 94 -56.23 28.99 18.59
CA LEU D 94 -55.04 28.17 18.72
C LEU D 94 -55.02 27.57 20.12
N ASN D 95 -54.90 26.26 20.22
CA ASN D 95 -54.91 25.61 21.52
C ASN D 95 -54.15 24.31 21.43
N GLU D 96 -53.68 23.86 22.59
CA GLU D 96 -52.96 22.61 22.65
C GLU D 96 -54.04 21.56 22.37
N ALA D 97 -55.29 22.00 22.54
CA ALA D 97 -56.45 21.17 22.35
C ALA D 97 -56.88 21.06 20.89
N SER D 98 -57.20 22.19 20.28
CA SER D 98 -57.63 22.22 18.88
C SER D 98 -56.53 21.62 18.01
N VAL D 99 -55.35 22.26 18.06
CA VAL D 99 -54.18 21.82 17.31
C VAL D 99 -54.06 20.29 17.38
N LEU D 100 -54.37 19.76 18.56
CA LEU D 100 -54.32 18.32 18.79
C LEU D 100 -55.46 17.74 18.01
N HIS D 101 -56.65 18.22 18.33
CA HIS D 101 -57.85 17.74 17.67
C HIS D 101 -57.62 17.58 16.17
N ASN D 102 -57.45 18.71 15.48
CA ASN D 102 -57.22 18.70 14.05
C ASN D 102 -56.34 17.58 13.61
N LEU D 103 -55.16 17.53 14.21
CA LEU D 103 -54.20 16.49 13.90
C LEU D 103 -54.85 15.11 14.07
N ARG D 104 -55.63 14.94 15.16
CA ARG D 104 -56.29 13.67 15.42
C ARG D 104 -57.21 13.26 14.27
N GLU D 105 -58.10 14.16 13.89
CA GLU D 105 -59.04 13.90 12.81
C GLU D 105 -58.30 13.52 11.55
N ARG D 106 -57.71 14.51 10.87
CA ARG D 106 -56.97 14.26 9.65
C ARG D 106 -56.21 12.94 9.72
N TYR D 107 -55.64 12.68 10.89
CA TYR D 107 -54.87 11.47 11.09
C TYR D 107 -55.72 10.22 10.83
N PHE D 108 -56.86 10.17 11.47
CA PHE D 108 -57.76 9.02 11.35
C PHE D 108 -58.41 8.97 9.97
N SER D 109 -58.55 10.13 9.35
CA SER D 109 -59.15 10.21 8.03
C SER D 109 -58.19 9.66 6.97
N GLY D 110 -56.91 9.57 7.31
CA GLY D 110 -55.93 9.02 6.39
C GLY D 110 -54.88 10.00 5.92
N LEU D 111 -54.98 11.24 6.39
CA LEU D 111 -54.00 12.23 5.98
C LEU D 111 -53.05 12.44 7.14
N ILE D 112 -51.75 12.40 6.85
CA ILE D 112 -50.78 12.58 7.93
C ILE D 112 -50.09 13.96 7.87
N TYR D 113 -49.78 14.44 6.67
CA TYR D 113 -49.11 15.74 6.51
C TYR D 113 -50.10 16.90 6.78
N THR D 114 -49.66 17.86 7.58
CA THR D 114 -50.48 19.03 7.92
C THR D 114 -49.61 20.28 8.06
N TYR D 115 -50.09 21.43 7.60
CA TYR D 115 -49.28 22.64 7.72
C TYR D 115 -49.53 23.35 9.03
N SER D 116 -48.50 24.01 9.56
CA SER D 116 -48.57 24.75 10.80
C SER D 116 -47.75 26.00 10.56
N GLY D 117 -48.36 26.96 9.90
CA GLY D 117 -47.66 28.18 9.60
C GLY D 117 -46.64 27.89 8.54
N LEU D 118 -45.37 28.06 8.88
CA LEU D 118 -44.31 27.82 7.92
C LEU D 118 -43.94 26.36 7.89
N PHE D 119 -43.57 25.82 9.04
CA PHE D 119 -43.21 24.40 9.13
C PHE D 119 -44.46 23.55 9.00
N CYS D 120 -44.28 22.24 8.91
CA CYS D 120 -45.40 21.34 8.79
C CYS D 120 -45.24 20.05 9.61
N VAL D 121 -46.32 19.63 10.28
CA VAL D 121 -46.33 18.41 11.11
C VAL D 121 -46.54 17.20 10.21
N VAL D 122 -46.22 15.99 10.69
CA VAL D 122 -46.36 14.78 9.87
C VAL D 122 -46.48 13.47 10.66
N ILE D 123 -47.60 13.23 11.34
CA ILE D 123 -47.78 12.02 12.16
C ILE D 123 -47.57 10.70 11.44
N ASN D 124 -46.62 9.90 11.90
CA ASN D 124 -46.34 8.59 11.30
C ASN D 124 -47.66 7.83 11.12
N PRO D 125 -47.87 7.23 9.94
CA PRO D 125 -49.09 6.46 9.66
C PRO D 125 -48.88 5.05 10.16
N TYR D 126 -47.71 4.51 9.85
CA TYR D 126 -47.28 3.15 10.18
C TYR D 126 -47.91 2.18 9.21
N LYS D 127 -48.70 2.75 8.29
CA LYS D 127 -49.42 1.97 7.30
C LYS D 127 -48.95 2.44 5.95
N GLN D 128 -49.15 1.58 4.97
CA GLN D 128 -48.77 1.83 3.60
C GLN D 128 -49.80 2.66 2.82
N LEU D 129 -49.98 3.92 3.19
CA LEU D 129 -50.91 4.81 2.49
C LEU D 129 -50.42 4.90 1.07
N PRO D 130 -51.30 5.22 0.11
CA PRO D 130 -50.91 5.32 -1.29
C PRO D 130 -50.85 6.77 -1.78
N ILE D 131 -49.85 7.52 -1.32
CA ILE D 131 -49.79 8.92 -1.73
C ILE D 131 -48.39 9.29 -2.24
N TYR D 132 -47.67 8.30 -2.74
CA TYR D 132 -46.35 8.52 -3.32
C TYR D 132 -46.32 7.74 -4.64
N SER D 133 -46.32 8.42 -5.79
CA SER D 133 -46.31 7.72 -7.06
C SER D 133 -46.06 8.72 -8.18
N GLU D 134 -45.45 8.26 -9.27
CA GLU D 134 -45.18 9.13 -10.40
C GLU D 134 -46.41 10.00 -10.60
N LYS D 135 -47.57 9.33 -10.61
CA LYS D 135 -48.84 10.01 -10.77
C LYS D 135 -48.89 11.24 -9.87
N ILE D 136 -48.78 11.00 -8.58
CA ILE D 136 -48.84 12.07 -7.59
C ILE D 136 -47.69 13.04 -7.70
N ILE D 137 -46.54 12.59 -8.19
CA ILE D 137 -45.38 13.46 -8.32
C ILE D 137 -45.69 14.57 -9.28
N ASP D 138 -46.22 14.19 -10.45
CA ASP D 138 -46.56 15.15 -11.49
C ASP D 138 -47.71 16.04 -11.11
N MET D 139 -48.53 15.57 -10.17
CA MET D 139 -49.65 16.35 -9.70
C MET D 139 -49.14 17.62 -8.99
N TYR D 140 -48.13 17.41 -8.17
CA TYR D 140 -47.54 18.48 -7.34
C TYR D 140 -46.45 19.28 -8.09
N LYS D 141 -45.92 18.70 -9.14
CA LYS D 141 -44.86 19.33 -9.96
C LYS D 141 -45.29 20.75 -10.34
N GLY D 142 -44.61 21.74 -9.81
CA GLY D 142 -44.93 23.11 -10.16
C GLY D 142 -46.06 23.69 -9.33
N LYS D 143 -46.99 22.82 -8.96
CA LYS D 143 -48.15 23.24 -8.18
C LYS D 143 -47.75 24.04 -6.93
N LYS D 144 -48.34 25.22 -6.82
CA LYS D 144 -48.10 26.13 -5.71
C LYS D 144 -48.32 25.50 -4.37
N ARG D 145 -48.36 26.34 -3.33
CA ARG D 145 -48.53 25.87 -1.96
C ARG D 145 -49.95 25.45 -1.70
N HIS D 146 -50.87 26.28 -2.19
CA HIS D 146 -52.29 26.05 -2.01
C HIS D 146 -52.97 25.29 -3.16
N GLU D 147 -52.40 25.33 -4.34
CA GLU D 147 -53.01 24.60 -5.43
C GLU D 147 -53.09 23.09 -5.16
N MET D 148 -52.74 22.68 -3.95
CA MET D 148 -52.75 21.28 -3.60
C MET D 148 -52.70 21.12 -2.09
N PRO D 149 -52.93 19.91 -1.60
CA PRO D 149 -52.90 19.65 -0.16
C PRO D 149 -51.52 19.32 0.43
N PRO D 150 -51.34 19.60 1.73
CA PRO D 150 -50.09 19.33 2.43
C PRO D 150 -49.64 17.93 2.12
N HIS D 151 -48.40 17.82 1.68
CA HIS D 151 -47.79 16.55 1.36
C HIS D 151 -46.29 16.81 1.33
N ILE D 152 -45.51 15.78 1.52
CA ILE D 152 -44.06 15.98 1.52
C ILE D 152 -43.60 16.49 0.17
N TYR D 153 -44.03 15.83 -0.89
CA TYR D 153 -43.63 16.24 -2.25
C TYR D 153 -43.82 17.74 -2.42
N ALA D 154 -44.66 18.33 -1.57
CA ALA D 154 -44.92 19.76 -1.64
C ALA D 154 -43.78 20.58 -1.04
N ILE D 155 -43.33 20.18 0.15
CA ILE D 155 -42.22 20.88 0.84
C ILE D 155 -41.00 20.84 -0.05
N ALA D 156 -40.78 19.68 -0.68
CA ALA D 156 -39.67 19.49 -1.59
C ALA D 156 -39.75 20.49 -2.75
N ASP D 157 -40.89 20.56 -3.43
CA ASP D 157 -41.00 21.48 -4.53
C ASP D 157 -40.95 22.94 -4.09
N THR D 158 -41.53 23.24 -2.94
CA THR D 158 -41.56 24.62 -2.44
C THR D 158 -40.15 25.15 -2.23
N ALA D 159 -39.26 24.29 -1.76
CA ALA D 159 -37.87 24.64 -1.52
C ALA D 159 -37.14 24.70 -2.84
N TYR D 160 -37.15 23.57 -3.56
CA TYR D 160 -36.47 23.47 -4.84
C TYR D 160 -36.73 24.61 -5.79
N ARG D 161 -37.83 25.31 -5.61
CA ARG D 161 -38.13 26.44 -6.47
C ARG D 161 -37.53 27.65 -5.77
N SER D 162 -37.92 27.84 -4.51
CA SER D 162 -37.43 28.95 -3.71
C SER D 162 -35.95 29.14 -3.97
N MET D 163 -35.24 28.03 -4.10
CA MET D 163 -33.81 28.11 -4.38
C MET D 163 -33.63 28.83 -5.72
N LEU D 164 -34.20 28.30 -6.79
CA LEU D 164 -34.07 28.91 -8.10
C LEU D 164 -34.71 30.27 -8.24
N GLN D 165 -35.50 30.69 -7.25
CA GLN D 165 -36.18 31.97 -7.35
C GLN D 165 -35.37 33.14 -6.81
N ASP D 166 -35.08 33.09 -5.51
CA ASP D 166 -34.30 34.14 -4.87
C ASP D 166 -32.83 33.78 -4.79
N ARG D 167 -32.45 32.74 -5.51
CA ARG D 167 -31.07 32.27 -5.57
C ARG D 167 -30.47 32.26 -4.17
N GLU D 168 -30.78 31.23 -3.39
CA GLU D 168 -30.29 31.14 -2.02
C GLU D 168 -30.54 29.78 -1.40
N ASP D 169 -29.51 28.95 -1.46
CA ASP D 169 -29.52 27.58 -0.96
C ASP D 169 -30.46 27.28 0.18
N GLN D 170 -30.94 26.04 0.23
CA GLN D 170 -31.91 25.65 1.23
C GLN D 170 -31.71 24.29 1.85
N SER D 171 -32.37 24.12 2.99
CA SER D 171 -32.30 22.91 3.78
C SER D 171 -33.68 22.42 4.24
N ILE D 172 -33.86 21.11 4.27
CA ILE D 172 -35.09 20.50 4.72
C ILE D 172 -34.63 19.67 5.91
N LEU D 173 -34.93 20.13 7.12
CA LEU D 173 -34.54 19.46 8.35
C LEU D 173 -35.63 18.64 9.01
N CYS D 174 -35.55 17.32 8.99
CA CYS D 174 -36.58 16.46 9.62
C CYS D 174 -36.32 16.23 11.09
N THR D 175 -37.14 16.83 11.94
CA THR D 175 -36.98 16.68 13.39
C THR D 175 -37.82 15.50 13.86
N GLY D 176 -38.27 15.54 15.11
CA GLY D 176 -39.08 14.46 15.62
C GLY D 176 -38.28 13.41 16.36
N GLU D 177 -38.88 12.87 17.41
CA GLU D 177 -38.27 11.86 18.25
C GLU D 177 -37.99 10.59 17.47
N SER D 178 -37.14 9.75 18.03
CA SER D 178 -36.78 8.52 17.35
C SER D 178 -37.97 7.70 16.89
N GLY D 179 -37.95 7.36 15.62
CA GLY D 179 -39.02 6.55 15.05
C GLY D 179 -40.05 7.34 14.28
N ALA D 180 -40.24 8.61 14.66
CA ALA D 180 -41.21 9.49 14.03
C ALA D 180 -41.12 9.62 12.52
N GLY D 181 -40.23 8.88 11.88
CA GLY D 181 -40.16 8.96 10.43
C GLY D 181 -39.18 9.93 9.81
N LYS D 182 -38.20 10.38 10.58
CA LYS D 182 -37.22 11.31 10.03
C LYS D 182 -36.66 10.85 8.68
N THR D 183 -36.40 9.55 8.58
CA THR D 183 -35.82 8.96 7.37
C THR D 183 -36.73 8.94 6.15
N GLU D 184 -37.76 8.12 6.22
CA GLU D 184 -38.68 8.00 5.10
C GLU D 184 -38.85 9.33 4.36
N ASN D 185 -39.36 10.31 5.08
CA ASN D 185 -39.61 11.63 4.54
C ASN D 185 -38.44 12.19 3.80
N THR D 186 -37.25 11.65 4.04
CA THR D 186 -36.07 12.15 3.34
C THR D 186 -35.98 11.43 2.02
N LYS D 187 -36.22 10.12 2.09
CA LYS D 187 -36.15 9.28 0.90
C LYS D 187 -37.13 9.81 -0.15
N LYS D 188 -38.24 10.40 0.31
CA LYS D 188 -39.21 10.95 -0.61
C LYS D 188 -38.66 12.21 -1.25
N VAL D 189 -38.25 13.16 -0.43
CA VAL D 189 -37.66 14.39 -0.93
C VAL D 189 -36.64 14.14 -2.06
N ILE D 190 -35.87 13.06 -1.94
CA ILE D 190 -34.92 12.77 -2.99
C ILE D 190 -35.69 12.19 -4.14
N GLN D 191 -36.59 11.26 -3.80
CA GLN D 191 -37.44 10.58 -4.77
C GLN D 191 -38.12 11.55 -5.74
N TYR D 192 -38.67 12.61 -5.16
CA TYR D 192 -39.33 13.64 -5.92
C TYR D 192 -38.29 14.42 -6.75
N LEU D 193 -37.39 15.11 -6.08
CA LEU D 193 -36.36 15.87 -6.78
C LEU D 193 -35.57 15.05 -7.83
N ALA D 194 -35.60 13.74 -7.70
CA ALA D 194 -34.88 12.88 -8.64
C ALA D 194 -35.55 12.84 -10.01
N VAL D 195 -36.83 13.21 -10.04
CA VAL D 195 -37.57 13.19 -11.28
C VAL D 195 -38.01 14.59 -11.66
N VAL D 196 -38.45 15.35 -10.67
CA VAL D 196 -38.91 16.68 -10.91
C VAL D 196 -37.82 17.64 -11.31
N ALA D 197 -36.57 17.33 -10.99
CA ALA D 197 -35.50 18.27 -11.33
C ALA D 197 -34.40 17.70 -12.20
N SER D 198 -34.42 16.39 -12.40
CA SER D 198 -33.41 15.73 -13.21
C SER D 198 -33.50 16.16 -14.66
N SER D 199 -32.48 15.82 -15.42
CA SER D 199 -32.50 16.11 -16.84
C SER D 199 -32.82 14.77 -17.49
N HIS D 200 -33.56 14.81 -18.59
CA HIS D 200 -33.98 13.59 -19.27
C HIS D 200 -33.20 13.25 -20.54
N LYS D 201 -33.21 11.98 -20.91
CA LYS D 201 -32.54 11.49 -22.12
C LYS D 201 -33.57 11.64 -23.26
N GLY D 202 -34.31 12.74 -23.20
CA GLY D 202 -35.35 13.01 -24.17
C GLY D 202 -36.64 12.51 -23.54
N LYS D 203 -37.27 11.54 -24.21
CA LYS D 203 -38.51 10.95 -23.72
C LYS D 203 -39.64 11.98 -23.70
N GLN D 210 -46.82 5.88 -13.70
CA GLN D 210 -47.61 4.90 -12.89
C GLN D 210 -46.79 4.49 -11.67
N GLY D 211 -47.11 5.08 -10.53
CA GLY D 211 -46.35 4.76 -9.34
C GLY D 211 -44.91 5.03 -9.72
N PRO D 212 -44.00 4.13 -9.35
CA PRO D 212 -42.57 4.28 -9.65
C PRO D 212 -42.18 4.18 -11.12
N SER D 213 -43.14 3.79 -11.97
CA SER D 213 -42.88 3.65 -13.40
C SER D 213 -42.38 4.94 -14.06
N PHE D 214 -41.09 4.95 -14.39
CA PHE D 214 -40.42 6.10 -15.01
C PHE D 214 -38.92 5.84 -15.18
N SER D 215 -38.38 6.17 -16.36
CA SER D 215 -36.96 5.99 -16.61
C SER D 215 -36.26 7.30 -16.29
N TYR D 216 -35.51 7.30 -15.18
CA TYR D 216 -34.79 8.49 -14.73
C TYR D 216 -33.47 8.68 -15.47
N GLY D 217 -32.80 9.79 -15.20
CA GLY D 217 -31.52 10.07 -15.84
C GLY D 217 -30.53 8.98 -15.48
N GLU D 218 -29.26 9.20 -15.79
CA GLU D 218 -28.23 8.20 -15.51
C GLU D 218 -27.70 8.33 -14.08
N LEU D 219 -27.56 9.56 -13.63
CA LEU D 219 -27.05 9.82 -12.27
C LEU D 219 -28.16 9.73 -11.24
N GLU D 220 -29.33 10.24 -11.60
CA GLU D 220 -30.47 10.21 -10.70
C GLU D 220 -30.79 8.76 -10.40
N LYS D 221 -30.32 7.89 -11.29
CA LYS D 221 -30.50 6.44 -11.15
C LYS D 221 -29.76 6.02 -9.90
N GLN D 222 -28.51 6.44 -9.84
CA GLN D 222 -27.65 6.14 -8.69
C GLN D 222 -28.09 6.91 -7.43
N LEU D 223 -28.31 8.21 -7.58
CA LEU D 223 -28.73 9.07 -6.47
C LEU D 223 -29.84 8.36 -5.70
N LEU D 224 -30.56 7.52 -6.43
CA LEU D 224 -31.68 6.76 -5.89
C LEU D 224 -31.26 5.48 -5.16
N GLN D 225 -30.27 4.78 -5.71
CA GLN D 225 -29.78 3.53 -5.15
C GLN D 225 -28.76 3.67 -4.03
N ALA D 226 -28.40 4.90 -3.68
CA ALA D 226 -27.41 5.16 -2.62
C ALA D 226 -27.96 4.86 -1.23
N ASN D 227 -28.96 5.61 -0.82
CA ASN D 227 -29.60 5.41 0.49
C ASN D 227 -29.92 3.94 0.83
N PRO D 228 -30.29 3.12 -0.17
CA PRO D 228 -30.59 1.71 0.13
C PRO D 228 -29.32 0.92 0.44
N ILE D 229 -28.16 1.53 0.22
CA ILE D 229 -26.88 0.90 0.50
C ILE D 229 -26.48 1.23 1.93
N LEU D 230 -26.29 2.51 2.22
CA LEU D 230 -25.92 2.92 3.57
C LEU D 230 -26.90 2.36 4.58
N GLU D 231 -28.08 1.99 4.10
CA GLU D 231 -29.08 1.45 5.00
C GLU D 231 -28.69 0.07 5.46
N ALA D 232 -27.87 -0.60 4.64
CA ALA D 232 -27.40 -1.94 4.97
C ALA D 232 -26.43 -1.81 6.15
N PHE D 233 -25.18 -1.46 5.86
CA PHE D 233 -24.19 -1.30 6.91
C PHE D 233 -24.47 0.03 7.59
N GLY D 234 -25.47 0.12 8.44
CA GLY D 234 -25.73 1.40 9.06
C GLY D 234 -27.05 1.46 9.79
N ASN D 235 -27.97 0.57 9.43
CA ASN D 235 -29.29 0.52 10.06
C ASN D 235 -29.49 -0.79 10.77
N ALA D 236 -30.25 -0.78 11.85
CA ALA D 236 -30.49 -2.02 12.59
C ALA D 236 -31.67 -2.00 13.57
N LYS D 237 -32.30 -3.16 13.72
CA LYS D 237 -33.47 -3.31 14.58
C LYS D 237 -33.30 -2.93 16.02
N THR D 238 -34.18 -2.07 16.50
CA THR D 238 -34.12 -1.66 17.89
C THR D 238 -35.51 -1.59 18.50
N VAL D 239 -35.53 -1.56 19.83
CA VAL D 239 -36.77 -1.53 20.61
C VAL D 239 -37.64 -0.35 20.23
N LYS D 240 -37.19 0.44 19.27
CA LYS D 240 -37.96 1.60 18.84
C LYS D 240 -38.17 1.58 17.32
N ASN D 241 -37.40 0.77 16.59
CA ASN D 241 -37.56 0.72 15.15
C ASN D 241 -36.83 -0.43 14.45
N ASP D 242 -37.61 -1.31 13.86
CA ASP D 242 -37.10 -2.46 13.13
C ASP D 242 -35.98 -2.11 12.14
N ASN D 243 -36.02 -0.91 11.58
CA ASN D 243 -34.97 -0.50 10.66
C ASN D 243 -34.53 0.91 11.02
N SER D 244 -33.87 1.03 12.17
CA SER D 244 -33.41 2.32 12.64
C SER D 244 -32.14 2.77 12.01
N SER D 245 -32.08 4.08 11.76
CA SER D 245 -30.90 4.69 11.20
C SER D 245 -29.88 4.87 12.36
N ARG D 246 -28.80 4.10 12.30
CA ARG D 246 -27.80 4.09 13.38
C ARG D 246 -26.67 5.11 13.16
N PHE D 247 -27.04 6.24 12.58
CA PHE D 247 -26.08 7.32 12.30
C PHE D 247 -26.75 8.47 11.57
N GLY D 248 -26.48 9.66 12.08
CA GLY D 248 -26.99 10.88 11.47
C GLY D 248 -26.51 10.93 10.04
N LYS D 249 -27.21 11.66 9.19
CA LYS D 249 -26.85 11.78 7.78
C LYS D 249 -27.35 13.10 7.20
N PHE D 250 -26.51 13.80 6.45
CA PHE D 250 -26.88 15.08 5.85
C PHE D 250 -26.54 15.02 4.35
N ILE D 251 -27.54 14.76 3.51
CA ILE D 251 -27.36 14.68 2.05
C ILE D 251 -27.37 16.02 1.37
N ARG D 252 -26.46 16.24 0.45
CA ARG D 252 -26.39 17.52 -0.26
C ARG D 252 -26.54 17.32 -1.77
N ILE D 253 -27.57 17.92 -2.35
CA ILE D 253 -27.78 17.81 -3.79
C ILE D 253 -27.42 19.11 -4.48
N ASN D 254 -26.68 18.98 -5.58
CA ASN D 254 -26.18 20.11 -6.35
C ASN D 254 -26.86 20.37 -7.69
N PHE D 255 -27.31 21.61 -7.90
CA PHE D 255 -27.99 22.00 -9.14
C PHE D 255 -27.22 23.05 -9.95
N ASP D 256 -27.37 22.99 -11.27
CA ASP D 256 -26.70 23.95 -12.13
C ASP D 256 -27.53 25.23 -12.17
N VAL D 257 -27.27 26.08 -13.17
CA VAL D 257 -28.03 27.33 -13.30
C VAL D 257 -29.40 27.08 -13.92
N THR D 258 -29.49 26.12 -14.84
CA THR D 258 -30.74 25.80 -15.50
C THR D 258 -31.71 25.12 -14.54
N GLY D 259 -31.21 24.73 -13.36
CA GLY D 259 -32.07 24.11 -12.38
C GLY D 259 -32.02 22.60 -12.36
N TYR D 260 -30.98 22.01 -12.93
CA TYR D 260 -30.88 20.55 -12.96
C TYR D 260 -29.92 19.94 -11.95
N ILE D 261 -30.24 18.72 -11.52
CA ILE D 261 -29.43 18.00 -10.56
C ILE D 261 -28.16 17.61 -11.28
N VAL D 262 -27.03 17.76 -10.61
CA VAL D 262 -25.75 17.42 -11.22
C VAL D 262 -24.83 16.71 -10.24
N GLY D 263 -25.00 16.94 -8.95
CA GLY D 263 -24.14 16.29 -7.99
C GLY D 263 -24.80 15.94 -6.67
N ALA D 264 -24.08 15.24 -5.79
CA ALA D 264 -24.61 14.83 -4.50
C ALA D 264 -23.55 14.29 -3.55
N ASN D 265 -23.51 14.90 -2.38
CA ASN D 265 -22.57 14.56 -1.34
C ASN D 265 -23.33 13.96 -0.18
N ILE D 266 -22.63 13.29 0.71
CA ILE D 266 -23.27 12.73 1.89
C ILE D 266 -22.33 12.79 3.11
N GLU D 267 -22.71 13.60 4.08
CA GLU D 267 -21.92 13.76 5.32
C GLU D 267 -22.52 12.89 6.43
N THR D 268 -21.88 11.75 6.65
CA THR D 268 -22.29 10.76 7.67
C THR D 268 -21.72 11.19 9.03
N TYR D 269 -22.37 10.78 10.12
CA TYR D 269 -21.92 11.21 11.46
C TYR D 269 -21.63 10.04 12.42
N LEU D 270 -22.26 10.14 13.57
CA LEU D 270 -22.05 9.23 14.73
C LEU D 270 -22.49 7.79 14.50
N LEU D 271 -21.67 7.02 13.80
CA LEU D 271 -22.00 5.62 13.54
C LEU D 271 -21.86 4.71 14.76
N GLU D 272 -22.93 4.46 15.49
CA GLU D 272 -22.89 3.59 16.69
C GLU D 272 -22.44 2.17 16.34
N LYS D 273 -21.19 2.04 15.91
CA LYS D 273 -20.61 0.76 15.52
C LYS D 273 -20.31 -0.09 16.73
N SER D 274 -20.60 0.43 17.92
CA SER D 274 -20.40 -0.34 19.12
C SER D 274 -21.16 -1.66 18.89
N ARG D 275 -22.49 -1.56 18.79
CA ARG D 275 -23.37 -2.72 18.60
C ARG D 275 -22.92 -3.78 17.60
N ALA D 276 -21.82 -3.52 16.91
CA ALA D 276 -21.31 -4.48 15.95
C ALA D 276 -20.76 -5.71 16.68
N ILE D 277 -20.52 -5.56 17.99
CA ILE D 277 -19.99 -6.62 18.83
C ILE D 277 -20.99 -7.20 19.81
N ARG D 278 -21.82 -6.34 20.39
CA ARG D 278 -22.83 -6.81 21.33
C ARG D 278 -24.10 -5.96 21.24
N GLN D 279 -25.17 -6.66 20.89
CA GLN D 279 -26.50 -6.06 20.74
C GLN D 279 -27.35 -6.32 21.98
N ALA D 280 -28.08 -5.29 22.35
CA ALA D 280 -28.98 -5.33 23.52
C ALA D 280 -30.10 -6.33 23.27
N LYS D 281 -30.91 -6.48 24.29
CA LYS D 281 -32.08 -7.38 24.28
C LYS D 281 -33.07 -6.93 23.20
N ASP D 282 -33.47 -7.91 22.41
CA ASP D 282 -34.47 -7.77 21.33
C ASP D 282 -34.01 -6.80 20.21
N GLU D 283 -32.72 -6.56 20.16
CA GLU D 283 -32.12 -5.70 19.13
C GLU D 283 -31.22 -6.57 18.23
N ARG D 284 -30.85 -5.99 17.11
CA ARG D 284 -29.98 -6.66 16.11
C ARG D 284 -28.79 -5.77 15.75
N THR D 285 -27.89 -6.37 14.99
CA THR D 285 -26.70 -5.69 14.46
C THR D 285 -27.07 -5.09 13.13
N PHE D 286 -26.04 -4.57 12.46
CA PHE D 286 -26.21 -3.94 11.17
C PHE D 286 -26.74 -4.90 10.13
N HIS D 287 -27.99 -4.68 9.72
CA HIS D 287 -28.67 -5.49 8.71
C HIS D 287 -27.73 -6.37 7.89
N ILE D 288 -26.89 -5.72 7.09
CA ILE D 288 -25.94 -6.43 6.24
C ILE D 288 -25.43 -7.74 6.83
N PHE D 289 -25.14 -7.77 8.13
CA PHE D 289 -24.64 -8.99 8.77
C PHE D 289 -25.58 -10.15 8.48
N TYR D 290 -26.80 -10.05 9.01
CA TYR D 290 -27.81 -11.07 8.80
C TYR D 290 -28.01 -11.31 7.31
N TYR D 291 -28.11 -10.25 6.53
CA TYR D 291 -28.28 -10.39 5.10
C TYR D 291 -27.24 -11.40 4.59
N LEU D 292 -25.98 -11.15 4.93
CA LEU D 292 -24.89 -12.01 4.50
C LEU D 292 -24.97 -13.43 4.99
N ILE D 293 -25.13 -13.60 6.30
CA ILE D 293 -25.22 -14.94 6.85
C ILE D 293 -26.32 -15.75 6.16
N ALA D 294 -27.22 -15.06 5.45
CA ALA D 294 -28.32 -15.72 4.77
C ALA D 294 -28.29 -15.63 3.25
N GLY D 295 -28.17 -14.41 2.73
CA GLY D 295 -28.16 -14.21 1.30
C GLY D 295 -26.91 -14.74 0.65
N ALA D 296 -26.01 -15.24 1.49
CA ALA D 296 -24.76 -15.79 1.02
C ALA D 296 -25.00 -16.98 0.09
N SER D 297 -24.31 -16.97 -1.06
CA SER D 297 -24.42 -18.04 -2.03
C SER D 297 -23.67 -19.26 -1.50
N GLU D 298 -24.19 -20.46 -1.78
CA GLU D 298 -23.54 -21.69 -1.33
C GLU D 298 -22.03 -21.58 -1.48
N GLN D 299 -21.58 -21.33 -2.70
CA GLN D 299 -20.16 -21.21 -2.98
C GLN D 299 -19.53 -20.15 -2.08
N MET D 300 -19.79 -18.88 -2.39
CA MET D 300 -19.24 -17.78 -1.60
C MET D 300 -19.53 -18.01 -0.12
N ARG D 301 -20.47 -18.89 0.18
CA ARG D 301 -20.83 -19.19 1.55
C ARG D 301 -19.56 -19.52 2.29
N ASN D 302 -18.89 -20.58 1.85
CA ASN D 302 -17.65 -21.00 2.47
C ASN D 302 -16.55 -20.00 2.20
N ASP D 303 -16.52 -19.47 0.98
CA ASP D 303 -15.49 -18.50 0.57
C ASP D 303 -15.15 -17.44 1.62
N LEU D 304 -16.07 -17.18 2.54
CA LEU D 304 -15.81 -16.20 3.59
C LEU D 304 -15.98 -16.86 4.95
N LEU D 305 -16.08 -18.19 4.93
CA LEU D 305 -16.25 -18.98 6.13
C LEU D 305 -17.46 -18.45 6.88
N LEU D 306 -18.60 -18.53 6.21
CA LEU D 306 -19.85 -18.03 6.75
C LEU D 306 -20.71 -19.13 7.36
N GLU D 307 -20.32 -19.58 8.55
CA GLU D 307 -21.09 -20.60 9.25
C GLU D 307 -22.49 -20.02 9.49
N GLY D 308 -23.46 -20.88 9.78
CA GLY D 308 -24.81 -20.40 9.99
C GLY D 308 -24.97 -19.45 11.17
N PHE D 309 -26.22 -19.13 11.50
CA PHE D 309 -26.50 -18.23 12.60
C PHE D 309 -26.22 -18.92 13.93
N ASN D 310 -25.91 -18.14 14.95
CA ASN D 310 -25.63 -18.68 16.27
C ASN D 310 -24.32 -19.46 16.34
N ASN D 311 -23.51 -19.29 15.31
CA ASN D 311 -22.20 -19.92 15.24
C ASN D 311 -21.22 -18.79 15.48
N TYR D 312 -21.77 -17.58 15.55
CA TYR D 312 -21.02 -16.35 15.79
C TYR D 312 -21.49 -15.73 17.10
N THR D 313 -20.55 -15.19 17.88
CA THR D 313 -20.90 -14.62 19.17
C THR D 313 -21.19 -13.13 19.17
N PHE D 314 -20.95 -12.48 18.04
CA PHE D 314 -21.20 -11.05 17.96
C PHE D 314 -22.70 -10.79 17.78
N LEU D 315 -23.46 -11.86 17.56
CA LEU D 315 -24.90 -11.76 17.38
C LEU D 315 -25.65 -12.18 18.63
N SER D 316 -25.85 -11.23 19.53
CA SER D 316 -26.59 -11.45 20.76
C SER D 316 -28.03 -11.75 20.35
N ASN D 317 -28.77 -12.44 21.21
CA ASN D 317 -30.15 -12.79 20.89
C ASN D 317 -30.13 -13.65 19.63
N GLY D 318 -29.04 -14.39 19.41
CA GLY D 318 -28.95 -15.21 18.22
C GLY D 318 -29.52 -14.53 16.99
N HIS D 319 -30.24 -15.28 16.16
CA HIS D 319 -30.85 -14.72 14.96
C HIS D 319 -32.27 -14.27 15.22
N VAL D 320 -32.47 -12.95 15.29
CA VAL D 320 -33.79 -12.38 15.50
C VAL D 320 -34.30 -11.97 14.13
N PRO D 321 -35.60 -12.13 13.90
CA PRO D 321 -36.22 -11.78 12.63
C PRO D 321 -36.87 -10.40 12.65
N ILE D 322 -37.03 -9.83 11.45
CA ILE D 322 -37.63 -8.53 11.28
C ILE D 322 -38.98 -8.63 10.57
N PRO D 323 -40.04 -8.12 11.21
CA PRO D 323 -41.39 -8.15 10.64
C PRO D 323 -41.52 -7.53 9.26
N ALA D 324 -42.25 -8.21 8.39
CA ALA D 324 -42.52 -7.75 7.02
C ALA D 324 -41.28 -7.64 6.13
N GLN D 325 -40.13 -8.00 6.67
CA GLN D 325 -38.90 -7.92 5.91
C GLN D 325 -38.22 -9.28 5.83
N GLN D 326 -37.80 -9.66 4.62
CA GLN D 326 -37.13 -10.94 4.41
C GLN D 326 -35.66 -10.71 4.08
N ASP D 327 -34.81 -10.95 5.07
CA ASP D 327 -33.37 -10.78 4.91
C ASP D 327 -32.87 -11.56 3.70
N ASP D 328 -33.44 -12.73 3.49
CA ASP D 328 -33.09 -13.59 2.37
C ASP D 328 -32.95 -12.79 1.09
N GLU D 329 -34.05 -12.14 0.70
CA GLU D 329 -34.09 -11.31 -0.50
C GLU D 329 -33.33 -10.02 -0.28
N MET D 330 -33.55 -9.44 0.89
CA MET D 330 -32.90 -8.20 1.29
C MET D 330 -31.51 -8.14 0.72
N PHE D 331 -30.83 -9.29 0.77
CA PHE D 331 -29.48 -9.39 0.25
C PHE D 331 -29.43 -8.87 -1.18
N GLN D 332 -30.05 -9.61 -2.09
CA GLN D 332 -30.06 -9.23 -3.50
C GLN D 332 -30.38 -7.76 -3.70
N GLU D 333 -31.46 -7.31 -3.05
CA GLU D 333 -31.88 -5.92 -3.17
C GLU D 333 -30.66 -5.01 -3.02
N THR D 334 -29.94 -5.18 -1.92
CA THR D 334 -28.76 -4.39 -1.65
C THR D 334 -27.64 -4.80 -2.59
N LEU D 335 -27.56 -6.08 -2.89
CA LEU D 335 -26.53 -6.54 -3.80
C LEU D 335 -26.79 -5.78 -5.09
N GLU D 336 -28.05 -5.86 -5.52
CA GLU D 336 -28.51 -5.19 -6.73
C GLU D 336 -28.15 -3.71 -6.68
N ALA D 337 -28.40 -3.10 -5.52
CA ALA D 337 -28.11 -1.69 -5.35
C ALA D 337 -26.64 -1.45 -5.63
N MET D 338 -25.80 -2.08 -4.82
CA MET D 338 -24.35 -1.92 -4.95
C MET D 338 -23.90 -1.85 -6.40
N THR D 339 -24.46 -2.71 -7.24
CA THR D 339 -24.10 -2.73 -8.66
C THR D 339 -24.57 -1.45 -9.34
N ILE D 340 -25.84 -1.11 -9.12
CA ILE D 340 -26.42 0.10 -9.69
C ILE D 340 -25.48 1.24 -9.36
N MET D 341 -25.10 1.29 -8.08
CA MET D 341 -24.21 2.32 -7.58
C MET D 341 -22.89 2.31 -8.36
N GLY D 342 -22.21 1.17 -8.40
CA GLY D 342 -20.95 1.09 -9.13
C GLY D 342 -19.90 0.10 -8.65
N PHE D 343 -20.08 -0.44 -7.45
CA PHE D 343 -19.13 -1.40 -6.88
C PHE D 343 -18.85 -2.59 -7.78
N THR D 344 -17.64 -2.64 -8.34
CA THR D 344 -17.21 -3.72 -9.22
C THR D 344 -17.67 -5.09 -8.74
N GLU D 345 -17.98 -5.95 -9.70
CA GLU D 345 -18.43 -7.30 -9.41
C GLU D 345 -17.73 -7.87 -8.17
N GLU D 346 -16.41 -7.93 -8.23
CA GLU D 346 -15.62 -8.46 -7.12
C GLU D 346 -15.51 -7.41 -6.03
N GLU D 347 -15.45 -6.15 -6.45
CA GLU D 347 -15.33 -5.04 -5.52
C GLU D 347 -16.33 -5.22 -4.39
N GLN D 348 -17.26 -6.14 -4.59
CA GLN D 348 -18.27 -6.37 -3.59
C GLN D 348 -17.92 -7.60 -2.78
N THR D 349 -17.72 -8.71 -3.47
CA THR D 349 -17.35 -9.97 -2.82
C THR D 349 -16.44 -9.65 -1.65
N SER D 350 -15.53 -8.72 -1.91
CA SER D 350 -14.58 -8.27 -0.90
C SER D 350 -15.32 -7.66 0.28
N ILE D 351 -16.03 -6.56 0.03
CA ILE D 351 -16.77 -5.88 1.09
C ILE D 351 -17.59 -6.87 1.90
N LEU D 352 -17.71 -8.10 1.41
CA LEU D 352 -18.46 -9.10 2.13
C LEU D 352 -17.57 -9.93 3.05
N ARG D 353 -16.43 -10.40 2.53
CA ARG D 353 -15.52 -11.18 3.36
C ARG D 353 -15.17 -10.35 4.59
N VAL D 354 -14.81 -9.09 4.36
CA VAL D 354 -14.47 -8.17 5.43
C VAL D 354 -15.58 -8.13 6.48
N VAL D 355 -16.76 -8.61 6.11
CA VAL D 355 -17.87 -8.63 7.04
C VAL D 355 -17.73 -9.88 7.88
N SER D 356 -17.66 -11.01 7.19
CA SER D 356 -17.52 -12.29 7.88
C SER D 356 -16.36 -12.15 8.84
N SER D 357 -15.29 -11.54 8.35
CA SER D 357 -14.11 -11.32 9.14
C SER D 357 -14.53 -10.65 10.44
N VAL D 358 -15.17 -9.49 10.32
CA VAL D 358 -15.63 -8.75 11.48
C VAL D 358 -16.54 -9.58 12.41
N LEU D 359 -16.86 -10.79 11.99
CA LEU D 359 -17.71 -11.64 12.80
C LEU D 359 -16.90 -12.79 13.41
N GLN D 360 -16.02 -13.39 12.60
CA GLN D 360 -15.18 -14.52 13.04
C GLN D 360 -14.33 -14.08 14.22
N LEU D 361 -13.71 -12.92 14.04
CA LEU D 361 -12.88 -12.31 15.04
C LEU D 361 -13.58 -12.29 16.38
N GLY D 362 -14.82 -12.76 16.37
CA GLY D 362 -15.61 -12.78 17.59
C GLY D 362 -15.53 -14.14 18.24
N ASN D 363 -15.24 -15.15 17.44
CA ASN D 363 -15.12 -16.51 17.95
C ASN D 363 -13.83 -16.63 18.77
N ILE D 364 -12.78 -15.99 18.27
CA ILE D 364 -11.47 -16.00 18.92
C ILE D 364 -11.60 -15.94 20.44
N VAL D 365 -10.99 -16.92 21.11
CA VAL D 365 -11.05 -17.01 22.56
C VAL D 365 -9.75 -16.80 23.32
N PHE D 366 -9.88 -16.45 24.58
CA PHE D 366 -8.73 -16.22 25.44
C PHE D 366 -9.08 -16.61 26.87
N LYS D 367 -8.81 -17.87 27.21
CA LYS D 367 -9.09 -18.38 28.55
C LYS D 367 -7.93 -18.13 29.49
N LYS D 368 -8.26 -17.59 30.65
CA LYS D 368 -7.28 -17.26 31.67
C LYS D 368 -6.28 -18.39 31.86
N GLU D 369 -5.13 -18.05 32.43
CA GLU D 369 -4.09 -19.03 32.69
C GLU D 369 -3.58 -18.86 34.13
N ARG D 370 -4.11 -19.68 35.04
CA ARG D 370 -3.75 -19.61 36.45
C ARG D 370 -2.27 -19.93 36.71
N ASN D 371 -1.54 -20.25 35.66
CA ASN D 371 -0.12 -20.57 35.77
C ASN D 371 0.67 -19.29 35.58
N THR D 372 0.48 -18.66 34.42
CA THR D 372 1.16 -17.41 34.06
C THR D 372 0.22 -16.23 34.27
N ASP D 373 -1.09 -16.48 34.08
CA ASP D 373 -2.13 -15.48 34.24
C ASP D 373 -2.28 -14.57 33.03
N GLN D 374 -1.94 -15.13 31.87
CA GLN D 374 -2.03 -14.43 30.60
C GLN D 374 -2.71 -15.37 29.62
N ALA D 375 -4.03 -15.35 29.64
CA ALA D 375 -4.84 -16.20 28.77
C ALA D 375 -4.17 -16.41 27.42
N SER D 376 -4.44 -17.57 26.81
CA SER D 376 -3.84 -17.85 25.53
C SER D 376 -4.81 -18.20 24.43
N MET D 377 -4.23 -18.70 23.35
CA MET D 377 -4.94 -19.11 22.14
C MET D 377 -5.00 -20.64 22.13
N PRO D 378 -5.83 -21.22 23.01
CA PRO D 378 -5.96 -22.67 23.06
C PRO D 378 -6.46 -23.27 21.73
N ASP D 379 -7.01 -22.42 20.85
CA ASP D 379 -7.52 -22.87 19.55
C ASP D 379 -7.12 -22.00 18.37
N ASN D 380 -6.58 -22.64 17.32
CA ASN D 380 -6.09 -21.97 16.14
C ASN D 380 -7.23 -21.61 15.22
N THR D 381 -8.04 -22.59 14.79
CA THR D 381 -9.15 -22.38 13.86
C THR D 381 -9.67 -20.95 13.83
N ALA D 382 -10.09 -20.46 14.99
CA ALA D 382 -10.62 -19.10 15.11
C ALA D 382 -9.80 -18.11 14.30
N ALA D 383 -8.80 -17.52 14.95
CA ALA D 383 -7.91 -16.54 14.31
C ALA D 383 -7.28 -17.15 13.07
N GLN D 384 -7.22 -18.47 13.06
CA GLN D 384 -6.66 -19.18 11.93
C GLN D 384 -7.40 -18.64 10.71
N LYS D 385 -8.72 -18.75 10.76
CA LYS D 385 -9.57 -18.28 9.68
C LYS D 385 -9.41 -16.77 9.53
N VAL D 386 -9.85 -16.05 10.56
CA VAL D 386 -9.79 -14.60 10.59
C VAL D 386 -8.58 -14.00 9.86
N CYS D 387 -7.38 -14.47 10.22
CA CYS D 387 -6.16 -13.96 9.61
C CYS D 387 -6.06 -14.21 8.13
N HIS D 388 -6.88 -15.14 7.63
CA HIS D 388 -6.89 -15.49 6.21
C HIS D 388 -7.66 -14.41 5.47
N LEU D 389 -8.81 -14.07 6.02
CA LEU D 389 -9.65 -13.05 5.42
C LEU D 389 -8.96 -11.69 5.44
N MET D 390 -8.06 -11.50 6.42
CA MET D 390 -7.36 -10.23 6.52
C MET D 390 -6.16 -10.13 5.60
N GLY D 391 -5.79 -11.22 4.96
CA GLY D 391 -4.64 -11.18 4.08
C GLY D 391 -3.37 -10.98 4.89
N ILE D 392 -3.44 -11.27 6.19
CA ILE D 392 -2.31 -11.14 7.12
C ILE D 392 -1.80 -12.52 7.53
N ASN D 393 -1.16 -12.59 8.69
CA ASN D 393 -0.62 -13.85 9.23
C ASN D 393 -0.95 -14.18 10.68
N VAL D 394 -1.12 -15.48 10.90
CA VAL D 394 -1.45 -16.05 12.20
C VAL D 394 -0.46 -15.65 13.27
N THR D 395 0.54 -16.51 13.43
CA THR D 395 1.62 -16.35 14.41
C THR D 395 1.82 -14.89 14.78
N ASP D 396 2.08 -14.06 13.77
CA ASP D 396 2.28 -12.65 14.01
C ASP D 396 1.06 -12.15 14.74
N PHE D 397 -0.08 -12.16 14.05
CA PHE D 397 -1.34 -11.72 14.63
C PHE D 397 -1.39 -12.17 16.10
N THR D 398 -1.33 -13.49 16.30
CA THR D 398 -1.40 -14.07 17.63
C THR D 398 -0.54 -13.34 18.66
N ARG D 399 0.77 -13.34 18.44
CA ARG D 399 1.69 -12.66 19.35
C ARG D 399 1.12 -11.27 19.58
N SER D 400 1.09 -10.47 18.52
CA SER D 400 0.58 -9.10 18.58
C SER D 400 -0.70 -9.02 19.39
N ILE D 401 -1.58 -9.99 19.16
CA ILE D 401 -2.87 -10.02 19.83
C ILE D 401 -2.75 -10.42 21.30
N LEU D 402 -1.75 -11.22 21.63
CA LEU D 402 -1.56 -11.68 23.00
C LEU D 402 -0.44 -10.91 23.74
N THR D 403 0.72 -10.87 23.09
CA THR D 403 1.93 -10.20 23.60
C THR D 403 2.25 -8.96 22.77
N PRO D 404 1.79 -7.80 23.23
CA PRO D 404 2.05 -6.56 22.51
C PRO D 404 3.50 -6.15 22.50
N ARG D 405 4.17 -6.40 21.38
CA ARG D 405 5.59 -6.04 21.21
C ARG D 405 5.65 -4.53 21.04
N ILE D 406 4.87 -3.83 21.86
CA ILE D 406 4.76 -2.38 21.84
C ILE D 406 6.06 -1.62 21.97
N LYS D 407 5.95 -0.29 21.99
CA LYS D 407 7.10 0.57 22.14
C LYS D 407 6.72 1.90 22.78
N VAL D 408 6.52 1.88 24.10
CA VAL D 408 6.15 3.10 24.81
C VAL D 408 7.31 4.07 24.83
N GLY D 409 6.99 5.37 24.83
CA GLY D 409 8.01 6.43 24.86
C GLY D 409 9.35 6.05 24.24
N ARG D 410 10.42 6.23 25.02
CA ARG D 410 11.78 5.91 24.59
C ARG D 410 12.16 4.47 24.94
N ASP D 411 11.17 3.58 24.87
CA ASP D 411 11.36 2.18 25.20
C ASP D 411 10.50 1.22 24.37
N VAL D 412 11.09 0.07 24.04
CA VAL D 412 10.41 -0.99 23.30
C VAL D 412 9.76 -1.91 24.34
N VAL D 413 8.95 -1.28 25.18
CA VAL D 413 8.26 -1.99 26.24
C VAL D 413 7.53 -3.23 25.74
N GLN D 414 8.21 -4.36 25.67
CA GLN D 414 7.53 -5.57 25.21
C GLN D 414 6.79 -6.15 26.41
N LYS D 415 5.49 -6.35 26.25
CA LYS D 415 4.67 -6.87 27.35
C LYS D 415 3.56 -7.79 26.82
N ALA D 416 2.86 -8.40 27.78
CA ALA D 416 1.75 -9.32 27.51
C ALA D 416 0.54 -8.96 28.38
N GLN D 417 -0.57 -8.79 27.70
CA GLN D 417 -1.85 -8.41 28.33
C GLN D 417 -2.50 -9.64 29.03
N THR D 418 -3.61 -9.36 29.70
CA THR D 418 -4.41 -10.37 30.43
C THR D 418 -5.65 -10.75 29.64
N LYS D 419 -6.00 -12.02 29.75
CA LYS D 419 -7.17 -12.57 29.05
C LYS D 419 -8.06 -11.44 28.52
N GLU D 420 -8.55 -10.64 29.47
CA GLU D 420 -9.44 -9.50 29.17
C GLU D 420 -8.86 -8.65 28.04
N GLN D 421 -7.76 -7.99 28.36
CA GLN D 421 -7.06 -7.11 27.42
C GLN D 421 -6.91 -7.81 26.07
N ALA D 422 -6.73 -9.11 26.16
CA ALA D 422 -6.56 -9.98 24.99
C ALA D 422 -7.77 -9.88 24.08
N ASP D 423 -8.89 -9.53 24.68
CA ASP D 423 -10.16 -9.41 23.97
C ASP D 423 -10.52 -7.97 23.71
N PHE D 424 -10.45 -7.12 24.75
CA PHE D 424 -10.76 -5.70 24.61
C PHE D 424 -10.10 -5.18 23.35
N ALA D 425 -9.09 -5.90 22.89
CA ALA D 425 -8.38 -5.54 21.69
C ALA D 425 -9.00 -6.26 20.49
N ILE D 426 -8.98 -7.58 20.50
CA ILE D 426 -9.55 -8.36 19.41
C ILE D 426 -10.97 -7.91 19.17
N GLU D 427 -11.56 -7.29 20.19
CA GLU D 427 -12.93 -6.77 20.13
C GLU D 427 -12.92 -5.38 19.50
N ALA D 428 -12.34 -4.44 20.21
CA ALA D 428 -12.26 -3.07 19.73
C ALA D 428 -11.43 -3.00 18.45
N LEU D 429 -11.08 -4.16 17.91
CA LEU D 429 -10.30 -4.20 16.69
C LEU D 429 -11.30 -4.39 15.59
N ALA D 430 -12.02 -5.49 15.68
CA ALA D 430 -13.04 -5.80 14.69
C ALA D 430 -14.00 -4.60 14.65
N LYS D 431 -14.46 -4.23 15.84
CA LYS D 431 -15.37 -3.10 16.02
C LYS D 431 -14.94 -1.85 15.21
N ALA D 432 -13.65 -1.59 15.14
CA ALA D 432 -13.17 -0.44 14.40
C ALA D 432 -12.85 -0.83 12.96
N LYS D 433 -12.62 -2.13 12.75
CA LYS D 433 -12.34 -2.60 11.41
C LYS D 433 -13.62 -2.39 10.63
N PHE D 434 -14.74 -2.41 11.34
CA PHE D 434 -16.05 -2.21 10.74
C PHE D 434 -16.18 -0.78 10.22
N GLU D 435 -16.12 0.16 11.16
CA GLU D 435 -16.22 1.57 10.85
C GLU D 435 -15.33 1.93 9.67
N ARG D 436 -14.21 1.25 9.58
CA ARG D 436 -13.25 1.49 8.49
C ARG D 436 -13.96 1.11 7.20
N LEU D 437 -15.00 0.29 7.32
CA LEU D 437 -15.73 -0.11 6.12
C LEU D 437 -16.77 0.93 5.73
N PHE D 438 -17.65 1.27 6.68
CA PHE D 438 -18.68 2.25 6.42
C PHE D 438 -18.06 3.44 5.75
N ARG D 439 -17.21 4.14 6.49
CA ARG D 439 -16.53 5.32 5.97
C ARG D 439 -15.95 5.10 4.55
N TRP D 440 -15.62 3.85 4.23
CA TRP D 440 -15.05 3.52 2.93
C TRP D 440 -16.11 3.53 1.87
N ILE D 441 -17.16 2.72 2.07
CA ILE D 441 -18.28 2.63 1.14
C ILE D 441 -18.77 4.04 0.86
N LEU D 442 -19.09 4.73 1.93
CA LEU D 442 -19.58 6.09 1.88
C LEU D 442 -18.81 6.99 0.96
N THR D 443 -17.53 6.70 0.75
CA THR D 443 -16.72 7.53 -0.14
C THR D 443 -16.67 6.90 -1.52
N ARG D 444 -17.19 5.67 -1.61
CA ARG D 444 -17.25 4.97 -2.86
C ARG D 444 -18.58 5.43 -3.46
N VAL D 445 -19.60 5.52 -2.60
CA VAL D 445 -20.92 5.99 -3.03
C VAL D 445 -20.73 7.43 -3.46
N ASN D 446 -20.26 8.23 -2.52
CA ASN D 446 -20.03 9.64 -2.72
C ASN D 446 -19.07 9.93 -3.87
N LYS D 447 -18.49 8.88 -4.45
CA LYS D 447 -17.55 9.06 -5.56
C LYS D 447 -18.30 9.16 -6.88
N ALA D 448 -19.51 8.60 -6.91
CA ALA D 448 -20.33 8.62 -8.11
C ALA D 448 -21.32 9.77 -8.02
N LEU D 449 -21.99 9.87 -6.88
CA LEU D 449 -22.96 10.93 -6.71
C LEU D 449 -22.31 12.27 -6.92
N ASP D 450 -21.00 12.27 -7.09
CA ASP D 450 -20.21 13.49 -7.28
C ASP D 450 -19.14 13.16 -8.32
N ALA D 457 -23.75 26.06 -9.11
CA ALA D 457 -24.07 27.19 -8.19
C ALA D 457 -25.05 26.92 -6.99
N SER D 458 -25.87 25.88 -6.97
CA SER D 458 -26.84 25.73 -5.83
C SER D 458 -26.90 24.31 -5.25
N PHE D 459 -27.35 24.25 -3.98
CA PHE D 459 -27.47 22.95 -3.27
C PHE D 459 -28.68 22.88 -2.38
N LEU D 460 -29.29 21.70 -2.30
CA LEU D 460 -30.44 21.54 -1.43
C LEU D 460 -29.95 20.68 -0.27
N GLY D 461 -30.24 21.05 0.95
CA GLY D 461 -29.80 20.24 2.05
C GLY D 461 -30.89 19.47 2.77
N ILE D 462 -30.74 18.15 2.87
CA ILE D 462 -31.69 17.29 3.55
C ILE D 462 -31.04 16.67 4.78
N LEU D 463 -31.51 16.98 5.98
CA LEU D 463 -30.89 16.42 7.19
C LEU D 463 -31.67 15.35 7.98
N ASP D 464 -31.07 14.17 8.02
CA ASP D 464 -31.60 13.02 8.70
C ASP D 464 -30.70 12.70 9.88
N ILE D 465 -30.93 13.34 11.01
CA ILE D 465 -30.12 13.04 12.18
C ILE D 465 -30.79 11.89 12.90
N ALA D 466 -30.10 11.24 13.84
CA ALA D 466 -30.74 10.14 14.57
C ALA D 466 -31.60 10.82 15.65
N GLY D 467 -32.77 10.26 15.86
CA GLY D 467 -33.77 10.85 16.77
C GLY D 467 -33.54 10.47 18.24
N PHE D 468 -33.91 11.44 19.06
CA PHE D 468 -33.86 11.30 20.52
C PHE D 468 -34.23 9.86 20.82
N GLU D 469 -33.29 9.16 21.39
CA GLU D 469 -33.50 7.78 21.75
C GLU D 469 -33.01 7.59 23.16
N ILE D 470 -33.77 6.83 23.90
CA ILE D 470 -33.42 6.66 25.28
C ILE D 470 -33.84 5.30 25.86
N PHE D 471 -32.96 4.30 25.79
CA PHE D 471 -33.31 2.94 26.18
C PHE D 471 -33.07 2.73 27.67
N GLU D 472 -32.41 1.57 27.98
CA GLU D 472 -32.09 1.13 29.34
C GLU D 472 -30.70 1.65 29.70
N ILE D 473 -29.72 1.14 28.98
CA ILE D 473 -28.34 1.54 29.17
C ILE D 473 -28.14 2.83 28.36
N ASN D 474 -28.05 3.96 29.04
CA ASN D 474 -27.87 5.21 28.32
C ASN D 474 -26.41 5.57 28.15
N SER D 475 -25.75 4.81 27.30
CA SER D 475 -24.33 4.97 27.01
C SER D 475 -23.95 6.32 26.45
N PHE D 476 -22.67 6.45 26.10
CA PHE D 476 -22.13 7.68 25.55
C PHE D 476 -22.88 8.08 24.29
N GLU D 477 -22.94 7.16 23.33
CA GLU D 477 -23.63 7.33 22.06
C GLU D 477 -24.94 8.09 22.26
N GLN D 478 -25.81 7.51 23.09
CA GLN D 478 -27.09 8.09 23.42
C GLN D 478 -26.90 9.53 23.93
N LEU D 479 -25.74 9.83 24.48
CA LEU D 479 -25.49 11.17 24.99
C LEU D 479 -25.28 12.20 23.90
N CYS D 480 -24.45 11.87 22.91
CA CYS D 480 -24.19 12.80 21.82
C CYS D 480 -25.43 12.85 20.93
N ILE D 481 -26.09 11.71 20.78
CA ILE D 481 -27.29 11.61 19.97
C ILE D 481 -28.35 12.54 20.53
N ASN D 482 -28.75 12.33 21.78
CA ASN D 482 -29.77 13.19 22.38
C ASN D 482 -29.20 14.60 22.57
N TYR D 483 -27.91 14.76 22.32
CA TYR D 483 -27.25 16.06 22.42
C TYR D 483 -27.64 16.81 21.15
N THR D 484 -27.27 16.25 20.00
CA THR D 484 -27.58 16.83 18.68
C THR D 484 -29.04 17.17 18.61
N ASN D 485 -29.89 16.24 19.01
CA ASN D 485 -31.34 16.42 19.01
C ASN D 485 -31.70 17.70 19.77
N GLU D 486 -31.09 17.89 20.93
CA GLU D 486 -31.33 19.09 21.73
C GLU D 486 -30.75 20.27 20.95
N LYS D 487 -29.64 20.03 20.27
CA LYS D 487 -28.95 21.05 19.49
C LYS D 487 -29.85 21.58 18.40
N LEU D 488 -30.20 20.68 17.50
CA LEU D 488 -31.06 21.00 16.37
C LEU D 488 -32.31 21.76 16.80
N GLN D 489 -33.07 21.21 17.75
CA GLN D 489 -34.29 21.86 18.20
C GLN D 489 -34.04 23.34 18.42
N GLN D 490 -33.02 23.64 19.23
CA GLN D 490 -32.67 25.01 19.53
C GLN D 490 -32.49 25.84 18.26
N LEU D 491 -32.05 25.20 17.18
CA LEU D 491 -31.87 25.91 15.91
C LEU D 491 -33.23 26.45 15.49
N PHE D 492 -34.23 25.57 15.52
CA PHE D 492 -35.59 25.93 15.15
C PHE D 492 -36.08 27.04 16.02
N ASN D 493 -35.73 27.00 17.31
CA ASN D 493 -36.13 28.04 18.26
C ASN D 493 -35.51 29.38 17.87
N HIS D 494 -34.26 29.35 17.47
CA HIS D 494 -33.56 30.57 17.09
C HIS D 494 -34.13 31.21 15.87
N THR D 495 -34.07 30.46 14.78
CA THR D 495 -34.57 30.90 13.50
C THR D 495 -36.08 31.21 13.51
N MET D 496 -36.82 30.62 14.45
CA MET D 496 -38.26 30.79 14.54
C MET D 496 -38.75 31.98 15.35
N PHE D 497 -38.16 32.21 16.50
CA PHE D 497 -38.59 33.32 17.32
C PHE D 497 -37.51 34.40 17.47
N ILE D 498 -36.31 33.99 17.87
CA ILE D 498 -35.20 34.92 18.07
C ILE D 498 -34.88 35.77 16.86
N LEU D 499 -34.32 35.12 15.85
CA LEU D 499 -33.92 35.77 14.62
C LEU D 499 -35.00 36.64 14.02
N GLU D 500 -36.16 36.04 13.78
CA GLU D 500 -37.29 36.74 13.16
C GLU D 500 -37.57 38.07 13.80
N GLN D 501 -37.59 38.13 15.11
CA GLN D 501 -37.87 39.41 15.76
C GLN D 501 -36.75 40.44 15.67
N GLU D 502 -35.51 39.99 15.55
CA GLU D 502 -34.36 40.89 15.43
C GLU D 502 -34.54 41.76 14.18
N GLU D 503 -34.82 41.12 13.04
CA GLU D 503 -35.02 41.81 11.77
C GLU D 503 -36.20 42.81 11.81
N TYR D 504 -37.19 42.51 12.64
CA TYR D 504 -38.32 43.40 12.77
C TYR D 504 -37.74 44.68 13.37
N GLN D 505 -36.84 44.50 14.33
CA GLN D 505 -36.16 45.62 14.98
C GLN D 505 -35.29 46.36 13.96
N ARG D 506 -34.35 45.63 13.38
CA ARG D 506 -33.45 46.18 12.39
C ARG D 506 -34.13 47.12 11.41
N GLU D 507 -35.07 46.60 10.64
CA GLU D 507 -35.78 47.40 9.64
C GLU D 507 -36.55 48.50 10.33
N GLY D 508 -36.73 48.33 11.64
CA GLY D 508 -37.43 49.32 12.45
C GLY D 508 -38.92 49.48 12.19
N ILE D 509 -39.63 48.36 12.17
CA ILE D 509 -41.06 48.37 11.92
C ILE D 509 -41.77 48.50 13.25
N GLU D 510 -43.04 48.93 13.22
CA GLU D 510 -43.83 49.08 14.42
C GLU D 510 -44.03 47.71 15.02
N TRP D 511 -43.14 47.29 15.92
CA TRP D 511 -43.23 45.96 16.52
C TRP D 511 -42.67 45.88 17.92
N ASN D 512 -43.35 45.12 18.76
CA ASN D 512 -42.90 44.91 20.13
C ASN D 512 -42.53 43.43 20.28
N PHE D 513 -41.50 43.17 21.06
CA PHE D 513 -41.01 41.81 21.25
C PHE D 513 -42.01 40.90 21.92
N ILE D 514 -41.79 39.61 21.77
CA ILE D 514 -42.67 38.60 22.34
C ILE D 514 -41.80 37.44 22.80
N ASP D 515 -41.86 37.11 24.09
CA ASP D 515 -41.05 36.02 24.63
C ASP D 515 -41.77 34.69 24.61
N PHE D 516 -41.42 33.86 23.65
CA PHE D 516 -42.03 32.57 23.52
C PHE D 516 -41.47 31.58 24.53
N GLY D 517 -40.49 32.04 25.31
CA GLY D 517 -39.86 31.18 26.30
C GLY D 517 -39.46 29.84 25.72
N LEU D 518 -38.51 29.85 24.80
CA LEU D 518 -38.05 28.61 24.19
C LEU D 518 -36.54 28.63 23.99
N ASP D 519 -35.81 28.18 25.02
CA ASP D 519 -34.35 28.15 24.96
C ASP D 519 -33.78 26.94 25.67
N LEU D 520 -32.77 26.34 25.05
CA LEU D 520 -32.12 25.19 25.63
C LEU D 520 -30.62 25.42 25.66
N GLN D 521 -30.19 26.64 25.38
CA GLN D 521 -28.77 26.97 25.39
C GLN D 521 -28.18 26.30 26.63
N PRO D 522 -28.78 26.59 27.80
CA PRO D 522 -28.32 26.01 29.06
C PRO D 522 -27.96 24.53 28.90
N CYS D 523 -28.97 23.69 28.71
CA CYS D 523 -28.72 22.26 28.56
C CYS D 523 -27.64 21.94 27.55
N ILE D 524 -27.20 22.92 26.75
CA ILE D 524 -26.13 22.64 25.79
C ILE D 524 -24.80 22.94 26.47
N GLU D 525 -24.74 24.05 27.16
CA GLU D 525 -23.51 24.40 27.87
C GLU D 525 -23.11 23.23 28.79
N LEU D 526 -24.09 22.72 29.56
CA LEU D 526 -23.85 21.63 30.51
C LEU D 526 -23.15 20.47 29.84
N ILE D 527 -23.08 20.47 28.51
CA ILE D 527 -22.45 19.37 27.80
C ILE D 527 -21.59 19.81 26.63
N GLU D 528 -21.70 21.08 26.27
CA GLU D 528 -20.98 21.62 25.15
C GLU D 528 -19.80 22.47 25.59
N ARG D 529 -20.09 23.56 26.27
CA ARG D 529 -19.07 24.47 26.77
C ARG D 529 -17.83 23.74 27.31
N PRO D 530 -16.64 24.29 27.04
CA PRO D 530 -15.33 23.77 27.45
C PRO D 530 -14.75 24.46 28.68
N THR D 531 -13.90 25.46 28.44
CA THR D 531 -13.29 26.20 29.53
C THR D 531 -14.45 26.82 30.29
N ASN D 532 -14.13 27.55 31.35
CA ASN D 532 -15.19 28.16 32.14
C ASN D 532 -16.03 26.97 32.57
N PRO D 533 -17.19 27.22 33.21
CA PRO D 533 -17.99 26.06 33.61
C PRO D 533 -17.92 24.97 32.55
N PRO D 534 -17.11 23.92 32.79
CA PRO D 534 -16.97 22.82 31.84
C PRO D 534 -18.26 22.09 31.50
N GLY D 535 -18.24 21.38 30.38
CA GLY D 535 -19.41 20.63 29.95
C GLY D 535 -19.14 19.16 30.17
N VAL D 536 -20.19 18.35 30.24
CA VAL D 536 -20.04 16.93 30.45
C VAL D 536 -18.96 16.36 29.56
N LEU D 537 -18.95 16.77 28.30
CA LEU D 537 -17.95 16.28 27.34
C LEU D 537 -16.55 16.69 27.74
N ALA D 538 -16.43 17.95 28.16
CA ALA D 538 -15.15 18.52 28.58
C ALA D 538 -14.43 17.63 29.59
N LEU D 539 -15.00 17.51 30.77
CA LEU D 539 -14.44 16.69 31.82
C LEU D 539 -14.01 15.34 31.25
N LEU D 540 -14.97 14.51 30.88
CA LEU D 540 -14.66 13.20 30.31
C LEU D 540 -13.53 13.21 29.29
N ASP D 541 -13.12 14.40 28.84
CA ASP D 541 -12.04 14.51 27.84
C ASP D 541 -10.66 14.54 28.48
N GLU D 542 -10.45 15.47 29.40
CA GLU D 542 -9.17 15.58 30.09
C GLU D 542 -9.04 14.46 31.13
N GLU D 543 -10.10 14.27 31.92
CA GLU D 543 -10.17 13.25 32.96
C GLU D 543 -9.93 11.90 32.33
N CYS D 544 -9.89 11.91 31.01
CA CYS D 544 -9.67 10.71 30.21
C CYS D 544 -8.17 10.55 30.01
N TRP D 545 -7.44 11.61 30.32
CA TRP D 545 -6.00 11.59 30.18
C TRP D 545 -5.29 11.76 31.54
N PHE D 546 -5.53 10.82 32.43
CA PHE D 546 -4.95 10.81 33.77
C PHE D 546 -5.17 9.42 34.38
N PRO D 547 -4.07 8.71 34.70
CA PRO D 547 -4.04 7.36 35.26
C PRO D 547 -5.05 7.06 36.38
N LYS D 548 -4.89 7.73 37.52
CA LYS D 548 -5.77 7.51 38.66
C LYS D 548 -7.18 8.07 38.45
N ALA D 549 -7.73 7.78 37.27
CA ALA D 549 -9.07 8.23 36.92
C ALA D 549 -9.88 7.08 36.31
N THR D 550 -11.15 7.03 36.68
CA THR D 550 -12.06 6.02 36.18
C THR D 550 -13.41 6.67 35.95
N ASP D 551 -14.16 6.03 35.03
CA ASP D 551 -15.48 6.49 34.75
C ASP D 551 -16.14 7.07 35.98
N THR D 552 -15.91 6.31 37.07
CA THR D 552 -16.41 6.71 38.37
C THR D 552 -15.76 8.04 38.69
N SER D 553 -14.45 8.00 38.90
CA SER D 553 -13.70 9.20 39.19
C SER D 553 -14.31 10.36 38.39
N PHE D 554 -14.55 10.11 37.11
CA PHE D 554 -15.13 11.09 36.23
C PHE D 554 -16.42 11.64 36.83
N VAL D 555 -17.46 10.81 36.83
CA VAL D 555 -18.76 11.18 37.37
C VAL D 555 -18.68 12.03 38.63
N GLU D 556 -17.90 11.56 39.61
CA GLU D 556 -17.72 12.26 40.87
C GLU D 556 -17.30 13.70 40.60
N LYS D 557 -16.32 13.84 39.71
CA LYS D 557 -15.84 15.15 39.33
C LYS D 557 -17.03 15.80 38.65
N LEU D 558 -17.73 15.04 37.81
CA LEU D 558 -18.87 15.56 37.09
C LEU D 558 -19.79 16.28 38.07
N ILE D 559 -20.10 15.61 39.18
CA ILE D 559 -20.95 16.20 40.19
C ILE D 559 -20.27 17.47 40.69
N GLN D 560 -18.95 17.44 40.76
CA GLN D 560 -18.18 18.59 41.23
C GLN D 560 -18.56 19.85 40.45
N GLU D 561 -18.25 19.87 39.16
CA GLU D 561 -18.54 21.02 38.33
C GLU D 561 -20.02 21.35 38.25
N GLN D 562 -20.74 20.64 37.37
CA GLN D 562 -22.17 20.85 37.19
C GLN D 562 -22.86 20.80 38.53
N GLY D 563 -23.00 19.58 39.07
CA GLY D 563 -23.63 19.41 40.36
C GLY D 563 -25.01 20.04 40.50
N ASN D 564 -25.04 21.35 40.69
CA ASN D 564 -26.30 22.08 40.86
C ASN D 564 -26.81 22.73 39.58
N HIS D 565 -26.33 22.26 38.43
CA HIS D 565 -26.78 22.83 37.15
C HIS D 565 -28.29 22.63 36.98
N ALA D 566 -28.98 23.73 36.73
CA ALA D 566 -30.42 23.69 36.55
C ALA D 566 -30.84 22.54 35.65
N LYS D 567 -29.93 22.11 34.78
CA LYS D 567 -30.22 21.01 33.86
C LYS D 567 -29.55 19.69 34.23
N PHE D 568 -28.92 19.65 35.39
CA PHE D 568 -28.28 18.42 35.85
C PHE D 568 -29.05 17.85 37.03
N GLN D 569 -28.83 16.56 37.25
CA GLN D 569 -29.47 15.83 38.33
C GLN D 569 -28.69 14.52 38.55
N LYS D 570 -28.53 14.14 39.81
CA LYS D 570 -27.81 12.91 40.19
C LYS D 570 -28.75 11.70 40.14
N SER D 571 -28.15 10.56 39.85
CA SER D 571 -28.84 9.27 39.67
C SER D 571 -29.63 8.84 40.92
N LYS D 572 -30.08 7.59 40.85
CA LYS D 572 -30.86 6.96 41.93
C LYS D 572 -29.91 6.23 42.88
N GLN D 573 -29.01 7.00 43.45
CA GLN D 573 -28.00 6.47 44.39
C GLN D 573 -27.41 5.17 43.82
N LEU D 574 -27.02 5.25 42.56
CA LEU D 574 -26.41 4.11 41.87
C LEU D 574 -25.09 4.52 41.23
N LYS D 575 -24.32 5.24 42.02
CA LYS D 575 -22.98 5.66 41.62
C LYS D 575 -22.12 4.41 41.54
N ASP D 576 -22.76 3.30 41.93
CA ASP D 576 -22.14 1.98 41.84
C ASP D 576 -21.92 1.71 40.37
N LYS D 577 -22.96 2.04 39.63
CA LYS D 577 -22.92 2.00 38.18
C LYS D 577 -22.40 3.36 37.74
N THR D 578 -22.59 4.28 38.67
CA THR D 578 -22.21 5.69 38.53
C THR D 578 -22.88 6.25 37.28
N GLU D 579 -24.05 6.80 37.50
CA GLU D 579 -24.88 7.36 36.44
C GLU D 579 -25.31 8.77 36.81
N PHE D 580 -25.64 9.54 35.78
CA PHE D 580 -26.13 10.90 36.00
C PHE D 580 -27.32 11.20 35.10
N CYS D 581 -28.01 12.28 35.40
CA CYS D 581 -29.18 12.69 34.64
C CYS D 581 -29.00 14.12 34.13
N ILE D 582 -29.70 14.43 33.03
CA ILE D 582 -29.67 15.77 32.44
C ILE D 582 -31.05 16.01 31.86
N LEU D 583 -31.59 17.19 32.09
CA LEU D 583 -32.92 17.53 31.58
C LEU D 583 -32.94 18.03 30.13
N HIS D 584 -33.04 17.09 29.19
CA HIS D 584 -33.09 17.45 27.78
C HIS D 584 -34.38 18.20 27.50
N TYR D 585 -34.71 18.38 26.22
CA TYR D 585 -35.94 19.07 25.87
C TYR D 585 -37.01 18.00 25.76
N ALA D 586 -36.60 16.83 25.29
CA ALA D 586 -37.49 15.70 25.12
C ALA D 586 -37.68 14.98 26.44
N GLY D 587 -37.03 15.48 27.50
CA GLY D 587 -37.18 14.85 28.81
C GLY D 587 -35.90 14.39 29.50
N LYS D 588 -36.05 13.87 30.71
CA LYS D 588 -34.93 13.40 31.53
C LYS D 588 -34.38 12.05 31.09
N VAL D 589 -33.08 11.87 31.32
CA VAL D 589 -32.39 10.64 30.95
C VAL D 589 -31.30 10.29 31.94
N THR D 590 -31.19 9.01 32.30
CA THR D 590 -30.16 8.58 33.24
C THR D 590 -29.05 7.85 32.45
N TYR D 591 -27.96 8.56 32.23
CA TYR D 591 -26.84 8.01 31.48
C TYR D 591 -25.91 7.21 32.39
N ASN D 592 -25.28 6.17 31.82
CA ASN D 592 -24.33 5.33 32.55
C ASN D 592 -22.91 5.64 32.10
N ALA D 593 -22.27 6.54 32.84
CA ALA D 593 -20.92 7.01 32.54
C ALA D 593 -19.89 5.92 32.39
N SER D 594 -20.24 4.70 32.76
CA SER D 594 -19.31 3.58 32.65
C SER D 594 -18.62 3.47 31.29
N ALA D 595 -17.39 2.99 31.30
CA ALA D 595 -16.60 2.78 30.10
C ALA D 595 -16.51 4.00 29.16
N TRP D 596 -16.88 5.16 29.66
CA TRP D 596 -16.89 6.37 28.81
C TRP D 596 -15.47 6.84 28.42
N LEU D 597 -14.55 6.77 29.34
CA LEU D 597 -13.16 7.21 29.08
C LEU D 597 -12.52 6.37 27.98
N THR D 598 -12.85 5.08 27.98
CA THR D 598 -12.29 4.14 26.98
C THR D 598 -12.77 4.51 25.59
N LYS D 599 -14.09 4.57 25.44
CA LYS D 599 -14.72 4.91 24.16
C LYS D 599 -14.24 6.28 23.72
N ASN D 600 -14.27 7.23 24.64
CA ASN D 600 -13.85 8.59 24.35
C ASN D 600 -12.40 8.68 23.87
N MET D 601 -11.62 7.60 24.07
CA MET D 601 -10.22 7.56 23.66
C MET D 601 -10.00 6.72 22.41
N ASP D 602 -10.79 5.66 22.29
CA ASP D 602 -10.71 4.77 21.14
C ASP D 602 -9.30 4.28 20.90
N PRO D 603 -8.82 3.41 21.78
CA PRO D 603 -7.47 2.84 21.71
C PRO D 603 -7.50 1.48 21.01
N LEU D 604 -6.30 0.96 20.64
CA LEU D 604 -6.30 -0.36 20.00
C LEU D 604 -4.88 -0.78 19.63
N ASN D 605 -4.69 -2.12 19.69
CA ASN D 605 -3.42 -2.78 19.37
C ASN D 605 -2.85 -2.46 18.00
N ASP D 606 -1.99 -1.46 17.98
CA ASP D 606 -1.32 -1.02 16.77
C ASP D 606 -0.49 -2.17 16.20
N ASN D 607 -0.07 -3.09 17.06
CA ASN D 607 0.74 -4.23 16.64
C ASN D 607 0.06 -4.90 15.44
N VAL D 608 -1.20 -5.27 15.64
CA VAL D 608 -1.97 -5.93 14.61
C VAL D 608 -2.41 -4.86 13.61
N THR D 609 -2.62 -3.64 14.11
CA THR D 609 -3.01 -2.53 13.26
C THR D 609 -2.12 -2.50 12.01
N SER D 610 -0.89 -2.05 12.20
CA SER D 610 0.10 -1.97 11.13
C SER D 610 0.29 -3.32 10.46
N LEU D 611 0.15 -4.38 11.25
CA LEU D 611 0.29 -5.74 10.74
C LEU D 611 -0.52 -5.83 9.44
N LEU D 612 -1.72 -5.25 9.46
CA LEU D 612 -2.59 -5.24 8.31
C LEU D 612 -2.12 -4.18 7.34
N ASN D 613 -1.79 -3.01 7.87
CA ASN D 613 -1.33 -1.88 7.06
C ASN D 613 -0.55 -2.27 5.81
N GLN D 614 0.02 -3.47 5.81
CA GLN D 614 0.79 -3.94 4.68
C GLN D 614 0.37 -5.35 4.28
N SER D 615 -0.77 -5.79 4.78
CA SER D 615 -1.30 -7.12 4.48
C SER D 615 -1.32 -7.38 2.97
N SER D 616 -1.37 -8.66 2.61
CA SER D 616 -1.39 -9.07 1.22
C SER D 616 -2.67 -8.61 0.53
N ASP D 617 -3.78 -8.69 1.26
CA ASP D 617 -5.10 -8.29 0.75
C ASP D 617 -5.24 -6.79 0.54
N LYS D 618 -5.14 -6.36 -0.72
CA LYS D 618 -5.22 -4.94 -1.08
C LYS D 618 -6.40 -4.23 -0.48
N PHE D 619 -7.59 -4.80 -0.63
CA PHE D 619 -8.78 -4.18 -0.10
C PHE D 619 -8.53 -3.84 1.36
N VAL D 620 -8.05 -4.81 2.14
CA VAL D 620 -7.78 -4.55 3.54
C VAL D 620 -6.61 -3.61 3.63
N ALA D 621 -5.81 -3.62 2.56
CA ALA D 621 -4.64 -2.75 2.48
C ALA D 621 -5.06 -1.29 2.50
N ASP D 622 -5.78 -0.91 1.45
CA ASP D 622 -6.25 0.46 1.29
C ASP D 622 -7.19 0.84 2.43
N LEU D 623 -7.93 -0.16 2.93
CA LEU D 623 -8.86 0.06 4.01
C LEU D 623 -8.07 0.67 5.16
N TRP D 624 -7.01 -0.04 5.55
CA TRP D 624 -6.17 0.39 6.63
C TRP D 624 -5.01 1.33 6.22
N LYS D 625 -4.68 1.30 4.95
CA LYS D 625 -3.57 2.09 4.36
C LYS D 625 -3.20 3.36 5.19
N ASP D 626 -4.13 3.85 5.99
CA ASP D 626 -3.90 5.05 6.84
C ASP D 626 -4.12 4.70 8.31
N VAL D 627 -3.01 4.38 8.96
CA VAL D 627 -3.02 3.94 10.37
C VAL D 627 -2.19 4.85 11.27
N ASP D 628 -1.78 5.98 10.75
CA ASP D 628 -0.88 6.88 11.47
C ASP D 628 -1.46 7.43 12.81
N ARG D 629 -2.76 7.30 13.03
CA ARG D 629 -3.37 7.87 14.26
C ARG D 629 -3.59 6.82 15.37
N ILE D 630 -3.42 5.55 15.04
CA ILE D 630 -3.60 4.46 16.01
C ILE D 630 -2.93 4.85 17.34
N VAL D 631 -3.35 4.18 18.41
CA VAL D 631 -2.82 4.43 19.78
C VAL D 631 -1.99 3.24 20.27
N GLY D 632 -0.75 3.51 20.67
CA GLY D 632 0.13 2.47 21.19
C GLY D 632 0.96 3.01 22.33
N LEU D 633 0.31 3.21 23.48
CA LEU D 633 1.01 3.75 24.65
C LEU D 633 0.12 3.70 25.89
N PHE D 655 -4.15 11.26 20.20
CA PHE D 655 -4.12 12.65 19.64
C PHE D 655 -5.38 13.44 20.00
N ARG D 656 -6.37 13.43 19.11
CA ARG D 656 -7.61 14.14 19.37
C ARG D 656 -8.71 13.25 19.93
N THR D 657 -9.50 13.83 20.83
CA THR D 657 -10.57 13.13 21.51
C THR D 657 -11.85 12.95 20.67
N VAL D 658 -12.52 11.81 20.83
CA VAL D 658 -13.76 11.53 20.11
C VAL D 658 -14.74 12.67 20.28
N GLY D 659 -15.13 12.91 21.52
CA GLY D 659 -16.07 13.97 21.80
C GLY D 659 -15.79 15.32 21.16
N GLN D 660 -14.54 15.63 20.86
CA GLN D 660 -14.22 16.90 20.24
C GLN D 660 -14.01 16.69 18.76
N LEU D 661 -13.72 15.45 18.37
CA LEU D 661 -13.53 15.12 16.96
C LEU D 661 -14.92 15.34 16.34
N TYR D 662 -15.92 14.78 17.01
CA TYR D 662 -17.30 14.91 16.59
C TYR D 662 -17.64 16.38 16.75
N LYS D 663 -17.91 16.78 17.99
CA LYS D 663 -18.26 18.15 18.35
C LYS D 663 -17.57 19.24 17.52
N GLU D 664 -16.61 18.86 16.69
CA GLU D 664 -15.89 19.82 15.86
C GLU D 664 -16.53 19.87 14.49
N GLN D 665 -16.83 18.69 13.94
CA GLN D 665 -17.47 18.61 12.64
C GLN D 665 -18.93 19.02 12.74
N LEU D 666 -19.53 18.76 13.90
CA LEU D 666 -20.93 19.10 14.13
C LEU D 666 -21.10 20.59 14.27
N THR D 667 -20.02 21.34 14.15
CA THR D 667 -20.10 22.80 14.24
C THR D 667 -19.92 23.25 12.82
N LYS D 668 -19.35 22.36 12.02
CA LYS D 668 -19.14 22.63 10.63
C LYS D 668 -20.56 22.60 10.12
N LEU D 669 -21.26 21.48 10.36
CA LEU D 669 -22.64 21.32 9.91
C LEU D 669 -23.50 22.47 10.41
N MET D 670 -23.55 22.68 11.72
CA MET D 670 -24.35 23.76 12.28
C MET D 670 -24.04 25.10 11.61
N THR D 671 -22.89 25.18 10.93
CA THR D 671 -22.46 26.41 10.27
C THR D 671 -23.11 26.61 8.90
N THR D 672 -23.09 25.58 8.07
CA THR D 672 -23.70 25.71 6.75
C THR D 672 -25.21 25.86 6.87
N LEU D 673 -25.82 25.12 7.79
CA LEU D 673 -27.26 25.22 7.99
C LEU D 673 -27.65 26.64 8.25
N ARG D 674 -26.83 27.35 9.04
CA ARG D 674 -27.11 28.74 9.38
C ARG D 674 -26.86 29.63 8.19
N ASN D 675 -26.35 29.04 7.12
CA ASN D 675 -26.06 29.78 5.91
C ASN D 675 -26.98 29.39 4.76
N THR D 676 -27.97 28.57 5.06
CA THR D 676 -28.94 28.12 4.07
C THR D 676 -30.32 28.53 4.51
N ASN D 677 -31.34 28.11 3.78
CA ASN D 677 -32.68 28.45 4.21
C ASN D 677 -33.34 27.18 4.70
N PRO D 678 -33.70 27.15 5.99
CA PRO D 678 -34.33 26.00 6.63
C PRO D 678 -35.80 25.81 6.27
N ASN D 679 -36.18 24.54 6.10
CA ASN D 679 -37.55 24.11 5.82
C ASN D 679 -37.73 22.95 6.78
N PHE D 680 -38.47 23.18 7.87
CA PHE D 680 -38.70 22.17 8.90
C PHE D 680 -39.87 21.19 8.68
N VAL D 681 -39.61 19.90 8.79
CA VAL D 681 -40.65 18.90 8.60
C VAL D 681 -40.79 18.10 9.89
N ARG D 682 -41.31 18.74 10.93
CA ARG D 682 -41.49 18.10 12.25
C ARG D 682 -42.22 16.75 12.38
N CYS D 683 -41.53 15.63 12.14
CA CYS D 683 -42.14 14.31 12.29
C CYS D 683 -42.70 14.13 13.70
N ILE D 684 -43.76 13.36 13.83
CA ILE D 684 -44.39 13.11 15.13
C ILE D 684 -44.82 11.67 15.33
N ILE D 685 -44.28 11.04 16.38
CA ILE D 685 -44.62 9.66 16.71
C ILE D 685 -46.02 9.60 17.34
N PRO D 686 -46.90 8.71 16.83
CA PRO D 686 -48.27 8.51 17.27
C PRO D 686 -48.42 7.63 18.50
N ASN D 687 -47.56 6.63 18.58
CA ASN D 687 -47.59 5.68 19.67
C ASN D 687 -46.29 4.90 19.68
N HIS D 688 -46.00 4.31 20.85
CA HIS D 688 -44.80 3.51 21.07
C HIS D 688 -45.09 2.03 20.90
N GLU D 689 -46.35 1.69 20.69
CA GLU D 689 -46.76 0.31 20.50
C GLU D 689 -46.49 -0.11 19.04
N LYS D 690 -45.92 0.77 18.25
CA LYS D 690 -45.64 0.46 16.86
C LYS D 690 -46.95 0.03 16.19
N ARG D 691 -48.05 0.56 16.69
CA ARG D 691 -49.38 0.24 16.19
C ARG D 691 -49.81 1.27 15.20
N ALA D 692 -50.47 0.81 14.15
CA ALA D 692 -50.97 1.70 13.13
C ALA D 692 -52.43 1.97 13.52
N GLY D 693 -52.94 3.16 13.24
CA GLY D 693 -54.32 3.43 13.59
C GLY D 693 -54.48 3.73 15.07
N LYS D 694 -53.43 3.52 15.85
CA LYS D 694 -53.48 3.83 17.27
C LYS D 694 -52.83 5.21 17.48
N LEU D 695 -53.50 6.12 18.17
CA LEU D 695 -52.90 7.43 18.39
C LEU D 695 -53.03 7.94 19.81
N ASP D 696 -51.95 7.86 20.56
CA ASP D 696 -51.90 8.30 21.95
C ASP D 696 -51.98 9.81 22.08
N ALA D 697 -53.06 10.27 22.70
CA ALA D 697 -53.31 11.70 22.88
C ALA D 697 -52.19 12.48 23.51
N HIS D 698 -51.88 12.16 24.76
CA HIS D 698 -50.85 12.92 25.47
C HIS D 698 -49.46 12.76 24.89
N LEU D 699 -49.11 11.55 24.45
CA LEU D 699 -47.78 11.33 23.87
C LEU D 699 -47.60 12.31 22.72
N VAL D 700 -48.67 12.52 21.96
CA VAL D 700 -48.64 13.44 20.85
C VAL D 700 -48.88 14.86 21.34
N LEU D 701 -49.40 14.99 22.56
CA LEU D 701 -49.64 16.31 23.08
C LEU D 701 -48.33 16.89 23.54
N GLU D 702 -47.49 16.07 24.18
CA GLU D 702 -46.18 16.54 24.64
C GLU D 702 -45.27 16.92 23.46
N GLN D 703 -45.16 16.04 22.49
CA GLN D 703 -44.34 16.30 21.33
C GLN D 703 -44.67 17.70 20.84
N LEU D 704 -45.94 17.99 20.62
CA LEU D 704 -46.32 19.31 20.16
C LEU D 704 -45.92 20.39 21.18
N ARG D 705 -45.53 19.94 22.38
CA ARG D 705 -45.12 20.86 23.43
C ARG D 705 -43.62 21.15 23.39
N CYS D 706 -42.81 20.10 23.47
CA CYS D 706 -41.35 20.24 23.46
C CYS D 706 -40.76 20.63 22.09
N ASN D 707 -41.61 20.61 21.06
CA ASN D 707 -41.18 20.94 19.69
C ASN D 707 -41.45 22.39 19.32
N GLY D 708 -42.29 23.05 20.12
CA GLY D 708 -42.60 24.44 19.89
C GLY D 708 -43.61 24.72 18.79
N VAL D 709 -44.49 23.77 18.52
CA VAL D 709 -45.48 23.94 17.45
C VAL D 709 -46.34 25.16 17.62
N LEU D 710 -47.14 25.19 18.67
CA LEU D 710 -48.01 26.33 18.87
C LEU D 710 -47.30 27.67 18.64
N GLU D 711 -46.25 27.93 19.42
CA GLU D 711 -45.49 29.16 19.31
C GLU D 711 -45.08 29.29 17.88
N GLY D 712 -44.58 28.19 17.33
CA GLY D 712 -44.17 28.18 15.95
C GLY D 712 -45.26 28.69 15.03
N ILE D 713 -46.48 28.74 15.54
CA ILE D 713 -47.59 29.21 14.73
C ILE D 713 -48.02 30.63 15.09
N ARG D 714 -47.89 30.98 16.38
CA ARG D 714 -48.30 32.30 16.85
C ARG D 714 -47.66 33.42 16.00
N ILE D 715 -46.35 33.35 15.83
CA ILE D 715 -45.63 34.38 15.06
C ILE D 715 -46.11 34.43 13.59
N CYS D 716 -46.47 33.28 13.04
CA CYS D 716 -46.97 33.23 11.64
C CYS D 716 -48.27 34.04 11.57
N ARG D 717 -49.02 34.03 12.67
CA ARG D 717 -50.25 34.77 12.73
C ARG D 717 -49.92 36.15 13.31
N GLN D 718 -49.11 36.18 14.36
CA GLN D 718 -48.73 37.43 15.00
C GLN D 718 -47.91 38.36 14.13
N GLY D 719 -46.72 37.91 13.72
CA GLY D 719 -45.82 38.74 12.93
C GLY D 719 -46.03 38.74 11.43
N PHE D 720 -45.03 39.17 10.69
CA PHE D 720 -45.10 39.26 9.24
C PHE D 720 -44.01 38.42 8.61
N PRO D 721 -44.20 37.10 8.47
CA PRO D 721 -43.22 36.15 7.91
C PRO D 721 -42.81 36.32 6.47
N ASN D 722 -43.33 37.34 5.82
CA ASN D 722 -42.98 37.61 4.44
C ASN D 722 -42.49 39.03 4.31
N ARG D 723 -41.39 39.20 3.60
CA ARG D 723 -40.82 40.52 3.42
C ARG D 723 -40.25 40.61 2.04
N ILE D 724 -40.24 41.80 1.49
CA ILE D 724 -39.76 42.02 0.14
C ILE D 724 -39.22 43.43 0.07
N VAL D 725 -38.06 43.57 -0.56
CA VAL D 725 -37.41 44.86 -0.71
C VAL D 725 -38.06 45.81 -1.73
N PHE D 726 -38.07 47.08 -1.36
CA PHE D 726 -38.70 48.11 -2.16
C PHE D 726 -38.55 48.05 -3.66
N GLN D 727 -37.50 47.43 -4.16
CA GLN D 727 -37.30 47.41 -5.60
C GLN D 727 -38.02 46.27 -6.28
N GLU D 728 -37.85 45.09 -5.71
CA GLU D 728 -38.49 43.94 -6.29
C GLU D 728 -40.01 44.07 -6.18
N PHE D 729 -40.48 44.83 -5.21
CA PHE D 729 -41.92 45.03 -5.06
C PHE D 729 -42.50 45.97 -6.12
N ARG D 730 -41.88 47.11 -6.34
CA ARG D 730 -42.39 48.04 -7.34
C ARG D 730 -42.08 47.44 -8.71
N GLN D 731 -41.36 46.31 -8.70
CA GLN D 731 -40.96 45.62 -9.92
C GLN D 731 -41.97 44.56 -10.35
N ARG D 732 -42.24 43.61 -9.45
CA ARG D 732 -43.17 42.52 -9.71
C ARG D 732 -44.62 42.96 -9.92
N TYR D 733 -45.13 43.75 -8.97
CA TYR D 733 -46.51 44.23 -8.97
C TYR D 733 -46.78 45.66 -9.40
N GLU D 734 -46.02 46.17 -10.33
CA GLU D 734 -46.33 47.50 -10.86
C GLU D 734 -47.47 47.35 -11.86
N ILE D 735 -47.43 46.23 -12.55
CA ILE D 735 -48.43 45.91 -13.58
C ILE D 735 -49.83 46.01 -13.00
N LEU D 736 -49.90 45.99 -11.69
CA LEU D 736 -51.20 46.07 -11.00
C LEU D 736 -51.65 47.54 -10.93
N ALA D 737 -50.71 48.44 -10.70
CA ALA D 737 -51.02 49.89 -10.64
C ALA D 737 -50.11 50.63 -11.64
N ALA D 738 -50.58 50.68 -12.86
CA ALA D 738 -49.83 51.28 -13.97
C ALA D 738 -49.74 52.81 -13.83
N ASN D 739 -50.66 53.39 -13.07
CA ASN D 739 -50.74 54.86 -12.95
C ASN D 739 -50.60 55.37 -11.51
N ALA D 740 -50.08 54.54 -10.63
CA ALA D 740 -49.87 54.96 -9.23
C ALA D 740 -48.59 55.77 -9.16
N ILE D 741 -47.57 55.31 -9.86
CA ILE D 741 -46.27 55.98 -9.87
C ILE D 741 -46.24 56.87 -11.08
N PRO D 742 -45.93 58.16 -10.91
CA PRO D 742 -45.85 59.14 -12.00
C PRO D 742 -44.75 58.79 -13.02
N LYS D 743 -44.84 59.39 -14.21
CA LYS D 743 -43.88 59.13 -15.29
C LYS D 743 -42.42 59.38 -14.87
N GLY D 744 -42.23 60.35 -14.01
CA GLY D 744 -40.87 60.71 -13.52
C GLY D 744 -40.36 59.65 -12.54
N PHE D 745 -39.12 59.82 -12.13
CA PHE D 745 -38.48 58.90 -11.18
C PHE D 745 -39.06 59.12 -9.78
N MET D 746 -38.53 58.39 -8.83
CA MET D 746 -39.00 58.48 -7.44
C MET D 746 -38.31 57.49 -6.53
N ASP D 747 -38.23 57.90 -5.28
CA ASP D 747 -37.59 57.11 -4.23
C ASP D 747 -38.26 55.75 -4.08
N GLY D 748 -37.46 54.70 -4.24
CA GLY D 748 -37.98 53.35 -4.15
C GLY D 748 -39.09 53.19 -3.13
N LYS D 749 -38.79 53.53 -1.89
CA LYS D 749 -39.79 53.40 -0.85
C LYS D 749 -41.05 54.17 -1.25
N GLN D 750 -41.05 55.46 -1.00
CA GLN D 750 -42.18 56.31 -1.33
C GLN D 750 -42.85 55.92 -2.68
N ALA D 751 -42.04 55.76 -3.72
CA ALA D 751 -42.56 55.40 -5.02
C ALA D 751 -43.37 54.12 -5.01
N CYS D 752 -43.07 53.23 -4.09
CA CYS D 752 -43.82 51.99 -4.03
C CYS D 752 -44.97 52.06 -3.03
N ILE D 753 -44.88 52.99 -2.09
CA ILE D 753 -45.92 53.23 -1.08
C ILE D 753 -47.15 53.79 -1.81
N LEU D 754 -46.90 54.39 -2.95
CA LEU D 754 -47.96 54.94 -3.78
C LEU D 754 -48.83 53.79 -4.25
N MET D 755 -48.19 52.81 -4.88
CA MET D 755 -48.92 51.67 -5.41
C MET D 755 -49.50 50.79 -4.34
N ILE D 756 -49.23 51.09 -3.08
CA ILE D 756 -49.81 50.29 -2.01
C ILE D 756 -51.17 50.92 -1.77
N LYS D 757 -51.25 52.23 -2.00
CA LYS D 757 -52.50 52.96 -1.82
C LYS D 757 -53.36 52.64 -3.03
N ALA D 758 -52.68 52.37 -4.13
CA ALA D 758 -53.33 52.03 -5.37
C ALA D 758 -54.04 50.68 -5.25
N LEU D 759 -53.65 49.86 -4.30
CA LEU D 759 -54.31 48.58 -4.16
C LEU D 759 -55.16 48.66 -2.93
N GLU D 760 -55.14 49.84 -2.29
CA GLU D 760 -55.92 50.05 -1.08
C GLU D 760 -55.72 48.89 -0.10
N LEU D 761 -54.49 48.41 0.00
CA LEU D 761 -54.13 47.31 0.88
C LEU D 761 -54.40 47.70 2.34
N ASP D 762 -54.96 46.80 3.12
CA ASP D 762 -55.22 47.16 4.50
C ASP D 762 -53.96 47.33 5.31
N PRO D 763 -53.88 48.43 6.05
CA PRO D 763 -52.73 48.79 6.90
C PRO D 763 -52.46 47.80 8.02
N ASN D 764 -52.93 46.57 7.87
CA ASN D 764 -52.66 45.59 8.91
C ASN D 764 -52.08 44.35 8.28
N LEU D 765 -52.16 44.30 6.97
CA LEU D 765 -51.61 43.20 6.24
C LEU D 765 -50.13 43.47 6.11
N TYR D 766 -49.78 44.70 5.75
CA TYR D 766 -48.37 45.06 5.59
C TYR D 766 -47.75 45.83 6.71
N ARG D 767 -46.44 46.09 6.58
CA ARG D 767 -45.63 46.83 7.53
C ARG D 767 -44.42 47.36 6.76
N ILE D 768 -44.41 48.65 6.46
CA ILE D 768 -43.30 49.25 5.73
C ILE D 768 -42.09 49.37 6.65
N GLY D 769 -40.92 49.04 6.12
CA GLY D 769 -39.70 49.10 6.91
C GLY D 769 -38.71 50.14 6.42
N GLN D 770 -37.42 49.81 6.46
CA GLN D 770 -36.38 50.74 6.02
C GLN D 770 -36.04 50.52 4.56
N SER D 771 -35.73 49.28 4.21
CA SER D 771 -35.36 48.91 2.84
C SER D 771 -36.36 47.95 2.21
N LYS D 772 -37.09 47.24 3.07
CA LYS D 772 -38.05 46.26 2.61
C LYS D 772 -39.40 46.43 3.29
N ILE D 773 -40.45 45.83 2.71
CA ILE D 773 -41.80 45.85 3.27
C ILE D 773 -42.08 44.50 3.93
N PHE D 774 -42.74 44.49 5.08
CA PHE D 774 -43.05 43.24 5.75
C PHE D 774 -44.53 42.93 5.62
N PHE D 775 -44.88 41.92 4.85
CA PHE D 775 -46.27 41.56 4.66
C PHE D 775 -46.77 40.45 5.57
N ARG D 776 -48.07 40.27 5.58
CA ARG D 776 -48.70 39.24 6.39
C ARG D 776 -48.92 38.01 5.52
N THR D 777 -49.08 36.87 6.17
CA THR D 777 -49.29 35.63 5.44
C THR D 777 -50.39 35.77 4.42
N GLY D 778 -50.15 35.22 3.24
CA GLY D 778 -51.11 35.23 2.16
C GLY D 778 -51.23 36.51 1.36
N VAL D 779 -50.90 37.62 1.99
CA VAL D 779 -51.01 38.90 1.33
C VAL D 779 -50.18 38.94 0.04
N LEU D 780 -49.02 38.34 0.05
CA LEU D 780 -48.21 38.37 -1.16
C LEU D 780 -48.69 37.35 -2.20
N ALA D 781 -49.30 36.27 -1.74
CA ALA D 781 -49.78 35.21 -2.62
C ALA D 781 -50.82 35.74 -3.56
N HIS D 782 -51.78 36.46 -2.98
CA HIS D 782 -52.89 37.05 -3.72
C HIS D 782 -52.37 38.05 -4.71
N LEU D 783 -51.38 38.82 -4.29
CA LEU D 783 -50.77 39.81 -5.15
C LEU D 783 -50.17 39.11 -6.38
N GLU D 784 -49.56 37.95 -6.14
CA GLU D 784 -48.94 37.19 -7.21
C GLU D 784 -50.02 36.68 -8.16
N GLU D 785 -51.06 36.06 -7.61
CA GLU D 785 -52.18 35.53 -8.39
C GLU D 785 -52.62 36.57 -9.41
N GLU D 786 -53.11 37.70 -8.92
CA GLU D 786 -53.56 38.82 -9.74
C GLU D 786 -52.63 39.07 -10.93
N ARG D 787 -51.37 39.33 -10.62
CA ARG D 787 -50.36 39.59 -11.65
C ARG D 787 -50.32 38.50 -12.69
N ASP D 788 -50.45 37.25 -12.25
CA ASP D 788 -50.40 36.10 -13.15
C ASP D 788 -51.65 36.06 -14.03
N LEU D 789 -52.68 36.77 -13.59
CA LEU D 789 -53.94 36.83 -14.31
C LEU D 789 -53.81 37.97 -15.29
N LYS D 790 -53.29 39.08 -14.79
CA LYS D 790 -53.08 40.25 -15.60
C LYS D 790 -52.22 39.93 -16.85
N ILE D 791 -51.52 38.80 -16.83
CA ILE D 791 -50.65 38.44 -17.95
C ILE D 791 -50.95 37.13 -18.64
N THR D 792 -51.92 36.36 -18.13
CA THR D 792 -52.27 35.06 -18.70
C THR D 792 -52.46 35.10 -20.19
N ASP D 793 -53.45 35.85 -20.62
CA ASP D 793 -53.77 36.01 -22.03
C ASP D 793 -52.50 36.16 -22.86
N VAL D 794 -51.74 37.21 -22.57
CA VAL D 794 -50.48 37.47 -23.26
C VAL D 794 -49.65 36.19 -23.35
N ILE D 795 -49.52 35.51 -22.22
CA ILE D 795 -48.76 34.28 -22.18
C ILE D 795 -49.44 33.35 -23.18
N ILE D 796 -50.75 33.26 -23.09
CA ILE D 796 -51.53 32.42 -23.98
C ILE D 796 -51.19 32.81 -25.40
N ALA D 797 -51.23 34.10 -25.67
CA ALA D 797 -50.91 34.64 -26.99
C ALA D 797 -49.54 34.19 -27.44
N PHE D 798 -48.56 34.54 -26.63
CA PHE D 798 -47.18 34.17 -26.92
C PHE D 798 -47.04 32.65 -27.09
N GLN D 799 -47.45 31.89 -26.07
CA GLN D 799 -47.38 30.44 -26.13
C GLN D 799 -47.68 29.91 -27.52
N ALA D 800 -48.71 30.48 -28.14
CA ALA D 800 -49.16 30.09 -29.48
C ALA D 800 -48.05 30.18 -30.51
N GLN D 801 -47.60 31.40 -30.75
CA GLN D 801 -46.54 31.67 -31.70
C GLN D 801 -45.38 30.71 -31.49
N CYS D 802 -45.16 30.31 -30.24
CA CYS D 802 -44.09 29.39 -29.91
C CYS D 802 -44.39 28.03 -30.50
N ARG D 803 -45.62 27.55 -30.31
CA ARG D 803 -46.00 26.26 -30.86
C ARG D 803 -45.89 26.39 -32.38
N GLY D 804 -46.21 27.58 -32.87
CA GLY D 804 -46.11 27.85 -34.29
C GLY D 804 -44.66 27.67 -34.66
N TYR D 805 -43.82 28.65 -34.30
CA TYR D 805 -42.39 28.61 -34.54
C TYR D 805 -41.87 27.18 -34.31
N LEU D 806 -41.94 26.76 -33.04
CA LEU D 806 -41.50 25.44 -32.62
C LEU D 806 -42.00 24.35 -33.56
N ALA D 807 -43.03 24.66 -34.33
CA ALA D 807 -43.59 23.66 -35.24
C ALA D 807 -43.04 23.71 -36.66
N ARG D 808 -43.31 24.82 -37.37
CA ARG D 808 -42.85 24.99 -38.74
C ARG D 808 -41.43 24.50 -38.88
N LYS D 809 -40.65 24.64 -37.82
CA LYS D 809 -39.24 24.24 -37.86
C LYS D 809 -38.98 22.74 -37.75
N ALA D 810 -39.56 22.09 -36.74
CA ALA D 810 -39.36 20.65 -36.56
C ALA D 810 -40.03 19.78 -37.64
N PHE D 811 -40.88 20.39 -38.45
CA PHE D 811 -41.56 19.71 -39.55
C PHE D 811 -40.59 19.85 -40.74
N ALA D 812 -40.17 21.07 -40.98
CA ALA D 812 -39.23 21.38 -42.05
C ALA D 812 -37.91 20.66 -41.75
N LYS D 813 -37.92 19.80 -40.72
CA LYS D 813 -36.75 19.03 -40.35
C LYS D 813 -36.91 17.63 -40.94
N ARG D 814 -38.06 17.01 -40.67
CA ARG D 814 -38.33 15.68 -41.20
C ARG D 814 -38.22 15.74 -42.70
N GLN D 815 -38.26 16.96 -43.21
CA GLN D 815 -38.14 17.22 -44.64
C GLN D 815 -36.71 16.96 -45.14
N GLN D 816 -35.73 17.17 -44.28
CA GLN D 816 -34.33 16.98 -44.66
C GLN D 816 -33.99 15.50 -44.74
N GLN D 817 -34.47 14.72 -43.77
CA GLN D 817 -34.22 13.29 -43.74
C GLN D 817 -34.93 12.66 -44.94
N LEU D 818 -35.91 13.39 -45.47
CA LEU D 818 -36.65 12.95 -46.64
C LEU D 818 -35.78 13.35 -47.83
N GLU D 819 -35.47 14.24 -49.54
CA GLU D 819 -34.75 13.35 -50.40
C GLU D 819 -33.84 12.37 -49.74
N SER D 820 -33.12 12.79 -48.72
CA SER D 820 -32.19 11.90 -48.06
C SER D 820 -32.82 10.61 -47.68
N ILE D 821 -34.14 10.66 -47.52
CA ILE D 821 -34.87 9.46 -47.22
C ILE D 821 -34.88 8.55 -48.43
N PHE D 822 -35.50 9.09 -49.49
CA PHE D 822 -35.66 8.46 -50.79
C PHE D 822 -34.41 7.72 -51.12
N CYS D 823 -33.33 8.46 -51.03
CA CYS D 823 -32.03 7.92 -51.27
C CYS D 823 -31.88 6.71 -50.45
N ILE D 824 -32.18 6.88 -49.20
CA ILE D 824 -32.10 5.73 -48.33
C ILE D 824 -33.13 4.74 -48.77
N GLN D 825 -34.35 5.23 -49.00
CA GLN D 825 -35.48 4.36 -49.39
C GLN D 825 -35.13 3.39 -50.50
N TYR D 826 -35.05 3.93 -51.70
CA TYR D 826 -34.73 3.14 -52.86
C TYR D 826 -33.52 2.26 -52.69
N ASN D 827 -32.44 2.90 -52.23
CA ASN D 827 -31.14 2.28 -52.05
C ASN D 827 -31.08 0.92 -51.42
N VAL D 828 -31.96 0.74 -50.43
CA VAL D 828 -32.08 -0.51 -49.68
C VAL D 828 -32.74 -1.57 -50.53
N ARG D 829 -33.90 -1.16 -51.05
CA ARG D 829 -34.69 -1.98 -51.92
C ARG D 829 -33.85 -2.72 -52.96
N SER D 830 -32.92 -1.97 -53.61
CA SER D 830 -32.01 -2.50 -54.59
C SER D 830 -31.49 -3.80 -54.06
N PHE D 831 -30.66 -3.61 -53.08
CA PHE D 831 -29.96 -4.64 -52.40
C PHE D 831 -30.79 -5.86 -52.09
N MET D 832 -31.97 -5.66 -51.60
CA MET D 832 -32.84 -6.77 -51.29
C MET D 832 -33.16 -7.65 -52.49
N ASN D 833 -33.03 -7.04 -53.63
CA ASN D 833 -33.34 -7.70 -54.86
C ASN D 833 -32.15 -8.34 -55.49
N VAL D 834 -31.11 -7.56 -55.41
CA VAL D 834 -29.86 -7.89 -55.96
C VAL D 834 -29.12 -8.98 -55.26
N MLY D 835 -28.91 -8.81 -53.97
CA MLY D 835 -28.19 -9.74 -53.13
CB MLY D 835 -28.43 -9.45 -51.67
CG MLY D 835 -29.72 -10.12 -51.16
CD MLY D 835 -29.73 -10.21 -49.64
CE MLY D 835 -31.12 -10.47 -49.07
NZ MLY D 835 -31.13 -10.77 -47.62
CH1 MLY D 835 -32.29 -11.64 -47.34
CH2 MLY D 835 -31.19 -9.52 -46.84
C MLY D 835 -28.47 -11.21 -53.44
O MLY D 835 -27.65 -12.07 -53.08
N HIS D 836 -29.60 -11.50 -54.13
CA HIS D 836 -29.91 -12.90 -54.45
C HIS D 836 -29.51 -13.29 -55.88
N TRP D 837 -29.07 -12.30 -56.70
CA TRP D 837 -28.64 -12.38 -58.13
C TRP D 837 -27.19 -12.87 -58.39
N PRO D 838 -27.07 -14.01 -59.07
CA PRO D 838 -25.80 -14.64 -59.42
C PRO D 838 -24.71 -13.67 -59.72
N TRP D 839 -25.02 -12.86 -60.70
CA TRP D 839 -24.14 -11.85 -61.22
C TRP D 839 -23.71 -10.93 -60.14
N MET D 840 -24.61 -10.66 -59.22
CA MET D 840 -24.21 -9.75 -58.19
C MET D 840 -23.35 -10.43 -57.14
N MLY D 841 -23.61 -11.69 -56.82
CA MLY D 841 -22.77 -12.37 -55.91
CB MLY D 841 -23.26 -13.76 -55.60
CG MLY D 841 -24.72 -13.91 -55.67
CD MLY D 841 -25.29 -14.65 -54.46
CE MLY D 841 -26.34 -15.70 -54.89
NZ MLY D 841 -26.71 -16.61 -53.79
CH1 MLY D 841 -28.16 -16.55 -53.50
CH2 MLY D 841 -26.33 -17.98 -54.14
C MLY D 841 -21.41 -12.51 -56.47
O MLY D 841 -20.39 -12.40 -55.78
N LEU D 842 -21.40 -12.77 -57.75
CA LEU D 842 -20.13 -12.92 -58.46
C LEU D 842 -19.27 -11.69 -58.30
N PHE D 843 -19.86 -10.56 -58.68
CA PHE D 843 -19.20 -9.25 -58.56
C PHE D 843 -18.65 -9.07 -57.17
N PHE D 844 -19.43 -9.61 -56.26
CA PHE D 844 -19.12 -9.54 -54.86
C PHE D 844 -17.85 -10.31 -54.52
N MLY D 845 -17.82 -11.62 -54.81
CA MLY D 845 -16.62 -12.33 -54.46
CB MLY D 845 -16.76 -13.81 -54.76
CG MLY D 845 -18.16 -14.33 -54.54
CD MLY D 845 -18.23 -15.65 -53.77
CE MLY D 845 -19.39 -16.52 -54.17
NZ MLY D 845 -19.39 -17.81 -53.47
CH1 MLY D 845 -20.51 -17.85 -52.48
CH2 MLY D 845 -19.50 -18.89 -54.47
C MLY D 845 -15.45 -11.71 -55.20
O MLY D 845 -14.37 -11.53 -54.70
N ILE D 846 -15.75 -11.28 -56.40
CA ILE D 846 -14.72 -10.73 -57.28
C ILE D 846 -14.27 -9.30 -56.98
N MLY D 847 -15.19 -8.46 -56.55
CA MLY D 847 -14.93 -7.06 -56.22
CB MLY D 847 -16.02 -6.50 -55.34
CG MLY D 847 -15.81 -5.02 -54.96
CD MLY D 847 -17.11 -4.26 -54.64
CE MLY D 847 -17.09 -2.80 -55.08
NZ MLY D 847 -18.17 -2.03 -54.46
CH1 MLY D 847 -17.62 -1.37 -53.28
CH2 MLY D 847 -18.77 -1.10 -55.44
C MLY D 847 -13.65 -6.84 -55.46
O MLY D 847 -13.12 -5.76 -55.38
N PRO D 848 -13.14 -7.84 -54.79
CA PRO D 848 -11.94 -7.60 -54.04
C PRO D 848 -10.65 -7.68 -54.81
N LEU D 849 -10.53 -8.75 -55.64
CA LEU D 849 -9.31 -8.94 -56.44
C LEU D 849 -8.92 -7.68 -57.24
N LEU D 850 -9.86 -6.76 -57.32
CA LEU D 850 -9.64 -5.58 -58.08
C LEU D 850 -8.82 -4.59 -57.35
N LYS D 851 -8.50 -3.56 -58.11
CA LYS D 851 -7.71 -2.47 -57.58
C LYS D 851 -8.18 -1.16 -58.22
N VAL D 852 -5.93 -0.79 -57.91
CA VAL D 852 -4.70 -0.45 -57.22
C VAL D 852 -3.65 -0.04 -58.23
N THR D 853 -3.50 -0.82 -59.27
CA THR D 853 -2.51 -0.52 -60.31
C THR D 853 -2.77 0.88 -60.89
N ARG D 854 -4.03 1.11 -61.22
CA ARG D 854 -4.41 2.42 -61.79
C ARG D 854 -4.02 3.55 -60.82
N GLN D 855 -4.38 3.34 -59.57
CA GLN D 855 -4.09 4.34 -58.54
C GLN D 855 -2.61 4.61 -58.47
N GLU D 856 -1.83 3.53 -58.46
CA GLU D 856 -0.37 3.66 -58.38
C GLU D 856 0.13 4.50 -59.55
N GLU D 857 -0.35 4.18 -60.73
CA GLU D 857 0.08 4.92 -61.93
C GLU D 857 -0.23 6.41 -61.76
N GLU D 858 -1.46 6.67 -61.34
CA GLU D 858 -1.90 8.06 -61.13
C GLU D 858 -0.99 8.76 -60.14
N MET D 859 -0.72 8.07 -59.05
CA MET D 859 0.13 8.63 -58.00
C MET D 859 1.49 8.98 -58.58
N GLN D 860 1.72 7.14 -57.46
CA GLN D 860 1.87 6.22 -56.33
C GLN D 860 2.67 4.99 -56.77
N ALA D 861 2.26 4.44 -57.89
CA ALA D 861 2.94 3.23 -58.43
C ALA D 861 4.43 3.54 -58.64
N LYS D 862 4.69 4.66 -59.27
CA LYS D 862 6.05 5.07 -59.56
C LYS D 862 6.84 5.17 -58.27
N ASP D 863 6.26 5.81 -57.29
CA ASP D 863 6.92 5.99 -55.99
C ASP D 863 7.29 4.62 -55.41
N GLU D 864 6.33 3.72 -55.43
CA GLU D 864 6.56 2.37 -54.90
C GLU D 864 7.75 1.71 -55.62
N GLU D 865 7.70 1.81 -56.94
CA GLU D 865 8.76 1.22 -57.76
C GLU D 865 10.11 1.82 -57.38
N LEU D 866 10.14 3.13 -57.26
CA LEU D 866 11.37 3.84 -56.91
C LEU D 866 11.89 3.32 -55.60
N GLN D 867 11.01 3.22 -54.62
CA GLN D 867 11.40 2.75 -53.29
C GLN D 867 12.04 1.35 -53.41
N ARG D 868 11.36 0.50 -54.14
CA ARG D 868 11.88 -0.88 -54.33
C ARG D 868 13.27 -0.85 -54.95
N THR D 869 13.39 -0.04 -55.99
CA THR D 869 14.67 0.09 -56.70
C THR D 869 15.74 0.55 -55.73
N LYS D 870 15.43 1.56 -54.94
CA LYS D 870 16.39 2.09 -53.98
C LYS D 870 16.85 0.98 -53.04
N GLU D 871 15.89 0.25 -52.52
CA GLU D 871 16.21 -0.85 -51.59
C GLU D 871 17.18 -1.85 -52.26
N ARG D 872 16.81 -2.21 -53.48
CA ARG D 872 17.63 -3.16 -54.25
C ARG D 872 19.05 -2.62 -54.41
N GLN D 873 19.13 -1.37 -54.78
CA GLN D 873 20.42 -0.72 -55.00
C GLN D 873 21.24 -0.79 -53.72
N GLN D 874 20.62 -0.44 -52.61
CA GLN D 874 21.31 -0.47 -51.31
C GLN D 874 21.87 -1.88 -51.05
N LYS D 875 21.01 -2.86 -51.25
CA LYS D 875 21.43 -4.25 -51.02
C LYS D 875 22.64 -4.59 -51.91
N ALA D 876 22.52 -4.22 -53.17
CA ALA D 876 23.59 -4.49 -54.14
C ALA D 876 24.88 -3.84 -53.66
N GLU D 877 24.78 -2.60 -53.25
CA GLU D 877 25.96 -1.86 -52.78
C GLU D 877 26.61 -2.61 -51.62
N ALA D 878 25.79 -3.01 -50.67
CA ALA D 878 26.30 -3.74 -49.50
C ALA D 878 27.05 -5.01 -49.96
N GLU D 879 26.40 -5.73 -50.84
CA GLU D 879 26.98 -6.98 -51.37
C GLU D 879 28.33 -6.69 -52.01
N LEU D 880 28.34 -5.65 -52.84
CA LEU D 880 29.56 -5.26 -53.54
C LEU D 880 30.67 -4.98 -52.53
N LYS D 881 30.33 -4.20 -51.53
CA LYS D 881 31.32 -3.85 -50.50
C LYS D 881 31.89 -5.12 -49.86
N GLU D 882 31.00 -6.02 -49.50
CA GLU D 882 31.41 -7.29 -48.87
C GLU D 882 32.37 -8.03 -49.81
N LEU D 883 31.97 -8.12 -51.06
CA LEU D 883 32.77 -8.82 -52.06
C LEU D 883 34.14 -8.20 -52.14
N GLU D 884 34.18 -6.88 -52.22
CA GLU D 884 35.45 -6.16 -52.31
C GLU D 884 36.34 -6.53 -51.13
N GLN D 885 35.76 -6.48 -49.95
CA GLN D 885 36.52 -6.80 -48.73
C GLN D 885 37.11 -8.22 -48.84
N LYS D 886 36.25 -9.14 -49.23
CA LYS D 886 36.66 -10.54 -49.38
C LYS D 886 37.83 -10.64 -50.36
N HIS D 887 37.67 -9.98 -51.49
CA HIS D 887 38.69 -10.00 -52.53
C HIS D 887 40.01 -9.50 -51.97
N THR D 888 39.94 -8.38 -51.27
CA THR D 888 41.16 -7.80 -50.67
C THR D 888 41.83 -8.83 -49.76
N GLN D 889 41.02 -9.43 -48.90
CA GLN D 889 41.56 -10.43 -47.96
C GLN D 889 42.24 -11.57 -48.74
N LEU D 890 41.54 -12.04 -49.76
CA LEU D 890 42.06 -13.13 -50.59
C LEU D 890 43.39 -12.73 -51.18
N CYS D 891 43.45 -11.54 -51.74
CA CYS D 891 44.67 -11.04 -52.36
C CYS D 891 45.81 -11.06 -51.35
N GLU D 892 45.53 -10.54 -50.17
CA GLU D 892 46.55 -10.50 -49.12
C GLU D 892 47.06 -11.92 -48.82
N GLU D 893 46.11 -12.81 -48.66
CA GLU D 893 46.45 -14.22 -48.36
C GLU D 893 47.33 -14.78 -49.47
N LYS D 894 46.93 -14.54 -50.69
CA LYS D 894 47.66 -15.04 -51.85
C LYS D 894 49.09 -14.52 -51.80
N ASN D 895 49.22 -13.23 -51.57
CA ASN D 895 50.56 -12.61 -51.51
C ASN D 895 51.42 -13.32 -50.45
N LEU D 896 50.82 -13.49 -49.28
CA LEU D 896 51.54 -14.16 -48.18
C LEU D 896 51.99 -15.55 -48.61
N LEU D 897 51.06 -16.27 -49.20
CA LEU D 897 51.33 -17.64 -49.66
C LEU D 897 52.50 -17.62 -50.64
N GLN D 898 52.44 -16.71 -51.59
CA GLN D 898 53.48 -16.61 -52.61
C GLN D 898 54.84 -16.39 -51.92
N GLU D 899 54.86 -15.46 -50.99
CA GLU D 899 56.12 -15.16 -50.27
C GLU D 899 56.64 -16.44 -49.60
N LYS D 900 55.74 -17.11 -48.92
CA LYS D 900 56.10 -18.35 -48.21
C LYS D 900 56.68 -19.36 -49.19
N LEU D 901 56.00 -19.52 -50.30
CA LEU D 901 56.42 -20.46 -51.33
C LEU D 901 57.83 -20.12 -51.78
N GLN D 902 58.04 -18.85 -52.07
CA GLN D 902 59.37 -18.41 -52.52
C GLN D 902 60.44 -18.79 -51.50
N ALA D 903 58.51 -21.21 -50.16
CA ALA D 903 57.99 -20.04 -49.42
C ALA D 903 58.00 -20.34 -47.91
N GLU D 904 57.48 -21.50 -47.58
CA GLU D 904 57.40 -21.92 -46.18
C GLU D 904 58.79 -21.93 -45.56
N THR D 905 59.73 -22.51 -46.27
CA THR D 905 61.10 -22.60 -45.79
C THR D 905 61.64 -21.20 -45.51
N GLU D 906 61.43 -20.31 -46.46
CA GLU D 906 61.92 -18.92 -46.30
C GLU D 906 61.31 -18.30 -45.03
N LEU D 907 60.01 -18.48 -44.90
CA LEU D 907 59.29 -17.94 -43.73
C LEU D 907 59.89 -18.49 -42.45
N TYR D 908 60.08 -19.79 -42.44
CA TYR D 908 60.65 -20.47 -41.27
C TYR D 908 61.99 -19.86 -40.92
N ALA D 909 62.83 -19.72 -41.93
CA ALA D 909 64.17 -19.16 -41.71
C ALA D 909 64.05 -17.76 -41.06
N GLU D 910 63.18 -16.95 -41.64
CA GLU D 910 62.98 -15.59 -41.12
C GLU D 910 62.55 -15.66 -39.64
N ALA D 911 61.59 -16.52 -39.38
CA ALA D 911 61.06 -16.68 -38.03
C ALA D 911 62.19 -17.06 -37.09
N GLU D 912 62.99 -18.03 -37.50
CA GLU D 912 64.10 -18.51 -36.68
C GLU D 912 65.03 -17.33 -36.35
N GLU D 913 65.36 -16.57 -37.37
CA GLU D 913 66.26 -15.42 -37.18
C GLU D 913 65.65 -14.46 -36.13
N MET D 914 64.38 -14.17 -36.33
CA MET D 914 63.67 -13.25 -35.42
C MET D 914 63.74 -13.80 -34.00
N ARG D 915 63.45 -15.08 -33.86
CA ARG D 915 63.45 -15.72 -32.56
C ARG D 915 64.82 -15.56 -31.91
N VAL D 916 65.85 -15.84 -32.67
CA VAL D 916 67.22 -15.74 -32.16
C VAL D 916 67.47 -14.31 -31.63
N ARG D 917 67.10 -13.34 -32.46
CA ARG D 917 67.29 -11.93 -32.08
C ARG D 917 66.56 -11.65 -30.76
N LEU D 918 65.32 -12.09 -30.71
CA LEU D 918 64.49 -11.88 -29.53
C LEU D 918 65.17 -12.48 -28.31
N ALA D 919 65.64 -13.70 -28.45
CA ALA D 919 66.30 -14.39 -27.35
C ALA D 919 67.49 -13.57 -26.86
N ALA D 920 68.29 -13.12 -27.81
CA ALA D 920 69.48 -12.31 -27.46
C ALA D 920 69.04 -11.06 -26.66
N LYS D 921 68.04 -10.40 -27.19
CA LYS D 921 67.53 -9.18 -26.53
C LYS D 921 67.07 -9.51 -25.11
N LYS D 922 66.33 -10.58 -24.98
CA LYS D 922 65.82 -11.01 -23.68
C LYS D 922 66.98 -11.22 -22.72
N GLN D 923 67.98 -11.93 -23.19
CA GLN D 923 69.15 -12.22 -22.35
C GLN D 923 69.77 -10.90 -21.86
N GLU D 924 69.96 -10.00 -22.80
CA GLU D 924 70.56 -8.69 -22.47
C GLU D 924 69.71 -7.99 -21.40
N LEU D 925 68.41 -7.99 -21.64
CA LEU D 925 67.48 -7.33 -20.72
C LEU D 925 67.62 -7.95 -19.33
N GLU D 926 67.63 -9.27 -19.29
CA GLU D 926 67.75 -9.98 -18.01
C GLU D 926 69.02 -9.53 -17.29
N GLU D 927 70.11 -9.52 -18.03
CA GLU D 927 71.40 -9.12 -17.42
C GLU D 927 71.28 -7.69 -16.83
N ILE D 928 70.72 -6.81 -17.63
CA ILE D 928 70.55 -5.42 -17.21
C ILE D 928 69.71 -5.37 -15.93
N LEU D 929 68.63 -6.11 -15.93
CA LEU D 929 67.73 -6.14 -14.78
C LEU D 929 68.49 -6.59 -13.55
N HIS D 930 69.25 -7.66 -13.70
CA HIS D 930 70.03 -8.20 -12.58
C HIS D 930 70.96 -7.11 -12.03
N GLU D 931 71.66 -6.46 -12.94
CA GLU D 931 72.59 -5.39 -12.54
C GLU D 931 71.85 -4.31 -11.76
N MET D 932 70.72 -3.90 -12.32
CA MET D 932 69.91 -2.86 -11.70
C MET D 932 69.51 -3.29 -10.30
N GLU D 933 69.04 -4.51 -10.18
CA GLU D 933 68.62 -5.03 -8.88
C GLU D 933 69.77 -4.93 -7.88
N ALA D 934 70.93 -5.39 -8.31
CA ALA D 934 72.11 -5.36 -7.43
C ALA D 934 72.38 -3.92 -6.96
N ARG D 935 72.37 -3.02 -7.94
CA ARG D 935 72.61 -1.60 -7.64
C ARG D 935 71.61 -1.09 -6.62
N ILE D 936 70.35 -1.41 -6.87
CA ILE D 936 69.27 -0.98 -5.98
C ILE D 936 69.53 -1.49 -4.58
N GLU D 937 69.87 -2.76 -4.46
CA GLU D 937 70.14 -3.36 -3.15
C GLU D 937 71.26 -2.57 -2.44
N GLU D 938 72.32 -2.34 -3.18
CA GLU D 938 73.47 -1.60 -2.62
C GLU D 938 73.01 -0.22 -2.12
N GLU D 939 72.26 0.45 -2.96
CA GLU D 939 71.76 1.78 -2.63
C GLU D 939 70.94 1.72 -1.35
N GLU D 940 70.06 0.75 -1.28
CA GLU D 940 69.20 0.59 -0.11
C GLU D 940 70.05 0.43 1.14
N GLU D 941 71.04 -0.44 1.04
CA GLU D 941 71.94 -0.68 2.19
C GLU D 941 72.60 0.64 2.62
N ARG D 942 73.11 1.35 1.64
CA ARG D 942 73.79 2.62 1.90
C ARG D 942 72.83 3.57 2.60
N PHE E 3 -57.34 32.51 -51.05
CA PHE E 3 -56.03 31.86 -51.27
C PHE E 3 -55.81 31.54 -52.74
N SER E 4 -55.01 32.36 -53.41
CA SER E 4 -54.72 32.16 -54.83
C SER E 4 -54.39 30.69 -55.09
N GLU E 5 -54.87 30.18 -56.23
CA GLU E 5 -54.61 28.78 -56.57
C GLU E 5 -53.12 28.52 -56.48
N GLU E 6 -52.32 29.55 -56.78
CA GLU E 6 -50.88 29.44 -56.73
C GLU E 6 -50.46 28.83 -55.39
N GLN E 7 -50.98 29.39 -54.30
CA GLN E 7 -50.65 28.87 -52.98
C GLN E 7 -51.50 27.63 -52.68
N THR E 8 -52.79 27.72 -52.99
CA THR E 8 -53.70 26.60 -52.76
C THR E 8 -53.10 25.35 -53.39
N ALA E 9 -52.47 25.51 -54.55
CA ALA E 9 -51.83 24.41 -55.25
C ALA E 9 -50.71 23.84 -54.40
N GLU E 10 -49.98 24.74 -53.74
CA GLU E 10 -48.88 24.33 -52.88
C GLU E 10 -49.37 23.80 -51.54
N PHE E 11 -50.42 24.42 -51.01
CA PHE E 11 -51.00 23.99 -49.74
C PHE E 11 -51.10 22.48 -49.77
N LYS E 12 -51.61 21.96 -50.88
CA LYS E 12 -51.78 20.53 -51.08
C LYS E 12 -50.44 19.83 -50.86
N GLU E 13 -49.39 20.40 -51.43
CA GLU E 13 -48.04 19.85 -51.30
C GLU E 13 -47.67 19.72 -49.82
N ALA E 14 -48.14 20.66 -49.02
CA ALA E 14 -47.86 20.65 -47.58
C ALA E 14 -48.76 19.63 -46.89
N PHE E 15 -50.06 19.73 -47.15
CA PHE E 15 -51.01 18.80 -46.54
C PHE E 15 -50.59 17.37 -46.83
N GLN E 16 -50.37 17.08 -48.09
CA GLN E 16 -49.96 15.75 -48.54
C GLN E 16 -48.71 15.32 -47.77
N LEU E 17 -47.80 16.25 -47.60
CA LEU E 17 -46.54 16.00 -46.89
C LEU E 17 -46.82 15.84 -45.40
N PHE E 18 -47.89 15.14 -45.06
CA PHE E 18 -48.26 14.96 -43.65
C PHE E 18 -48.93 13.65 -43.27
N ASP E 19 -48.81 12.63 -44.10
CA ASP E 19 -49.46 11.36 -43.79
C ASP E 19 -48.48 10.19 -43.70
N ARG E 20 -48.33 9.63 -42.50
CA ARG E 20 -47.42 8.52 -42.26
C ARG E 20 -47.75 7.29 -43.10
N THR E 21 -49.02 6.92 -43.16
CA THR E 21 -49.45 5.77 -43.95
C THR E 21 -49.73 6.22 -45.38
N GLY E 22 -50.98 6.59 -45.69
CA GLY E 22 -51.26 7.05 -47.05
C GLY E 22 -52.66 7.39 -47.57
N ASP E 23 -53.72 7.13 -46.81
CA ASP E 23 -55.08 7.42 -47.27
C ASP E 23 -55.21 8.84 -47.81
N GLY E 24 -54.40 9.75 -47.27
CA GLY E 24 -54.45 11.13 -47.68
C GLY E 24 -55.30 11.87 -46.66
N LYS E 25 -55.12 11.48 -45.40
CA LYS E 25 -55.87 12.07 -44.31
C LYS E 25 -54.99 12.54 -43.16
N ILE E 26 -55.35 13.71 -42.61
CA ILE E 26 -54.65 14.31 -41.50
C ILE E 26 -55.51 14.14 -40.26
N LEU E 27 -55.04 13.34 -39.31
CA LEU E 27 -55.78 13.11 -38.08
C LEU E 27 -56.22 14.46 -37.51
N TYR E 28 -57.43 14.49 -36.97
CA TYR E 28 -57.97 15.72 -36.40
C TYR E 28 -56.92 16.46 -35.56
N SER E 29 -55.94 15.71 -35.07
CA SER E 29 -54.87 16.28 -34.27
C SER E 29 -53.95 17.16 -35.11
N GLN E 30 -53.30 16.56 -36.10
CA GLN E 30 -52.36 17.24 -36.99
C GLN E 30 -52.80 18.58 -37.54
N CYS E 31 -54.10 18.77 -37.73
CA CYS E 31 -54.60 20.04 -38.26
C CYS E 31 -53.74 21.20 -37.78
N GLY E 32 -53.59 21.30 -36.46
CA GLY E 32 -52.79 22.37 -35.88
C GLY E 32 -51.43 22.60 -36.51
N ASP E 33 -50.58 21.59 -36.47
CA ASP E 33 -49.23 21.69 -37.03
C ASP E 33 -49.22 22.01 -38.52
N VAL E 34 -50.17 21.43 -39.26
CA VAL E 34 -50.25 21.66 -40.70
C VAL E 34 -50.60 23.12 -40.97
N MET E 35 -51.42 23.70 -40.11
CA MET E 35 -51.81 25.09 -40.27
C MET E 35 -50.56 25.91 -39.97
N ARG E 36 -49.87 25.52 -38.90
CA ARG E 36 -48.64 26.18 -38.49
C ARG E 36 -47.60 26.11 -39.59
N ALA E 37 -47.31 24.90 -40.03
CA ALA E 37 -46.33 24.67 -41.10
C ALA E 37 -46.62 25.60 -42.27
N LEU E 38 -47.89 25.88 -42.50
CA LEU E 38 -48.29 26.77 -43.58
C LEU E 38 -48.13 28.21 -43.14
N GLY E 39 -47.34 28.41 -42.10
CA GLY E 39 -47.11 29.75 -41.58
C GLY E 39 -48.24 30.29 -40.75
N GLN E 40 -49.00 29.42 -40.10
CA GLN E 40 -50.12 29.88 -39.28
C GLN E 40 -49.83 29.73 -37.80
N ASN E 41 -50.30 30.69 -37.02
CA ASN E 41 -50.10 30.68 -35.58
C ASN E 41 -51.44 30.63 -34.83
N PRO E 42 -52.33 29.72 -35.24
CA PRO E 42 -53.62 29.64 -34.55
C PRO E 42 -53.44 29.18 -33.12
N THR E 43 -54.11 29.84 -32.18
CA THR E 43 -54.02 29.46 -30.78
C THR E 43 -54.67 28.09 -30.67
N ASN E 44 -54.55 27.45 -29.52
CA ASN E 44 -55.14 26.12 -29.34
C ASN E 44 -56.66 26.10 -29.47
N ALA E 45 -57.30 27.20 -29.12
CA ALA E 45 -58.76 27.29 -29.21
C ALA E 45 -59.22 27.52 -30.64
N GLU E 46 -58.55 28.45 -31.32
CA GLU E 46 -58.89 28.76 -32.71
C GLU E 46 -58.88 27.51 -33.58
N VAL E 47 -58.20 26.48 -33.12
CA VAL E 47 -58.11 25.23 -33.87
C VAL E 47 -59.26 24.28 -33.55
N MET E 48 -59.62 24.20 -32.27
CA MET E 48 -60.71 23.33 -31.84
C MET E 48 -62.04 23.88 -32.32
N LYS E 49 -62.19 25.20 -32.23
CA LYS E 49 -63.41 25.87 -32.66
C LYS E 49 -63.79 25.44 -34.08
N VAL E 50 -62.79 25.30 -34.93
CA VAL E 50 -63.02 24.88 -36.32
C VAL E 50 -62.82 23.38 -36.46
N LEU E 51 -63.06 22.66 -35.37
CA LEU E 51 -62.93 21.21 -35.36
C LEU E 51 -64.16 20.65 -34.69
N GLY E 52 -65.08 21.54 -34.33
CA GLY E 52 -66.30 21.13 -33.67
C GLY E 52 -66.04 20.67 -32.26
N ASN E 53 -64.94 21.13 -31.68
CA ASN E 53 -64.58 20.77 -30.31
C ASN E 53 -64.74 19.27 -30.05
N PRO E 54 -63.90 18.44 -30.69
CA PRO E 54 -63.97 17.00 -30.50
C PRO E 54 -63.49 16.60 -29.12
N LYS E 55 -63.08 15.34 -28.95
CA LYS E 55 -62.58 14.86 -27.68
C LYS E 55 -61.35 13.99 -27.86
N SER E 56 -60.31 14.29 -27.09
CA SER E 56 -59.05 13.56 -27.12
C SER E 56 -59.11 12.25 -27.90
N ASP E 57 -59.92 11.32 -27.41
CA ASP E 57 -60.08 10.02 -28.05
C ASP E 57 -60.36 10.15 -29.55
N GLU E 58 -61.48 10.78 -29.88
CA GLU E 58 -61.86 10.97 -31.27
C GLU E 58 -60.93 11.91 -32.01
N MET E 59 -60.06 12.58 -31.28
CA MET E 59 -59.11 13.51 -31.88
C MET E 59 -57.92 12.74 -32.45
N ASN E 60 -57.87 11.44 -32.16
CA ASN E 60 -56.80 10.58 -32.63
C ASN E 60 -57.36 9.54 -33.60
N LEU E 61 -58.68 9.61 -33.83
CA LEU E 61 -59.35 8.68 -34.75
C LEU E 61 -59.81 9.42 -36.00
N LYS E 62 -60.51 10.54 -35.79
CA LYS E 62 -61.04 11.35 -36.89
C LYS E 62 -59.94 11.76 -37.86
N THR E 63 -60.30 11.88 -39.14
CA THR E 63 -59.34 12.26 -40.18
C THR E 63 -59.77 13.46 -41.01
N LEU E 64 -58.88 13.91 -41.88
CA LEU E 64 -59.16 15.06 -42.73
C LEU E 64 -58.63 14.93 -44.16
N LYS E 65 -59.34 15.54 -45.09
CA LYS E 65 -58.96 15.54 -46.51
C LYS E 65 -58.80 17.00 -46.89
N PHE E 66 -57.76 17.32 -47.67
CA PHE E 66 -57.52 18.70 -48.07
C PHE E 66 -58.76 19.51 -48.37
N GLU E 67 -59.64 19.00 -49.22
CA GLU E 67 -60.85 19.73 -49.58
C GLU E 67 -61.66 20.17 -48.37
N GLN E 68 -61.69 19.36 -47.33
CA GLN E 68 -62.43 19.72 -46.12
C GLN E 68 -61.53 20.49 -45.18
N PHE E 69 -60.22 20.39 -45.41
CA PHE E 69 -59.24 21.09 -44.58
C PHE E 69 -59.07 22.53 -45.05
N LEU E 70 -58.90 22.71 -46.35
CA LEU E 70 -58.72 24.03 -46.93
C LEU E 70 -59.72 25.05 -46.38
N PRO E 71 -61.01 24.70 -46.34
CA PRO E 71 -62.03 25.63 -45.82
C PRO E 71 -61.72 26.15 -44.42
N MET E 72 -60.88 25.41 -43.70
CA MET E 72 -60.49 25.80 -42.35
C MET E 72 -59.24 26.67 -42.40
N MET E 73 -58.27 26.23 -43.21
CA MET E 73 -57.01 26.97 -43.36
C MET E 73 -57.31 28.45 -43.47
N GLN E 74 -58.26 28.80 -44.33
CA GLN E 74 -58.65 30.19 -44.54
C GLN E 74 -59.37 30.76 -43.34
N THR E 75 -60.51 30.17 -42.98
CA THR E 75 -61.29 30.63 -41.83
C THR E 75 -60.36 31.13 -40.74
N ILE E 76 -59.28 30.39 -40.50
CA ILE E 76 -58.30 30.80 -39.51
C ILE E 76 -57.57 31.98 -40.13
N ALA E 77 -56.82 31.71 -41.20
CA ALA E 77 -56.05 32.73 -41.92
C ALA E 77 -56.55 34.16 -41.70
N LYS E 78 -57.86 34.36 -41.78
CA LYS E 78 -58.45 35.68 -41.58
C LYS E 78 -58.93 35.83 -40.13
N ASN E 79 -58.18 36.58 -39.32
CA ASN E 79 -58.55 36.77 -37.92
C ASN E 79 -58.59 38.21 -37.44
N LYS E 80 -59.04 38.39 -36.21
CA LYS E 80 -59.18 39.72 -35.60
C LYS E 80 -57.89 40.33 -35.04
N ASP E 81 -57.06 39.51 -34.41
CA ASP E 81 -55.83 40.03 -33.81
C ASP E 81 -54.53 39.27 -34.11
N GLN E 82 -53.59 39.44 -33.18
CA GLN E 82 -52.27 38.84 -33.21
C GLN E 82 -51.38 39.55 -32.18
N GLY E 83 -50.37 38.84 -31.68
CA GLY E 83 -49.47 39.44 -30.70
C GLY E 83 -48.46 40.31 -31.44
N CYS E 84 -47.50 40.86 -30.71
CA CYS E 84 -46.48 41.74 -31.29
C CYS E 84 -45.49 42.21 -30.23
N PHE E 85 -44.22 42.26 -30.60
CA PHE E 85 -43.14 42.69 -29.71
C PHE E 85 -43.78 43.62 -28.68
N GLU E 86 -44.23 44.73 -29.21
CA GLU E 86 -44.86 45.77 -28.44
C GLU E 86 -45.47 45.31 -27.11
N ASP E 87 -46.37 44.33 -27.16
CA ASP E 87 -47.02 43.83 -25.96
C ASP E 87 -46.37 42.52 -25.54
N TYR E 88 -46.10 41.66 -26.52
CA TYR E 88 -45.50 40.36 -26.25
C TYR E 88 -44.44 40.46 -25.20
N VAL E 89 -43.38 41.19 -25.50
CA VAL E 89 -42.29 41.34 -24.55
C VAL E 89 -42.71 42.07 -23.27
N GLU E 90 -43.61 43.05 -23.43
CA GLU E 90 -44.10 43.82 -22.30
C GLU E 90 -44.54 42.91 -21.16
N GLY E 91 -44.95 41.70 -21.52
CA GLY E 91 -45.40 40.75 -20.52
C GLY E 91 -44.26 40.00 -19.88
N LEU E 92 -43.27 39.61 -20.69
CA LEU E 92 -42.14 38.88 -20.15
C LEU E 92 -41.28 39.78 -19.27
N ARG E 93 -41.15 41.03 -19.67
CA ARG E 93 -40.36 42.03 -18.92
C ARG E 93 -40.82 42.17 -17.47
N VAL E 94 -41.91 41.51 -17.16
CA VAL E 94 -42.49 41.50 -15.82
C VAL E 94 -41.83 40.43 -14.95
N PHE E 95 -40.98 39.62 -15.57
CA PHE E 95 -40.33 38.56 -14.84
C PHE E 95 -38.85 38.87 -14.76
N ASP E 96 -38.49 40.07 -15.21
CA ASP E 96 -37.12 40.55 -15.22
C ASP E 96 -36.68 40.97 -13.81
N LYS E 97 -36.36 39.98 -12.97
CA LYS E 97 -35.96 40.19 -11.58
C LYS E 97 -35.49 41.59 -11.18
N GLU E 98 -34.62 42.20 -11.99
CA GLU E 98 -34.13 43.54 -11.69
C GLU E 98 -33.75 44.39 -12.90
N GLY E 99 -34.75 44.77 -13.69
CA GLY E 99 -34.53 45.60 -14.87
C GLY E 99 -33.28 45.30 -15.67
N ASN E 100 -32.70 44.13 -15.47
CA ASN E 100 -31.50 43.73 -16.19
C ASN E 100 -31.73 43.67 -17.70
N GLY E 101 -32.94 43.30 -18.08
CA GLY E 101 -33.29 43.17 -19.49
C GLY E 101 -33.30 41.71 -19.87
N THR E 102 -32.97 40.86 -18.89
CA THR E 102 -32.92 39.42 -19.07
C THR E 102 -33.66 38.67 -17.96
N VAL E 103 -34.20 37.50 -18.29
CA VAL E 103 -34.89 36.69 -17.30
C VAL E 103 -34.21 35.33 -17.24
N MET E 104 -34.27 34.71 -16.06
CA MET E 104 -33.64 33.40 -15.87
C MET E 104 -34.36 32.31 -16.67
N GLY E 105 -33.59 31.60 -17.49
CA GLY E 105 -34.15 30.55 -18.31
C GLY E 105 -34.92 29.50 -17.53
N ALA E 106 -35.08 29.72 -16.24
CA ALA E 106 -35.79 28.78 -15.41
C ALA E 106 -37.13 29.38 -15.07
N GLU E 107 -37.15 30.68 -14.89
CA GLU E 107 -38.38 31.38 -14.59
C GLU E 107 -39.15 31.44 -15.89
N ILE E 108 -38.47 31.71 -17.00
CA ILE E 108 -39.15 31.77 -18.28
C ILE E 108 -39.67 30.37 -18.52
N ARG E 109 -38.85 29.38 -18.23
CA ARG E 109 -39.25 27.98 -18.45
C ARG E 109 -40.46 27.61 -17.60
N HIS E 110 -40.67 28.31 -16.50
CA HIS E 110 -41.79 28.03 -15.63
C HIS E 110 -43.06 28.57 -16.26
N VAL E 111 -43.20 29.88 -16.16
CA VAL E 111 -44.34 30.60 -16.69
C VAL E 111 -44.91 29.92 -17.92
N LEU E 112 -44.04 29.70 -18.90
CA LEU E 112 -44.46 29.09 -20.15
C LEU E 112 -45.13 27.75 -19.96
N VAL E 113 -44.86 27.10 -18.84
CA VAL E 113 -45.48 25.81 -18.62
C VAL E 113 -46.31 25.79 -17.35
N THR E 114 -47.02 26.88 -17.07
CA THR E 114 -47.86 26.97 -15.88
C THR E 114 -48.93 28.02 -16.01
N LEU E 115 -49.00 28.66 -17.16
CA LEU E 115 -49.99 29.70 -17.41
C LEU E 115 -50.63 29.50 -18.78
N GLY E 116 -51.88 29.92 -18.92
CA GLY E 116 -52.56 29.78 -20.19
C GLY E 116 -52.36 28.44 -20.90
N GLU E 117 -52.22 28.49 -22.23
CA GLU E 117 -52.03 27.29 -23.04
C GLU E 117 -50.75 26.59 -22.64
N LYS E 118 -50.75 26.01 -21.45
CA LYS E 118 -49.58 25.33 -20.91
C LYS E 118 -48.83 24.48 -21.92
N MET E 119 -47.53 24.74 -22.04
CA MET E 119 -46.66 24.00 -22.94
C MET E 119 -46.11 22.78 -22.18
N THR E 120 -45.17 22.06 -22.78
CA THR E 120 -44.57 20.90 -22.13
C THR E 120 -43.12 21.21 -21.75
N GLU E 121 -42.61 20.42 -20.81
CA GLU E 121 -41.24 20.58 -20.33
C GLU E 121 -40.28 20.54 -21.51
N GLU E 122 -40.54 19.64 -22.45
CA GLU E 122 -39.69 19.50 -23.62
C GLU E 122 -39.90 20.68 -24.55
N GLU E 123 -41.15 21.02 -24.80
CA GLU E 123 -41.46 22.13 -25.67
C GLU E 123 -40.58 23.33 -25.32
N VAL E 124 -40.69 23.84 -24.09
CA VAL E 124 -39.90 24.99 -23.65
C VAL E 124 -38.43 24.70 -23.77
N GLU E 125 -38.01 23.50 -23.40
CA GLU E 125 -36.60 23.15 -23.51
C GLU E 125 -36.10 23.48 -24.91
N GLN E 126 -36.69 22.84 -25.91
CA GLN E 126 -36.35 23.04 -27.32
C GLN E 126 -36.39 24.50 -27.75
N LEU E 127 -37.20 25.31 -27.09
CA LEU E 127 -37.34 26.71 -27.44
C LEU E 127 -36.20 27.59 -26.94
N VAL E 128 -36.15 27.82 -25.64
CA VAL E 128 -35.13 28.66 -25.01
C VAL E 128 -33.74 28.09 -25.19
N ALA E 129 -33.65 26.77 -25.12
CA ALA E 129 -32.39 26.07 -25.26
C ALA E 129 -31.43 26.76 -26.22
N GLY E 130 -30.31 27.23 -25.67
CA GLY E 130 -29.31 27.89 -26.49
C GLY E 130 -29.39 29.40 -26.47
N HIS E 131 -30.18 29.95 -25.55
CA HIS E 131 -30.33 31.40 -25.46
C HIS E 131 -30.00 31.82 -24.05
N GLU E 132 -29.73 30.83 -23.21
CA GLU E 132 -29.36 31.08 -21.82
C GLU E 132 -27.87 31.31 -21.88
N ASP E 133 -27.36 32.29 -21.14
CA ASP E 133 -25.93 32.56 -21.15
C ASP E 133 -25.20 31.73 -20.10
N SER E 134 -24.04 32.22 -19.69
CA SER E 134 -23.24 31.51 -18.70
C SER E 134 -24.06 31.36 -17.44
N ASN E 135 -24.81 32.40 -17.11
CA ASN E 135 -25.63 32.41 -15.92
C ASN E 135 -27.04 31.96 -16.25
N GLY E 136 -27.15 31.24 -17.35
CA GLY E 136 -28.44 30.74 -17.77
C GLY E 136 -29.45 31.84 -17.97
N CYS E 137 -28.96 32.99 -18.45
CA CYS E 137 -29.82 34.13 -18.66
C CYS E 137 -30.17 34.38 -20.11
N ILE E 138 -31.46 34.50 -20.34
CA ILE E 138 -32.03 34.71 -21.65
C ILE E 138 -32.44 36.17 -21.79
N ASN E 139 -32.33 36.72 -22.99
CA ASN E 139 -32.77 38.10 -23.22
C ASN E 139 -34.09 38.03 -24.01
N TYR E 140 -35.20 38.23 -23.32
CA TYR E 140 -36.54 38.10 -23.95
C TYR E 140 -36.59 38.88 -25.28
N GLU E 141 -36.37 40.18 -25.19
CA GLU E 141 -36.41 41.05 -26.38
C GLU E 141 -36.05 40.24 -27.63
N GLU E 142 -34.97 39.49 -27.51
CA GLU E 142 -34.44 38.65 -28.59
C GLU E 142 -35.30 37.40 -28.76
N LEU E 143 -35.36 36.56 -27.72
CA LEU E 143 -36.17 35.34 -27.79
C LEU E 143 -37.51 35.66 -28.44
N VAL E 144 -38.06 36.84 -28.10
CA VAL E 144 -39.32 37.29 -28.65
C VAL E 144 -39.18 37.29 -30.16
N ARG E 145 -38.26 38.12 -30.65
CA ARG E 145 -38.02 38.24 -32.07
C ARG E 145 -37.75 36.89 -32.74
N MET E 146 -37.00 36.06 -32.05
CA MET E 146 -36.66 34.74 -32.59
C MET E 146 -37.90 33.96 -33.04
N VAL E 147 -38.79 33.67 -32.11
CA VAL E 147 -39.98 32.93 -32.43
C VAL E 147 -40.76 33.74 -33.42
N LEU E 148 -40.71 35.06 -33.27
CA LEU E 148 -41.48 35.90 -34.15
C LEU E 148 -40.94 35.89 -35.56
N SER E 149 -40.02 36.80 -35.83
CA SER E 149 -39.42 36.90 -37.16
C SER E 149 -39.04 35.52 -37.71
N GLY E 150 -38.89 34.52 -36.84
CA GLY E 150 -38.58 33.19 -37.31
C GLY E 150 -39.86 32.56 -37.86
CA PHE F 19 -23.32 5.29 -63.06
CA ASP F 20 -19.98 6.72 -62.08
CA GLU F 21 -16.79 6.67 -64.02
CA THR F 22 -15.40 4.76 -61.11
CA GLU F 23 -18.32 2.41 -60.74
CA ILE F 24 -17.94 1.67 -64.34
CA GLU F 25 -14.21 1.04 -64.15
CA ASP F 26 -14.80 -1.39 -61.26
CA PHE F 27 -17.06 -3.22 -63.62
CA LYS F 28 -14.71 -3.22 -66.42
CA GLU F 29 -11.94 -4.75 -64.44
CA ALA F 30 -14.45 -7.09 -63.10
CA PHE F 31 -15.49 -7.90 -66.62
CA THR F 32 -11.93 -8.54 -67.44
CA VAL F 33 -11.37 -10.99 -64.58
CA ILE F 34 -14.24 -13.08 -65.79
CA ASP F 35 -13.21 -12.83 -69.41
CA GLN F 36 -10.48 -15.49 -69.17
CA ASN F 37 -9.69 -15.37 -72.85
CA ALA F 38 -9.18 -11.63 -73.51
CA ASP F 39 -11.44 -12.16 -76.56
CA GLY F 40 -13.75 -9.47 -75.33
CA ILE F 41 -16.85 -11.59 -74.80
CA ILE F 42 -18.00 -13.47 -71.69
CA ASP F 43 -19.19 -17.01 -72.18
CA LYS F 44 -19.67 -20.33 -70.38
CA ASP F 45 -16.01 -21.19 -70.64
CA ASP F 46 -14.95 -18.03 -68.85
CA LEU F 47 -17.53 -18.54 -66.15
CA ARG F 48 -16.56 -22.09 -65.37
CA GLU F 49 -13.00 -21.05 -64.99
CA THR F 50 -13.75 -17.87 -63.14
CA PHE F 51 -15.35 -20.12 -60.63
CA ALA F 52 -12.80 -22.87 -60.60
CA ALA F 53 -10.21 -20.22 -59.87
CA MET F 54 -12.26 -19.11 -56.89
CA GLY F 55 -12.59 -22.64 -55.57
CA ARG F 56 -15.98 -23.68 -56.86
CA LEU F 57 -15.66 -26.85 -58.90
CA ASN F 58 -19.14 -28.23 -58.48
CA VAL F 59 -20.53 -26.24 -61.36
CA LYS F 60 -23.60 -27.46 -63.18
CA ASN F 61 -24.37 -26.16 -66.65
CA GLU F 62 -27.91 -25.19 -65.75
CA GLU F 63 -26.27 -22.67 -63.52
CA LEU F 64 -23.80 -21.52 -66.08
CA ASP F 65 -26.70 -21.33 -68.54
CA ALA F 66 -29.04 -19.58 -66.22
CA MET F 67 -26.61 -16.75 -65.84
CA ILE F 68 -26.16 -16.54 -69.54
CA LYS F 69 -29.76 -16.49 -70.41
CA GLU F 70 -30.03 -13.14 -68.64
CA ALA F 71 -29.07 -11.62 -71.92
CA SER F 72 -30.16 -11.97 -75.57
CA GLY F 73 -26.73 -11.31 -77.05
CA PRO F 74 -23.12 -12.34 -76.74
CA ILE F 75 -22.24 -10.78 -73.42
CA ASN F 76 -19.79 -8.09 -74.32
CA PHE F 77 -19.16 -5.08 -72.02
CA THR F 78 -22.13 -3.03 -73.03
CA VAL F 79 -24.56 -5.94 -72.64
CA PHE F 80 -23.03 -6.70 -69.28
CA LEU F 81 -23.00 -3.14 -68.04
CA THR F 82 -26.55 -2.73 -69.28
CA MET F 83 -27.59 -5.98 -67.68
CA PHE F 84 -26.18 -4.87 -64.37
CA GLY F 85 -27.33 -1.31 -64.65
CA GLU F 86 -30.85 -2.49 -65.00
CA LYS F 87 -31.00 -4.49 -61.78
CA LEU F 88 -29.36 -1.77 -59.66
CA LYS F 89 -31.65 0.98 -60.90
CA GLY F 90 -32.18 2.83 -57.60
CA ALA F 91 -28.72 2.08 -56.26
CA ASP F 92 -26.03 4.64 -55.49
CA PRO F 93 -22.36 4.58 -54.53
CA GLU F 94 -21.49 4.14 -50.85
CA ASP F 95 -20.65 7.70 -49.85
CA VAL F 96 -23.74 9.00 -51.53
CA ILE F 97 -25.71 6.69 -49.21
CA MET F 98 -23.89 7.76 -46.08
CA GLY F 99 -25.03 11.34 -46.65
CA ALA F 100 -28.66 10.29 -46.36
CA PHE F 101 -27.75 9.00 -43.02
CA LYS F 102 -25.42 11.84 -42.16
CA VAL F 103 -28.41 14.06 -42.68
CA LEU F 104 -30.46 11.93 -40.32
CA ASP F 105 -27.52 12.04 -37.95
CA PRO F 106 -27.47 15.81 -38.49
CA ASP F 107 -26.01 15.81 -35.03
CA GLY F 108 -22.86 14.10 -36.11
CA LYS F 109 -21.23 10.88 -35.17
CA GLY F 110 -22.82 7.74 -33.82
CA SER F 111 -25.97 6.32 -35.36
CA ILE F 112 -29.73 6.43 -35.37
CA LYS F 113 -32.47 4.57 -33.48
CA LYS F 114 -34.78 1.74 -34.63
CA SER F 115 -38.06 3.59 -34.15
CA PHE F 116 -36.71 6.86 -35.43
CA LEU F 117 -36.27 5.41 -38.90
CA GLU F 118 -39.02 2.86 -38.57
CA GLU F 119 -41.55 5.70 -38.56
CA LEU F 120 -39.74 7.75 -41.14
CA LEU F 121 -39.63 5.05 -43.82
CA THR F 122 -43.32 4.52 -43.18
CA THR F 123 -44.26 8.24 -42.81
CA GLY F 124 -42.89 9.46 -46.04
CA GLY F 125 -41.13 8.37 -49.18
CA GLY F 126 -43.20 5.20 -49.52
CA PHE F 128 -42.48 2.05 -47.48
CA THR F 129 -44.27 -1.11 -46.28
CA PRO F 130 -43.99 -3.20 -43.08
CA GLU F 131 -43.30 -6.51 -44.80
CA GLU F 132 -40.40 -4.43 -46.13
CA ILE F 133 -39.12 -3.19 -42.77
CA LYS F 134 -38.90 -6.37 -40.70
CA ASN F 135 -36.93 -7.84 -43.55
CA MET F 136 -34.66 -4.86 -43.07
CA TRP F 137 -34.10 -5.30 -39.36
CA ALA F 138 -33.58 -8.95 -40.12
CA ALA F 139 -30.98 -8.23 -42.78
CA PHE F 140 -29.88 -5.00 -41.18
CA PRO F 141 -30.02 -5.80 -37.44
CA VAL F 148 -28.55 0.87 -36.08
CA ASP F 149 -24.94 1.38 -37.22
CA TYR F 150 -25.62 2.68 -40.70
CA LYS F 151 -21.94 2.92 -41.53
CA ASN F 152 -22.12 -0.84 -41.63
CA ILE F 153 -25.44 -0.74 -43.43
CA CYS F 154 -23.79 0.98 -46.38
CA TYR F 155 -20.74 -1.22 -46.61
CA VAL F 156 -22.97 -4.19 -47.00
CA ILE F 157 -25.15 -2.77 -49.73
CA THR F 158 -22.06 -1.68 -51.62
CA HIS F 159 -19.73 -4.46 -50.52
CA GLY F 160 -21.86 -7.58 -50.08
CA GLU F 161 -23.70 -9.40 -47.28
CA ASP F 162 -20.93 -10.87 -45.11
CA ALA F 163 -18.98 -7.82 -44.00
#